data_4JKZ
# 
_entry.id   4JKZ 
# 
_audit_conform.dict_name       mmcif_pdbx.dic 
_audit_conform.dict_version    5.387 
_audit_conform.dict_location   http://mmcif.pdb.org/dictionaries/ascii/mmcif_pdbx.dic 
# 
loop_
_database_2.database_id 
_database_2.database_code 
_database_2.pdbx_database_accession 
_database_2.pdbx_DOI 
PDB   4JKZ         pdb_00004jkz 10.2210/pdb4jkz/pdb 
RCSB  RCSB078177   ?            ?                   
WWPDB D_1000078177 ?            ?                   
# 
loop_
_pdbx_audit_revision_history.ordinal 
_pdbx_audit_revision_history.data_content_type 
_pdbx_audit_revision_history.major_revision 
_pdbx_audit_revision_history.minor_revision 
_pdbx_audit_revision_history.revision_date 
1 'Structure model' 1 0 2013-06-26 
2 'Structure model' 1 1 2017-11-15 
3 'Structure model' 1 2 2022-08-24 
4 'Structure model' 1 3 2024-02-28 
# 
_pdbx_audit_revision_details.ordinal             1 
_pdbx_audit_revision_details.revision_ordinal    1 
_pdbx_audit_revision_details.data_content_type   'Structure model' 
_pdbx_audit_revision_details.provider            repository 
_pdbx_audit_revision_details.type                'Initial release' 
_pdbx_audit_revision_details.description         ? 
_pdbx_audit_revision_details.details             ? 
# 
loop_
_pdbx_audit_revision_group.ordinal 
_pdbx_audit_revision_group.revision_ordinal 
_pdbx_audit_revision_group.data_content_type 
_pdbx_audit_revision_group.group 
1 2 'Structure model' 'Refinement description' 
2 3 'Structure model' 'Database references'    
3 4 'Structure model' 'Data collection'        
# 
loop_
_pdbx_audit_revision_category.ordinal 
_pdbx_audit_revision_category.revision_ordinal 
_pdbx_audit_revision_category.data_content_type 
_pdbx_audit_revision_category.category 
1 2 'Structure model' software           
2 3 'Structure model' citation           
3 3 'Structure model' citation_author    
4 3 'Structure model' database_2         
5 3 'Structure model' struct_ref_seq_dif 
6 4 'Structure model' chem_comp_atom     
7 4 'Structure model' chem_comp_bond     
# 
loop_
_pdbx_audit_revision_item.ordinal 
_pdbx_audit_revision_item.revision_ordinal 
_pdbx_audit_revision_item.data_content_type 
_pdbx_audit_revision_item.item 
1  2 'Structure model' '_software.name'                      
2  3 'Structure model' '_citation.journal_volume'            
3  3 'Structure model' '_citation.page_first'                
4  3 'Structure model' '_citation.page_last'                 
5  3 'Structure model' '_citation.pdbx_database_id_DOI'      
6  3 'Structure model' '_citation.pdbx_database_id_PubMed'   
7  3 'Structure model' '_citation.title'                     
8  3 'Structure model' '_database_2.pdbx_DOI'                
9  3 'Structure model' '_database_2.pdbx_database_accession' 
10 3 'Structure model' '_struct_ref_seq_dif.details'         
# 
_pdbx_database_status.status_code                     REL 
_pdbx_database_status.entry_id                        4JKZ 
_pdbx_database_status.recvd_initial_deposition_date   2013-03-12 
_pdbx_database_status.deposit_site                    RCSB 
_pdbx_database_status.process_site                    RCSB 
_pdbx_database_status.status_code_sf                  REL 
_pdbx_database_status.status_code_mr                  ? 
_pdbx_database_status.SG_entry                        ? 
_pdbx_database_status.status_code_cs                  ? 
_pdbx_database_status.methods_development_category    ? 
_pdbx_database_status.pdb_format_compatible           Y 
_pdbx_database_status.status_code_nmr_data            ? 
# 
_pdbx_database_related.db_name        PDB 
_pdbx_database_related.db_id          4JL3 
_pdbx_database_related.details        . 
_pdbx_database_related.content_type   unspecified 
# 
loop_
_audit_author.name 
_audit_author.pdbx_ordinal 
_audit_author.identifier_ORCID 
'Yang, S.F.' 1 ? 
'Gao, Z.Q.'  2 ? 
'He, Z.G.'   3 ? 
'Dong, Y.H.' 4 ? 
# 
_citation.id                        primary 
_citation.title                     
'Structural basis for interaction between Mycobacterium smegmatis Ms6564, a TetR family master regulator, and its target DNA.' 
_citation.journal_abbrev            J.Biol.Chem. 
_citation.journal_volume            288 
_citation.page_first                23687 
_citation.page_last                 23695 
_citation.year                      2013 
_citation.journal_id_ASTM           JBCHA3 
_citation.country                   US 
_citation.journal_id_ISSN           1083-351X 
_citation.journal_id_CSD            0071 
_citation.book_publisher            ? 
_citation.pdbx_database_id_PubMed   23803605 
_citation.pdbx_database_id_DOI      10.1074/jbc.M113.468694 
# 
loop_
_citation_author.citation_id 
_citation_author.name 
_citation_author.ordinal 
_citation_author.identifier_ORCID 
primary 'Yang, S.'  1 ? 
primary 'Gao, Z.'   2 ? 
primary 'Li, T.'    3 ? 
primary 'Yang, M.'  4 ? 
primary 'Zhang, T.' 5 ? 
primary 'Dong, Y.'  6 ? 
primary 'He, Z.G.'  7 ? 
# 
loop_
_entity.id 
_entity.type 
_entity.src_method 
_entity.pdbx_description 
_entity.formula_weight 
_entity.pdbx_number_of_molecules 
_entity.pdbx_ec 
_entity.pdbx_mutation 
_entity.pdbx_fragment 
_entity.details 
1 polymer man 'Transcriptional regulator, TetR family' 21086.029 1   ? ? ? ? 
2 water   nat water                                    18.015    107 ? ? ? ? 
# 
_entity_name_com.entity_id   1 
_entity_name_com.name        'Transcriptional regulator, TetR family protein' 
# 
_entity_poly.entity_id                      1 
_entity_poly.type                           'polypeptide(L)' 
_entity_poly.nstd_linkage                   no 
_entity_poly.nstd_monomer                   no 
_entity_poly.pdbx_seq_one_letter_code       
;HMASMTGGQQMGRRRSEKSRVAIVEATRALLLERGFDGLSIEAVAAKAGVGKQTIYRWWPSRHALVADVLLEDADKILAR
MPKTDDVTADLASWAGTLAAALTTRRGHAMLKTLMAASLEHEDTAARLREGFSRPLIESVRDRLRDEDIDADHAQAAADA
LLGAVVNAVLSEGRSYSRQRAETSARIIVAGLRP
;
_entity_poly.pdbx_seq_one_letter_code_can   
;HMASMTGGQQMGRRRSEKSRVAIVEATRALLLERGFDGLSIEAVAAKAGVGKQTIYRWWPSRHALVADVLLEDADKILAR
MPKTDDVTADLASWAGTLAAALTTRRGHAMLKTLMAASLEHEDTAARLREGFSRPLIESVRDRLRDEDIDADHAQAAADA
LLGAVVNAVLSEGRSYSRQRAETSARIIVAGLRP
;
_entity_poly.pdbx_strand_id                 A 
_entity_poly.pdbx_target_identifier         ? 
# 
_pdbx_entity_nonpoly.entity_id   2 
_pdbx_entity_nonpoly.name        water 
_pdbx_entity_nonpoly.comp_id     HOH 
# 
loop_
_entity_poly_seq.entity_id 
_entity_poly_seq.num 
_entity_poly_seq.mon_id 
_entity_poly_seq.hetero 
1 1   HIS n 
1 2   MET n 
1 3   ALA n 
1 4   SER n 
1 5   MET n 
1 6   THR n 
1 7   GLY n 
1 8   GLY n 
1 9   GLN n 
1 10  GLN n 
1 11  MET n 
1 12  GLY n 
1 13  ARG n 
1 14  ARG n 
1 15  ARG n 
1 16  SER n 
1 17  GLU n 
1 18  LYS n 
1 19  SER n 
1 20  ARG n 
1 21  VAL n 
1 22  ALA n 
1 23  ILE n 
1 24  VAL n 
1 25  GLU n 
1 26  ALA n 
1 27  THR n 
1 28  ARG n 
1 29  ALA n 
1 30  LEU n 
1 31  LEU n 
1 32  LEU n 
1 33  GLU n 
1 34  ARG n 
1 35  GLY n 
1 36  PHE n 
1 37  ASP n 
1 38  GLY n 
1 39  LEU n 
1 40  SER n 
1 41  ILE n 
1 42  GLU n 
1 43  ALA n 
1 44  VAL n 
1 45  ALA n 
1 46  ALA n 
1 47  LYS n 
1 48  ALA n 
1 49  GLY n 
1 50  VAL n 
1 51  GLY n 
1 52  LYS n 
1 53  GLN n 
1 54  THR n 
1 55  ILE n 
1 56  TYR n 
1 57  ARG n 
1 58  TRP n 
1 59  TRP n 
1 60  PRO n 
1 61  SER n 
1 62  ARG n 
1 63  HIS n 
1 64  ALA n 
1 65  LEU n 
1 66  VAL n 
1 67  ALA n 
1 68  ASP n 
1 69  VAL n 
1 70  LEU n 
1 71  LEU n 
1 72  GLU n 
1 73  ASP n 
1 74  ALA n 
1 75  ASP n 
1 76  LYS n 
1 77  ILE n 
1 78  LEU n 
1 79  ALA n 
1 80  ARG n 
1 81  MET n 
1 82  PRO n 
1 83  LYS n 
1 84  THR n 
1 85  ASP n 
1 86  ASP n 
1 87  VAL n 
1 88  THR n 
1 89  ALA n 
1 90  ASP n 
1 91  LEU n 
1 92  ALA n 
1 93  SER n 
1 94  TRP n 
1 95  ALA n 
1 96  GLY n 
1 97  THR n 
1 98  LEU n 
1 99  ALA n 
1 100 ALA n 
1 101 ALA n 
1 102 LEU n 
1 103 THR n 
1 104 THR n 
1 105 ARG n 
1 106 ARG n 
1 107 GLY n 
1 108 HIS n 
1 109 ALA n 
1 110 MET n 
1 111 LEU n 
1 112 LYS n 
1 113 THR n 
1 114 LEU n 
1 115 MET n 
1 116 ALA n 
1 117 ALA n 
1 118 SER n 
1 119 LEU n 
1 120 GLU n 
1 121 HIS n 
1 122 GLU n 
1 123 ASP n 
1 124 THR n 
1 125 ALA n 
1 126 ALA n 
1 127 ARG n 
1 128 LEU n 
1 129 ARG n 
1 130 GLU n 
1 131 GLY n 
1 132 PHE n 
1 133 SER n 
1 134 ARG n 
1 135 PRO n 
1 136 LEU n 
1 137 ILE n 
1 138 GLU n 
1 139 SER n 
1 140 VAL n 
1 141 ARG n 
1 142 ASP n 
1 143 ARG n 
1 144 LEU n 
1 145 ARG n 
1 146 ASP n 
1 147 GLU n 
1 148 ASP n 
1 149 ILE n 
1 150 ASP n 
1 151 ALA n 
1 152 ASP n 
1 153 HIS n 
1 154 ALA n 
1 155 GLN n 
1 156 ALA n 
1 157 ALA n 
1 158 ALA n 
1 159 ASP n 
1 160 ALA n 
1 161 LEU n 
1 162 LEU n 
1 163 GLY n 
1 164 ALA n 
1 165 VAL n 
1 166 VAL n 
1 167 ASN n 
1 168 ALA n 
1 169 VAL n 
1 170 LEU n 
1 171 SER n 
1 172 GLU n 
1 173 GLY n 
1 174 ARG n 
1 175 SER n 
1 176 TYR n 
1 177 SER n 
1 178 ARG n 
1 179 GLN n 
1 180 ARG n 
1 181 ALA n 
1 182 GLU n 
1 183 THR n 
1 184 SER n 
1 185 ALA n 
1 186 ARG n 
1 187 ILE n 
1 188 ILE n 
1 189 VAL n 
1 190 ALA n 
1 191 GLY n 
1 192 LEU n 
1 193 ARG n 
1 194 PRO n 
# 
_entity_src_gen.entity_id                          1 
_entity_src_gen.pdbx_src_id                        1 
_entity_src_gen.pdbx_alt_source_flag               sample 
_entity_src_gen.pdbx_seq_type                      ? 
_entity_src_gen.pdbx_beg_seq_num                   ? 
_entity_src_gen.pdbx_end_seq_num                   ? 
_entity_src_gen.gene_src_common_name               ? 
_entity_src_gen.gene_src_genus                     ? 
_entity_src_gen.pdbx_gene_src_gene                 'MSMEG_6564, MSMEI_6387' 
_entity_src_gen.gene_src_species                   ? 
_entity_src_gen.gene_src_strain                    'ATCC 700084 / mc(2)155' 
_entity_src_gen.gene_src_tissue                    ? 
_entity_src_gen.gene_src_tissue_fraction           ? 
_entity_src_gen.gene_src_details                   ? 
_entity_src_gen.pdbx_gene_src_fragment             ? 
_entity_src_gen.pdbx_gene_src_scientific_name      'Mycobacterium smegmatis' 
_entity_src_gen.pdbx_gene_src_ncbi_taxonomy_id     246196 
_entity_src_gen.pdbx_gene_src_variant              ? 
_entity_src_gen.pdbx_gene_src_cell_line            ? 
_entity_src_gen.pdbx_gene_src_atcc                 ? 
_entity_src_gen.pdbx_gene_src_organ                ? 
_entity_src_gen.pdbx_gene_src_organelle            ? 
_entity_src_gen.pdbx_gene_src_cell                 ? 
_entity_src_gen.pdbx_gene_src_cellular_location    ? 
_entity_src_gen.host_org_common_name               ? 
_entity_src_gen.pdbx_host_org_scientific_name      'Escherichia coli' 
_entity_src_gen.pdbx_host_org_ncbi_taxonomy_id     469008 
_entity_src_gen.host_org_genus                     ? 
_entity_src_gen.pdbx_host_org_gene                 ? 
_entity_src_gen.pdbx_host_org_organ                ? 
_entity_src_gen.host_org_species                   ? 
_entity_src_gen.pdbx_host_org_tissue               ? 
_entity_src_gen.pdbx_host_org_tissue_fraction      ? 
_entity_src_gen.pdbx_host_org_strain               'BL21(DE3)' 
_entity_src_gen.pdbx_host_org_variant              ? 
_entity_src_gen.pdbx_host_org_cell_line            ? 
_entity_src_gen.pdbx_host_org_atcc                 ? 
_entity_src_gen.pdbx_host_org_culture_collection   ? 
_entity_src_gen.pdbx_host_org_cell                 ? 
_entity_src_gen.pdbx_host_org_organelle            ? 
_entity_src_gen.pdbx_host_org_cellular_location    ? 
_entity_src_gen.pdbx_host_org_vector_type          plasmid 
_entity_src_gen.pdbx_host_org_vector               ? 
_entity_src_gen.host_org_details                   ? 
_entity_src_gen.expression_system_id               ? 
_entity_src_gen.plasmid_name                       pET28a 
_entity_src_gen.plasmid_details                    ? 
_entity_src_gen.pdbx_description                   ? 
# 
loop_
_chem_comp.id 
_chem_comp.type 
_chem_comp.mon_nstd_flag 
_chem_comp.name 
_chem_comp.pdbx_synonyms 
_chem_comp.formula 
_chem_comp.formula_weight 
ALA 'L-peptide linking' y ALANINE         ? 'C3 H7 N O2'     89.093  
ARG 'L-peptide linking' y ARGININE        ? 'C6 H15 N4 O2 1' 175.209 
ASN 'L-peptide linking' y ASPARAGINE      ? 'C4 H8 N2 O3'    132.118 
ASP 'L-peptide linking' y 'ASPARTIC ACID' ? 'C4 H7 N O4'     133.103 
GLN 'L-peptide linking' y GLUTAMINE       ? 'C5 H10 N2 O3'   146.144 
GLU 'L-peptide linking' y 'GLUTAMIC ACID' ? 'C5 H9 N O4'     147.129 
GLY 'peptide linking'   y GLYCINE         ? 'C2 H5 N O2'     75.067  
HIS 'L-peptide linking' y HISTIDINE       ? 'C6 H10 N3 O2 1' 156.162 
HOH non-polymer         . WATER           ? 'H2 O'           18.015  
ILE 'L-peptide linking' y ISOLEUCINE      ? 'C6 H13 N O2'    131.173 
LEU 'L-peptide linking' y LEUCINE         ? 'C6 H13 N O2'    131.173 
LYS 'L-peptide linking' y LYSINE          ? 'C6 H15 N2 O2 1' 147.195 
MET 'L-peptide linking' y METHIONINE      ? 'C5 H11 N O2 S'  149.211 
PHE 'L-peptide linking' y PHENYLALANINE   ? 'C9 H11 N O2'    165.189 
PRO 'L-peptide linking' y PROLINE         ? 'C5 H9 N O2'     115.130 
SER 'L-peptide linking' y SERINE          ? 'C3 H7 N O3'     105.093 
THR 'L-peptide linking' y THREONINE       ? 'C4 H9 N O3'     119.119 
TRP 'L-peptide linking' y TRYPTOPHAN      ? 'C11 H12 N2 O2'  204.225 
TYR 'L-peptide linking' y TYROSINE        ? 'C9 H11 N O3'    181.189 
VAL 'L-peptide linking' y VALINE          ? 'C5 H11 N O2'    117.146 
# 
loop_
_pdbx_poly_seq_scheme.asym_id 
_pdbx_poly_seq_scheme.entity_id 
_pdbx_poly_seq_scheme.seq_id 
_pdbx_poly_seq_scheme.mon_id 
_pdbx_poly_seq_scheme.ndb_seq_num 
_pdbx_poly_seq_scheme.pdb_seq_num 
_pdbx_poly_seq_scheme.auth_seq_num 
_pdbx_poly_seq_scheme.pdb_mon_id 
_pdbx_poly_seq_scheme.auth_mon_id 
_pdbx_poly_seq_scheme.pdb_strand_id 
_pdbx_poly_seq_scheme.pdb_ins_code 
_pdbx_poly_seq_scheme.hetero 
A 1 1   HIS 1   -4  ?   ?   ?   A . n 
A 1 2   MET 2   -3  ?   ?   ?   A . n 
A 1 3   ALA 3   -2  ?   ?   ?   A . n 
A 1 4   SER 4   -1  ?   ?   ?   A . n 
A 1 5   MET 5   0   ?   ?   ?   A . n 
A 1 6   THR 6   1   ?   ?   ?   A . n 
A 1 7   GLY 7   2   ?   ?   ?   A . n 
A 1 8   GLY 8   3   ?   ?   ?   A . n 
A 1 9   GLN 9   4   ?   ?   ?   A . n 
A 1 10  GLN 10  5   ?   ?   ?   A . n 
A 1 11  MET 11  6   ?   ?   ?   A . n 
A 1 12  GLY 12  7   ?   ?   ?   A . n 
A 1 13  ARG 13  8   ?   ?   ?   A . n 
A 1 14  ARG 14  9   ?   ?   ?   A . n 
A 1 15  ARG 15  10  ?   ?   ?   A . n 
A 1 16  SER 16  11  11  SER SER A . n 
A 1 17  GLU 17  12  12  GLU GLU A . n 
A 1 18  LYS 18  13  13  LYS LYS A . n 
A 1 19  SER 19  14  14  SER SER A . n 
A 1 20  ARG 20  15  15  ARG ARG A . n 
A 1 21  VAL 21  16  16  VAL VAL A . n 
A 1 22  ALA 22  17  17  ALA ALA A . n 
A 1 23  ILE 23  18  18  ILE ILE A . n 
A 1 24  VAL 24  19  19  VAL VAL A . n 
A 1 25  GLU 25  20  20  GLU GLU A . n 
A 1 26  ALA 26  21  21  ALA ALA A . n 
A 1 27  THR 27  22  22  THR THR A . n 
A 1 28  ARG 28  23  23  ARG ARG A . n 
A 1 29  ALA 29  24  24  ALA ALA A . n 
A 1 30  LEU 30  25  25  LEU LEU A . n 
A 1 31  LEU 31  26  26  LEU LEU A . n 
A 1 32  LEU 32  27  27  LEU LEU A . n 
A 1 33  GLU 33  28  28  GLU GLU A . n 
A 1 34  ARG 34  29  29  ARG ARG A . n 
A 1 35  GLY 35  30  30  GLY GLY A . n 
A 1 36  PHE 36  31  31  PHE PHE A . n 
A 1 37  ASP 37  32  32  ASP ASP A . n 
A 1 38  GLY 38  33  33  GLY GLY A . n 
A 1 39  LEU 39  34  34  LEU LEU A . n 
A 1 40  SER 40  35  35  SER SER A . n 
A 1 41  ILE 41  36  36  ILE ILE A . n 
A 1 42  GLU 42  37  37  GLU GLU A . n 
A 1 43  ALA 43  38  38  ALA ALA A . n 
A 1 44  VAL 44  39  39  VAL VAL A . n 
A 1 45  ALA 45  40  40  ALA ALA A . n 
A 1 46  ALA 46  41  41  ALA ALA A . n 
A 1 47  LYS 47  42  42  LYS LYS A . n 
A 1 48  ALA 48  43  43  ALA ALA A . n 
A 1 49  GLY 49  44  44  GLY GLY A . n 
A 1 50  VAL 50  45  45  VAL VAL A . n 
A 1 51  GLY 51  46  46  GLY GLY A . n 
A 1 52  LYS 52  47  47  LYS LYS A . n 
A 1 53  GLN 53  48  48  GLN GLN A . n 
A 1 54  THR 54  49  49  THR THR A . n 
A 1 55  ILE 55  50  50  ILE ILE A . n 
A 1 56  TYR 56  51  51  TYR TYR A . n 
A 1 57  ARG 57  52  52  ARG ARG A . n 
A 1 58  TRP 58  53  53  TRP TRP A . n 
A 1 59  TRP 59  54  54  TRP TRP A . n 
A 1 60  PRO 60  55  55  PRO PRO A . n 
A 1 61  SER 61  56  56  SER SER A . n 
A 1 62  ARG 62  57  57  ARG ARG A . n 
A 1 63  HIS 63  58  58  HIS HIS A . n 
A 1 64  ALA 64  59  59  ALA ALA A . n 
A 1 65  LEU 65  60  60  LEU LEU A . n 
A 1 66  VAL 66  61  61  VAL VAL A . n 
A 1 67  ALA 67  62  62  ALA ALA A . n 
A 1 68  ASP 68  63  63  ASP ASP A . n 
A 1 69  VAL 69  64  64  VAL VAL A . n 
A 1 70  LEU 70  65  65  LEU LEU A . n 
A 1 71  LEU 71  66  66  LEU LEU A . n 
A 1 72  GLU 72  67  67  GLU GLU A . n 
A 1 73  ASP 73  68  68  ASP ASP A . n 
A 1 74  ALA 74  69  69  ALA ALA A . n 
A 1 75  ASP 75  70  70  ASP ASP A . n 
A 1 76  LYS 76  71  71  LYS LYS A . n 
A 1 77  ILE 77  72  72  ILE ILE A . n 
A 1 78  LEU 78  73  73  LEU LEU A . n 
A 1 79  ALA 79  74  74  ALA ALA A . n 
A 1 80  ARG 80  75  75  ARG ARG A . n 
A 1 81  MET 81  76  76  MET MET A . n 
A 1 82  PRO 82  77  77  PRO PRO A . n 
A 1 83  LYS 83  78  78  LYS LYS A . n 
A 1 84  THR 84  79  79  THR THR A . n 
A 1 85  ASP 85  80  80  ASP ASP A . n 
A 1 86  ASP 86  81  81  ASP ASP A . n 
A 1 87  VAL 87  82  82  VAL VAL A . n 
A 1 88  THR 88  83  83  THR THR A . n 
A 1 89  ALA 89  84  84  ALA ALA A . n 
A 1 90  ASP 90  85  85  ASP ASP A . n 
A 1 91  LEU 91  86  86  LEU LEU A . n 
A 1 92  ALA 92  87  87  ALA ALA A . n 
A 1 93  SER 93  88  88  SER SER A . n 
A 1 94  TRP 94  89  89  TRP TRP A . n 
A 1 95  ALA 95  90  90  ALA ALA A . n 
A 1 96  GLY 96  91  91  GLY GLY A . n 
A 1 97  THR 97  92  92  THR THR A . n 
A 1 98  LEU 98  93  93  LEU LEU A . n 
A 1 99  ALA 99  94  94  ALA ALA A . n 
A 1 100 ALA 100 95  95  ALA ALA A . n 
A 1 101 ALA 101 96  96  ALA ALA A . n 
A 1 102 LEU 102 97  97  LEU LEU A . n 
A 1 103 THR 103 98  98  THR THR A . n 
A 1 104 THR 104 99  99  THR THR A . n 
A 1 105 ARG 105 100 100 ARG ARG A . n 
A 1 106 ARG 106 101 101 ARG ARG A . n 
A 1 107 GLY 107 102 102 GLY GLY A . n 
A 1 108 HIS 108 103 103 HIS HIS A . n 
A 1 109 ALA 109 104 104 ALA ALA A . n 
A 1 110 MET 110 105 105 MET MET A . n 
A 1 111 LEU 111 106 106 LEU LEU A . n 
A 1 112 LYS 112 107 107 LYS LYS A . n 
A 1 113 THR 113 108 108 THR THR A . n 
A 1 114 LEU 114 109 109 LEU LEU A . n 
A 1 115 MET 115 110 110 MET MET A . n 
A 1 116 ALA 116 111 111 ALA ALA A . n 
A 1 117 ALA 117 112 112 ALA ALA A . n 
A 1 118 SER 118 113 113 SER SER A . n 
A 1 119 LEU 119 114 114 LEU LEU A . n 
A 1 120 GLU 120 115 115 GLU GLU A . n 
A 1 121 HIS 121 116 116 HIS HIS A . n 
A 1 122 GLU 122 117 117 GLU GLU A . n 
A 1 123 ASP 123 118 118 ASP ASP A . n 
A 1 124 THR 124 119 119 THR THR A . n 
A 1 125 ALA 125 120 120 ALA ALA A . n 
A 1 126 ALA 126 121 121 ALA ALA A . n 
A 1 127 ARG 127 122 122 ARG ARG A . n 
A 1 128 LEU 128 123 123 LEU LEU A . n 
A 1 129 ARG 129 124 124 ARG ARG A . n 
A 1 130 GLU 130 125 125 GLU GLU A . n 
A 1 131 GLY 131 126 126 GLY GLY A . n 
A 1 132 PHE 132 127 127 PHE PHE A . n 
A 1 133 SER 133 128 128 SER SER A . n 
A 1 134 ARG 134 129 129 ARG ARG A . n 
A 1 135 PRO 135 130 130 PRO PRO A . n 
A 1 136 LEU 136 131 131 LEU LEU A . n 
A 1 137 ILE 137 132 132 ILE ILE A . n 
A 1 138 GLU 138 133 133 GLU GLU A . n 
A 1 139 SER 139 134 134 SER SER A . n 
A 1 140 VAL 140 135 135 VAL VAL A . n 
A 1 141 ARG 141 136 136 ARG ARG A . n 
A 1 142 ASP 142 137 137 ASP ASP A . n 
A 1 143 ARG 143 138 138 ARG ARG A . n 
A 1 144 LEU 144 139 139 LEU LEU A . n 
A 1 145 ARG 145 140 140 ARG ARG A . n 
A 1 146 ASP 146 141 141 ASP ASP A . n 
A 1 147 GLU 147 142 142 GLU GLU A . n 
A 1 148 ASP 148 143 143 ASP ASP A . n 
A 1 149 ILE 149 144 144 ILE ILE A . n 
A 1 150 ASP 150 145 145 ASP ASP A . n 
A 1 151 ALA 151 146 146 ALA ALA A . n 
A 1 152 ASP 152 147 147 ASP ASP A . n 
A 1 153 HIS 153 148 148 HIS HIS A . n 
A 1 154 ALA 154 149 149 ALA ALA A . n 
A 1 155 GLN 155 150 150 GLN GLN A . n 
A 1 156 ALA 156 151 151 ALA ALA A . n 
A 1 157 ALA 157 152 152 ALA ALA A . n 
A 1 158 ALA 158 153 153 ALA ALA A . n 
A 1 159 ASP 159 154 154 ASP ASP A . n 
A 1 160 ALA 160 155 155 ALA ALA A . n 
A 1 161 LEU 161 156 156 LEU LEU A . n 
A 1 162 LEU 162 157 157 LEU LEU A . n 
A 1 163 GLY 163 158 158 GLY GLY A . n 
A 1 164 ALA 164 159 159 ALA ALA A . n 
A 1 165 VAL 165 160 160 VAL VAL A . n 
A 1 166 VAL 166 161 161 VAL VAL A . n 
A 1 167 ASN 167 162 162 ASN ASN A . n 
A 1 168 ALA 168 163 163 ALA ALA A . n 
A 1 169 VAL 169 164 164 VAL VAL A . n 
A 1 170 LEU 170 165 165 LEU LEU A . n 
A 1 171 SER 171 166 166 SER SER A . n 
A 1 172 GLU 172 167 167 GLU GLU A . n 
A 1 173 GLY 173 168 168 GLY GLY A . n 
A 1 174 ARG 174 169 169 ARG ARG A . n 
A 1 175 SER 175 170 170 SER SER A . n 
A 1 176 TYR 176 171 171 TYR TYR A . n 
A 1 177 SER 177 172 172 SER SER A . n 
A 1 178 ARG 178 173 173 ARG ARG A . n 
A 1 179 GLN 179 174 174 GLN GLN A . n 
A 1 180 ARG 180 175 175 ARG ARG A . n 
A 1 181 ALA 181 176 176 ALA ALA A . n 
A 1 182 GLU 182 177 177 GLU GLU A . n 
A 1 183 THR 183 178 178 THR THR A . n 
A 1 184 SER 184 179 179 SER SER A . n 
A 1 185 ALA 185 180 180 ALA ALA A . n 
A 1 186 ARG 186 181 181 ARG ARG A . n 
A 1 187 ILE 187 182 182 ILE ILE A . n 
A 1 188 ILE 188 183 183 ILE ILE A . n 
A 1 189 VAL 189 184 184 VAL VAL A . n 
A 1 190 ALA 190 185 185 ALA ALA A . n 
A 1 191 GLY 191 186 186 GLY GLY A . n 
A 1 192 LEU 192 187 187 LEU LEU A . n 
A 1 193 ARG 193 188 188 ARG ARG A . n 
A 1 194 PRO 194 189 189 PRO PRO A . n 
# 
loop_
_pdbx_nonpoly_scheme.asym_id 
_pdbx_nonpoly_scheme.entity_id 
_pdbx_nonpoly_scheme.mon_id 
_pdbx_nonpoly_scheme.ndb_seq_num 
_pdbx_nonpoly_scheme.pdb_seq_num 
_pdbx_nonpoly_scheme.auth_seq_num 
_pdbx_nonpoly_scheme.pdb_mon_id 
_pdbx_nonpoly_scheme.auth_mon_id 
_pdbx_nonpoly_scheme.pdb_strand_id 
_pdbx_nonpoly_scheme.pdb_ins_code 
B 2 HOH 1   201 1   HOH HOH A . 
B 2 HOH 2   202 2   HOH HOH A . 
B 2 HOH 3   203 3   HOH HOH A . 
B 2 HOH 4   204 4   HOH HOH A . 
B 2 HOH 5   205 5   HOH HOH A . 
B 2 HOH 6   206 6   HOH HOH A . 
B 2 HOH 7   207 7   HOH HOH A . 
B 2 HOH 8   208 8   HOH HOH A . 
B 2 HOH 9   209 9   HOH HOH A . 
B 2 HOH 10  210 10  HOH HOH A . 
B 2 HOH 11  211 11  HOH HOH A . 
B 2 HOH 12  212 12  HOH HOH A . 
B 2 HOH 13  213 13  HOH HOH A . 
B 2 HOH 14  214 14  HOH HOH A . 
B 2 HOH 15  215 15  HOH HOH A . 
B 2 HOH 16  216 16  HOH HOH A . 
B 2 HOH 17  217 17  HOH HOH A . 
B 2 HOH 18  218 18  HOH HOH A . 
B 2 HOH 19  219 19  HOH HOH A . 
B 2 HOH 20  220 20  HOH HOH A . 
B 2 HOH 21  221 21  HOH HOH A . 
B 2 HOH 22  222 22  HOH HOH A . 
B 2 HOH 23  223 23  HOH HOH A . 
B 2 HOH 24  224 24  HOH HOH A . 
B 2 HOH 25  225 25  HOH HOH A . 
B 2 HOH 26  226 26  HOH HOH A . 
B 2 HOH 27  227 27  HOH HOH A . 
B 2 HOH 28  228 28  HOH HOH A . 
B 2 HOH 29  229 29  HOH HOH A . 
B 2 HOH 30  230 30  HOH HOH A . 
B 2 HOH 31  231 31  HOH HOH A . 
B 2 HOH 32  232 32  HOH HOH A . 
B 2 HOH 33  233 33  HOH HOH A . 
B 2 HOH 34  234 34  HOH HOH A . 
B 2 HOH 35  235 35  HOH HOH A . 
B 2 HOH 36  236 36  HOH HOH A . 
B 2 HOH 37  237 37  HOH HOH A . 
B 2 HOH 38  238 38  HOH HOH A . 
B 2 HOH 39  239 39  HOH HOH A . 
B 2 HOH 40  240 40  HOH HOH A . 
B 2 HOH 41  241 41  HOH HOH A . 
B 2 HOH 42  242 42  HOH HOH A . 
B 2 HOH 43  243 43  HOH HOH A . 
B 2 HOH 44  244 44  HOH HOH A . 
B 2 HOH 45  245 45  HOH HOH A . 
B 2 HOH 46  246 46  HOH HOH A . 
B 2 HOH 47  247 47  HOH HOH A . 
B 2 HOH 48  248 48  HOH HOH A . 
B 2 HOH 49  249 49  HOH HOH A . 
B 2 HOH 50  250 50  HOH HOH A . 
B 2 HOH 51  251 51  HOH HOH A . 
B 2 HOH 52  252 52  HOH HOH A . 
B 2 HOH 53  253 53  HOH HOH A . 
B 2 HOH 54  254 54  HOH HOH A . 
B 2 HOH 55  255 55  HOH HOH A . 
B 2 HOH 56  256 56  HOH HOH A . 
B 2 HOH 57  257 57  HOH HOH A . 
B 2 HOH 58  258 58  HOH HOH A . 
B 2 HOH 59  259 59  HOH HOH A . 
B 2 HOH 60  260 60  HOH HOH A . 
B 2 HOH 61  261 61  HOH HOH A . 
B 2 HOH 62  262 62  HOH HOH A . 
B 2 HOH 63  263 63  HOH HOH A . 
B 2 HOH 64  264 64  HOH HOH A . 
B 2 HOH 65  265 65  HOH HOH A . 
B 2 HOH 66  266 66  HOH HOH A . 
B 2 HOH 67  267 67  HOH HOH A . 
B 2 HOH 68  268 68  HOH HOH A . 
B 2 HOH 69  269 69  HOH HOH A . 
B 2 HOH 70  270 70  HOH HOH A . 
B 2 HOH 71  271 71  HOH HOH A . 
B 2 HOH 72  272 72  HOH HOH A . 
B 2 HOH 73  273 73  HOH HOH A . 
B 2 HOH 74  274 74  HOH HOH A . 
B 2 HOH 75  275 75  HOH HOH A . 
B 2 HOH 76  276 76  HOH HOH A . 
B 2 HOH 77  277 77  HOH HOH A . 
B 2 HOH 78  278 78  HOH HOH A . 
B 2 HOH 79  279 79  HOH HOH A . 
B 2 HOH 80  280 80  HOH HOH A . 
B 2 HOH 81  281 81  HOH HOH A . 
B 2 HOH 82  282 82  HOH HOH A . 
B 2 HOH 83  283 83  HOH HOH A . 
B 2 HOH 84  284 84  HOH HOH A . 
B 2 HOH 85  285 85  HOH HOH A . 
B 2 HOH 86  286 86  HOH HOH A . 
B 2 HOH 87  287 87  HOH HOH A . 
B 2 HOH 88  288 88  HOH HOH A . 
B 2 HOH 89  289 89  HOH HOH A . 
B 2 HOH 90  290 90  HOH HOH A . 
B 2 HOH 91  291 91  HOH HOH A . 
B 2 HOH 92  292 92  HOH HOH A . 
B 2 HOH 93  293 93  HOH HOH A . 
B 2 HOH 94  294 94  HOH HOH A . 
B 2 HOH 95  295 95  HOH HOH A . 
B 2 HOH 96  296 96  HOH HOH A . 
B 2 HOH 97  297 97  HOH HOH A . 
B 2 HOH 98  298 98  HOH HOH A . 
B 2 HOH 99  299 99  HOH HOH A . 
B 2 HOH 100 300 100 HOH HOH A . 
B 2 HOH 101 301 101 HOH HOH A . 
B 2 HOH 102 302 102 HOH HOH A . 
B 2 HOH 103 303 103 HOH HOH A . 
B 2 HOH 104 304 104 HOH HOH A . 
B 2 HOH 105 305 105 HOH HOH A . 
B 2 HOH 106 306 106 HOH HOH A . 
B 2 HOH 107 307 107 HOH HOH A . 
# 
loop_
_software.name 
_software.classification 
_software.version 
_software.citation_id 
_software.pdbx_ordinal 
MAR345   'data collection' .                            ? 1 
SOLVE    phasing           .                            ? 2 
PHENIX   refinement        '(phenix.refine: 1.7.3_928)' ? 3 
HKL-2000 'data reduction'  .                            ? 4 
HKL-2000 'data scaling'    .                            ? 5 
# 
_cell.entry_id           4JKZ 
_cell.length_a           58.263 
_cell.length_b           118.289 
_cell.length_c           49.984 
_cell.angle_alpha        90.00 
_cell.angle_beta         90.00 
_cell.angle_gamma        90.00 
_cell.Z_PDB              8 
_cell.pdbx_unique_axis   ? 
_cell.length_a_esd       ? 
_cell.length_b_esd       ? 
_cell.length_c_esd       ? 
_cell.angle_alpha_esd    ? 
_cell.angle_beta_esd     ? 
_cell.angle_gamma_esd    ? 
# 
_symmetry.entry_id                         4JKZ 
_symmetry.space_group_name_H-M             'C 2 2 21' 
_symmetry.pdbx_full_space_group_name_H-M   ? 
_symmetry.cell_setting                     ? 
_symmetry.Int_Tables_number                20 
_symmetry.space_group_name_Hall            ? 
# 
_exptl.entry_id          4JKZ 
_exptl.method            'X-RAY DIFFRACTION' 
_exptl.crystals_number   1 
# 
_exptl_crystal.id                    1 
_exptl_crystal.density_meas          ? 
_exptl_crystal.density_Matthews      2.04 
_exptl_crystal.density_percent_sol   39.77 
_exptl_crystal.description           ? 
_exptl_crystal.F_000                 ? 
_exptl_crystal.preparation           ? 
# 
_exptl_crystal_grow.crystal_id      1 
_exptl_crystal_grow.method          'VAPOR DIFFUSION, HANGING DROP' 
_exptl_crystal_grow.temp            277 
_exptl_crystal_grow.temp_details    ? 
_exptl_crystal_grow.pH              7.5 
_exptl_crystal_grow.pdbx_pH_range   ? 
_exptl_crystal_grow.pdbx_details    
'0.2M sodium citrate, 0.1M HEPES, 30% MPD, pH 7.5, VAPOR DIFFUSION, HANGING DROP, temperature 277K' 
# 
_diffrn.id                     1 
_diffrn.ambient_temp           100 
_diffrn.ambient_temp_details   ? 
_diffrn.crystal_id             1 
# 
_diffrn_detector.diffrn_id              1 
_diffrn_detector.detector               CCD 
_diffrn_detector.type                   'MAR CCD 165 mm' 
_diffrn_detector.pdbx_collection_date   2012-06-15 
_diffrn_detector.details                ? 
# 
_diffrn_radiation.diffrn_id                        1 
_diffrn_radiation.wavelength_id                    1 
_diffrn_radiation.pdbx_monochromatic_or_laue_m_l   M 
_diffrn_radiation.monochromator                    'double crystal monochromator' 
_diffrn_radiation.pdbx_diffrn_protocol             'SINGLE WAVELENGTH' 
_diffrn_radiation.pdbx_scattering_type             x-ray 
# 
_diffrn_radiation_wavelength.id           1 
_diffrn_radiation_wavelength.wavelength   0.9793 
_diffrn_radiation_wavelength.wt           1.0 
# 
_diffrn_source.diffrn_id                   1 
_diffrn_source.source                      SYNCHROTRON 
_diffrn_source.type                        'BSRF BEAMLINE 3W1A' 
_diffrn_source.pdbx_synchrotron_site       BSRF 
_diffrn_source.pdbx_synchrotron_beamline   3W1A 
_diffrn_source.pdbx_wavelength             ? 
_diffrn_source.pdbx_wavelength_list        0.9793 
# 
_reflns.pdbx_diffrn_id               1 
_reflns.pdbx_ordinal                 1 
_reflns.entry_id                     4JKZ 
_reflns.observed_criterion_sigma_I   0.0 
_reflns.observed_criterion_sigma_F   0.0 
_reflns.d_resolution_low             50.0 
_reflns.d_resolution_high            1.80 
_reflns.number_obs                   16377 
_reflns.number_all                   16377 
_reflns.percent_possible_obs         100 
_reflns.pdbx_Rmerge_I_obs            0.045 
_reflns.pdbx_Rsym_value              ? 
_reflns.pdbx_netI_over_sigmaI        50.4 
_reflns.B_iso_Wilson_estimate        ? 
_reflns.pdbx_redundancy              14.1 
_reflns.R_free_details               ? 
_reflns.limit_h_max                  ? 
_reflns.limit_h_min                  ? 
_reflns.limit_k_max                  ? 
_reflns.limit_k_min                  ? 
_reflns.limit_l_max                  ? 
_reflns.limit_l_min                  ? 
_reflns.observed_criterion_F_max     ? 
_reflns.observed_criterion_F_min     ? 
_reflns.pdbx_chi_squared             ? 
_reflns.pdbx_scaling_rejects         ? 
# 
_reflns_shell.pdbx_diffrn_id         1 
_reflns_shell.pdbx_ordinal           1 
_reflns_shell.d_res_high             1.80 
_reflns_shell.d_res_low              1.83 
_reflns_shell.percent_possible_all   95.7 
_reflns_shell.Rmerge_I_obs           0.559 
_reflns_shell.pdbx_Rsym_value        ? 
_reflns_shell.meanI_over_sigI_obs    2.27 
_reflns_shell.pdbx_redundancy        9.7 
_reflns_shell.percent_possible_obs   ? 
_reflns_shell.number_unique_all      ? 
_reflns_shell.number_measured_all    ? 
_reflns_shell.number_measured_obs    ? 
_reflns_shell.number_unique_obs      ? 
_reflns_shell.pdbx_chi_squared       ? 
# 
_refine.pdbx_refine_id                           'X-RAY DIFFRACTION' 
_refine.entry_id                                 4JKZ 
_refine.pdbx_diffrn_id                           1 
_refine.pdbx_TLS_residual_ADP_flag               ? 
_refine.ls_number_reflns_obs                     16361 
_refine.ls_number_reflns_all                     16377 
_refine.pdbx_ls_sigma_I                          ? 
_refine.pdbx_ls_sigma_F                          1.37 
_refine.pdbx_data_cutoff_high_absF               ? 
_refine.pdbx_data_cutoff_low_absF                ? 
_refine.pdbx_data_cutoff_high_rms_absF           ? 
_refine.ls_d_res_low                             29.572 
_refine.ls_d_res_high                            1.800 
_refine.ls_percent_reflns_obs                    99.56 
_refine.ls_R_factor_obs                          0.2150 
_refine.ls_R_factor_all                          ? 
_refine.ls_R_factor_R_work                       0.2126 
_refine.ls_R_factor_R_free                       0.2630 
_refine.ls_R_factor_R_free_error                 ? 
_refine.ls_R_factor_R_free_error_details         ? 
_refine.ls_percent_reflns_R_free                 5.04 
_refine.ls_number_reflns_R_free                  824 
_refine.ls_number_parameters                     ? 
_refine.ls_number_restraints                     ? 
_refine.occupancy_min                            ? 
_refine.occupancy_max                            ? 
_refine.correlation_coeff_Fo_to_Fc               ? 
_refine.correlation_coeff_Fo_to_Fc_free          ? 
_refine.B_iso_mean                               ? 
_refine.aniso_B[1][1]                            18.3899 
_refine.aniso_B[2][2]                            9.6797 
_refine.aniso_B[3][3]                            13.5799 
_refine.aniso_B[1][2]                            0.0000 
_refine.aniso_B[1][3]                            -0.0000 
_refine.aniso_B[2][3]                            -0.0000 
_refine.solvent_model_details                    'FLAT BULK SOLVENT MODEL' 
_refine.solvent_model_param_ksol                 ? 
_refine.solvent_model_param_bsol                 ? 
_refine.pdbx_solvent_vdw_probe_radii             1.11 
_refine.pdbx_solvent_ion_probe_radii             ? 
_refine.pdbx_solvent_shrinkage_radii             0.90 
_refine.pdbx_ls_cross_valid_method               ? 
_refine.details                                  ? 
_refine.pdbx_starting_model                      ? 
_refine.pdbx_method_to_determine_struct          SAD 
_refine.pdbx_isotropic_thermal_model             ? 
_refine.pdbx_stereochemistry_target_values       ML 
_refine.pdbx_stereochem_target_val_spec_case     ? 
_refine.pdbx_R_Free_selection_details            ? 
_refine.pdbx_overall_ESU_R                       ? 
_refine.pdbx_overall_ESU_R_Free                  ? 
_refine.overall_SU_ML                            0.23 
_refine.pdbx_overall_phase_error                 26.55 
_refine.overall_SU_B                             ? 
_refine.overall_SU_R_Cruickshank_DPI             ? 
_refine.pdbx_overall_SU_R_free_Cruickshank_DPI   ? 
_refine.pdbx_overall_SU_R_Blow_DPI               ? 
_refine.pdbx_overall_SU_R_free_Blow_DPI          ? 
_refine.ls_redundancy_reflns_obs                 ? 
_refine.B_iso_min                                ? 
_refine.B_iso_max                                ? 
_refine.overall_SU_R_free                        ? 
_refine.ls_wR_factor_R_free                      ? 
_refine.ls_wR_factor_R_work                      ? 
_refine.overall_FOM_free_R_set                   ? 
_refine.overall_FOM_work_R_set                   ? 
# 
_refine_hist.pdbx_refine_id                   'X-RAY DIFFRACTION' 
_refine_hist.cycle_id                         LAST 
_refine_hist.pdbx_number_atoms_protein        1361 
_refine_hist.pdbx_number_atoms_nucleic_acid   0 
_refine_hist.pdbx_number_atoms_ligand         0 
_refine_hist.number_atoms_solvent             107 
_refine_hist.number_atoms_total               1468 
_refine_hist.d_res_high                       1.800 
_refine_hist.d_res_low                        29.572 
# 
loop_
_refine_ls_restr.type 
_refine_ls_restr.dev_ideal 
_refine_ls_restr.dev_ideal_target 
_refine_ls_restr.weight 
_refine_ls_restr.number 
_refine_ls_restr.pdbx_refine_id 
_refine_ls_restr.pdbx_restraint_function 
f_bond_d           0.007  ? ? 1378 'X-RAY DIFFRACTION' ? 
f_angle_d          1.048  ? ? 1865 'X-RAY DIFFRACTION' ? 
f_dihedral_angle_d 14.869 ? ? 509  'X-RAY DIFFRACTION' ? 
f_chiral_restr     0.066  ? ? 220  'X-RAY DIFFRACTION' ? 
f_plane_restr      0.004  ? ? 242  'X-RAY DIFFRACTION' ? 
# 
loop_
_refine_ls_shell.pdbx_refine_id 
_refine_ls_shell.pdbx_total_number_of_bins_used 
_refine_ls_shell.d_res_high 
_refine_ls_shell.d_res_low 
_refine_ls_shell.number_reflns_R_work 
_refine_ls_shell.R_factor_R_work 
_refine_ls_shell.percent_reflns_obs 
_refine_ls_shell.R_factor_R_free 
_refine_ls_shell.R_factor_R_free_error 
_refine_ls_shell.percent_reflns_R_free 
_refine_ls_shell.number_reflns_R_free 
_refine_ls_shell.number_reflns_all 
_refine_ls_shell.R_factor_all 
_refine_ls_shell.redundancy_reflns_obs 
_refine_ls_shell.number_reflns_obs 
'X-RAY DIFFRACTION' . 1.8    1.9125  2497 0.2739 98.00  0.3376 . . 138 . . . . 
'X-RAY DIFFRACTION' . 1.9125 2.0602  2560 0.2359 100.00 0.2920 . . 129 . . . . 
'X-RAY DIFFRACTION' . 2.0602 2.2674  2572 0.2064 100.00 0.2638 . . 131 . . . . 
'X-RAY DIFFRACTION' . 2.2674 2.5953  2572 0.2052 100.00 0.2470 . . 149 . . . . 
'X-RAY DIFFRACTION' . 2.5953 3.2692  2595 0.2219 100.00 0.2676 . . 159 . . . . 
'X-RAY DIFFRACTION' . 3.2692 29.5762 2741 0.2017 100.00 0.2515 . . 118 . . . . 
# 
_struct.entry_id                  4JKZ 
_struct.title                     'Crystal structure of ms6564 from mycobacterium smegmatis' 
_struct.pdbx_model_details        ? 
_struct.pdbx_CASP_flag            ? 
_struct.pdbx_model_type_details   ? 
# 
_struct_keywords.entry_id        4JKZ 
_struct_keywords.pdbx_keywords   TRANSCRIPTION 
_struct_keywords.text            'transcriptional regulator, TRANSCRIPTION' 
# 
loop_
_struct_asym.id 
_struct_asym.pdbx_blank_PDB_chainid_flag 
_struct_asym.pdbx_modified 
_struct_asym.entity_id 
_struct_asym.details 
A N N 1 ? 
B N N 2 ? 
# 
_struct_ref.id                         1 
_struct_ref.db_name                    UNP 
_struct_ref.db_code                    A0R6I8_MYCS2 
_struct_ref.pdbx_db_accession          A0R6I8 
_struct_ref.entity_id                  1 
_struct_ref.pdbx_seq_one_letter_code   
;RRRSEKSRVAIVEATRALLLERGFDGLSIEAVAAKAGVGKQTIYRWWPSRHALVADVLLEDADKILARMPKTDDVTADLA
SWAGTLAAALTTRRGHAMLKTLMAASLEHEDTAARLREGFSRPLIESVRDRLRDEDIDADHAQAAADALLGAVVNAVLSE
GRSYSRQRAETSARIIVAGLRP
;
_struct_ref.pdbx_align_begin           8 
_struct_ref.pdbx_db_isoform            ? 
# 
_struct_ref_seq.align_id                      1 
_struct_ref_seq.ref_id                        1 
_struct_ref_seq.pdbx_PDB_id_code              4JKZ 
_struct_ref_seq.pdbx_strand_id                A 
_struct_ref_seq.seq_align_beg                 13 
_struct_ref_seq.pdbx_seq_align_beg_ins_code   ? 
_struct_ref_seq.seq_align_end                 194 
_struct_ref_seq.pdbx_seq_align_end_ins_code   ? 
_struct_ref_seq.pdbx_db_accession             A0R6I8 
_struct_ref_seq.db_align_beg                  8 
_struct_ref_seq.pdbx_db_align_beg_ins_code    ? 
_struct_ref_seq.db_align_end                  189 
_struct_ref_seq.pdbx_db_align_end_ins_code    ? 
_struct_ref_seq.pdbx_auth_seq_align_beg       8 
_struct_ref_seq.pdbx_auth_seq_align_end       189 
# 
loop_
_struct_ref_seq_dif.align_id 
_struct_ref_seq_dif.pdbx_pdb_id_code 
_struct_ref_seq_dif.mon_id 
_struct_ref_seq_dif.pdbx_pdb_strand_id 
_struct_ref_seq_dif.seq_num 
_struct_ref_seq_dif.pdbx_pdb_ins_code 
_struct_ref_seq_dif.pdbx_seq_db_name 
_struct_ref_seq_dif.pdbx_seq_db_accession_code 
_struct_ref_seq_dif.db_mon_id 
_struct_ref_seq_dif.pdbx_seq_db_seq_num 
_struct_ref_seq_dif.details 
_struct_ref_seq_dif.pdbx_auth_seq_num 
_struct_ref_seq_dif.pdbx_ordinal 
1 4JKZ HIS A 1  ? UNP A0R6I8 ? ? 'expression tag' -4 1  
1 4JKZ MET A 2  ? UNP A0R6I8 ? ? 'expression tag' -3 2  
1 4JKZ ALA A 3  ? UNP A0R6I8 ? ? 'expression tag' -2 3  
1 4JKZ SER A 4  ? UNP A0R6I8 ? ? 'expression tag' -1 4  
1 4JKZ MET A 5  ? UNP A0R6I8 ? ? 'expression tag' 0  5  
1 4JKZ THR A 6  ? UNP A0R6I8 ? ? 'expression tag' 1  6  
1 4JKZ GLY A 7  ? UNP A0R6I8 ? ? 'expression tag' 2  7  
1 4JKZ GLY A 8  ? UNP A0R6I8 ? ? 'expression tag' 3  8  
1 4JKZ GLN A 9  ? UNP A0R6I8 ? ? 'expression tag' 4  9  
1 4JKZ GLN A 10 ? UNP A0R6I8 ? ? 'expression tag' 5  10 
1 4JKZ MET A 11 ? UNP A0R6I8 ? ? 'expression tag' 6  11 
1 4JKZ GLY A 12 ? UNP A0R6I8 ? ? 'expression tag' 7  12 
# 
_pdbx_struct_assembly.id                   1 
_pdbx_struct_assembly.details              author_and_software_defined_assembly 
_pdbx_struct_assembly.method_details       PISA 
_pdbx_struct_assembly.oligomeric_details   dimeric 
_pdbx_struct_assembly.oligomeric_count     2 
# 
loop_
_pdbx_struct_assembly_prop.biol_id 
_pdbx_struct_assembly_prop.type 
_pdbx_struct_assembly_prop.value 
_pdbx_struct_assembly_prop.details 
1 'ABSA (A^2)' 2630  ? 
1 MORE         -18   ? 
1 'SSA (A^2)'  17240 ? 
# 
_pdbx_struct_assembly_gen.assembly_id       1 
_pdbx_struct_assembly_gen.oper_expression   1,2 
_pdbx_struct_assembly_gen.asym_id_list      A,B 
# 
loop_
_pdbx_struct_oper_list.id 
_pdbx_struct_oper_list.type 
_pdbx_struct_oper_list.name 
_pdbx_struct_oper_list.symmetry_operation 
_pdbx_struct_oper_list.matrix[1][1] 
_pdbx_struct_oper_list.matrix[1][2] 
_pdbx_struct_oper_list.matrix[1][3] 
_pdbx_struct_oper_list.vector[1] 
_pdbx_struct_oper_list.matrix[2][1] 
_pdbx_struct_oper_list.matrix[2][2] 
_pdbx_struct_oper_list.matrix[2][3] 
_pdbx_struct_oper_list.vector[2] 
_pdbx_struct_oper_list.matrix[3][1] 
_pdbx_struct_oper_list.matrix[3][2] 
_pdbx_struct_oper_list.matrix[3][3] 
_pdbx_struct_oper_list.vector[3] 
1 'identity operation'         1_555 x,y,z         1.0000000000 0.0000000000 0.0000000000 0.0000000000  0.0000000000 1.0000000000  0.0000000000 0.0000000000  0.0000000000 0.0000000000 1.0000000000  0.0000000000  
2 'crystal symmetry operation' 3_455 -x-1,y,-z+1/2 0.8029787143 0.1410696043 0.5790721467 -6.5430021516 0.1410696043 -0.9889623582 0.0453080660 10.0137461477 0.5790721467 0.0453080660 -0.8140163561 17.9325813865 
# 
loop_
_struct_conf.conf_type_id 
_struct_conf.id 
_struct_conf.pdbx_PDB_helix_id 
_struct_conf.beg_label_comp_id 
_struct_conf.beg_label_asym_id 
_struct_conf.beg_label_seq_id 
_struct_conf.pdbx_beg_PDB_ins_code 
_struct_conf.end_label_comp_id 
_struct_conf.end_label_asym_id 
_struct_conf.end_label_seq_id 
_struct_conf.pdbx_end_PDB_ins_code 
_struct_conf.beg_auth_comp_id 
_struct_conf.beg_auth_asym_id 
_struct_conf.beg_auth_seq_id 
_struct_conf.end_auth_comp_id 
_struct_conf.end_auth_asym_id 
_struct_conf.end_auth_seq_id 
_struct_conf.pdbx_PDB_helix_class 
_struct_conf.details 
_struct_conf.pdbx_PDB_helix_length 
HELX_P HELX_P1  1  LYS A 18  ? GLY A 35  ? LYS A 13  GLY A 30  1 ? 18 
HELX_P HELX_P2  2  SER A 40  ? GLY A 49  ? SER A 35  GLY A 44  1 ? 10 
HELX_P HELX_P3  3  GLY A 51  ? TYR A 56  ? GLY A 46  TYR A 51  1 ? 6  
HELX_P HELX_P4  4  SER A 61  ? GLU A 72  ? SER A 56  GLU A 67  1 ? 12 
HELX_P HELX_P5  5  ASP A 73  ? LEU A 78  ? ASP A 68  LEU A 73  1 ? 6  
HELX_P HELX_P6  6  ASP A 86  ? THR A 103 ? ASP A 81  THR A 98  1 ? 18 
HELX_P HELX_P7  7  THR A 104 ? LEU A 119 ? THR A 99  LEU A 114 1 ? 16 
HELX_P HELX_P8  8  HIS A 121 ? PHE A 132 ? HIS A 116 PHE A 127 1 ? 12 
HELX_P HELX_P9  9  PHE A 132 ? ASP A 146 ? PHE A 127 ASP A 141 1 ? 15 
HELX_P HELX_P10 10 ASP A 150 ? GLY A 173 ? ASP A 145 GLY A 168 1 ? 24 
HELX_P HELX_P11 11 ARG A 174 ? TYR A 176 ? ARG A 169 TYR A 171 5 ? 3  
HELX_P HELX_P12 12 SER A 177 ? GLY A 191 ? SER A 172 GLY A 186 1 ? 15 
# 
_struct_conf_type.id          HELX_P 
_struct_conf_type.criteria    ? 
_struct_conf_type.reference   ? 
# 
_struct_mon_prot_cis.pdbx_id                1 
_struct_mon_prot_cis.label_comp_id          ARG 
_struct_mon_prot_cis.label_seq_id           193 
_struct_mon_prot_cis.label_asym_id          A 
_struct_mon_prot_cis.label_alt_id           . 
_struct_mon_prot_cis.pdbx_PDB_ins_code      ? 
_struct_mon_prot_cis.auth_comp_id           ARG 
_struct_mon_prot_cis.auth_seq_id            188 
_struct_mon_prot_cis.auth_asym_id           A 
_struct_mon_prot_cis.pdbx_label_comp_id_2   PRO 
_struct_mon_prot_cis.pdbx_label_seq_id_2    194 
_struct_mon_prot_cis.pdbx_label_asym_id_2   A 
_struct_mon_prot_cis.pdbx_PDB_ins_code_2    ? 
_struct_mon_prot_cis.pdbx_auth_comp_id_2    PRO 
_struct_mon_prot_cis.pdbx_auth_seq_id_2     189 
_struct_mon_prot_cis.pdbx_auth_asym_id_2    A 
_struct_mon_prot_cis.pdbx_PDB_model_num     1 
_struct_mon_prot_cis.pdbx_omega_angle       -6.23 
# 
loop_
_pdbx_validate_close_contact.id 
_pdbx_validate_close_contact.PDB_model_num 
_pdbx_validate_close_contact.auth_atom_id_1 
_pdbx_validate_close_contact.auth_asym_id_1 
_pdbx_validate_close_contact.auth_comp_id_1 
_pdbx_validate_close_contact.auth_seq_id_1 
_pdbx_validate_close_contact.PDB_ins_code_1 
_pdbx_validate_close_contact.label_alt_id_1 
_pdbx_validate_close_contact.auth_atom_id_2 
_pdbx_validate_close_contact.auth_asym_id_2 
_pdbx_validate_close_contact.auth_comp_id_2 
_pdbx_validate_close_contact.auth_seq_id_2 
_pdbx_validate_close_contact.PDB_ins_code_2 
_pdbx_validate_close_contact.label_alt_id_2 
_pdbx_validate_close_contact.dist 
1 1 NE2 A HIS 148 ? ? O A HOH 240 ? ? 2.15 
2 1 O   A HOH 249 ? ? O A HOH 253 ? ? 2.16 
3 1 O   A HOH 286 ? ? O A HOH 293 ? ? 2.18 
4 1 O   A HOH 212 ? ? O A HOH 217 ? ? 2.19 
# 
loop_
_pdbx_validate_torsion.id 
_pdbx_validate_torsion.PDB_model_num 
_pdbx_validate_torsion.auth_comp_id 
_pdbx_validate_torsion.auth_asym_id 
_pdbx_validate_torsion.auth_seq_id 
_pdbx_validate_torsion.PDB_ins_code 
_pdbx_validate_torsion.label_alt_id 
_pdbx_validate_torsion.phi 
_pdbx_validate_torsion.psi 
1 1 GLU A 12 ? ? -146.17 -13.85 
2 1 GLU A 28 ? ? -163.84 -43.20 
3 1 LEU A 34 ? ? -153.86 79.77  
# 
loop_
_pdbx_unobs_or_zero_occ_residues.id 
_pdbx_unobs_or_zero_occ_residues.PDB_model_num 
_pdbx_unobs_or_zero_occ_residues.polymer_flag 
_pdbx_unobs_or_zero_occ_residues.occupancy_flag 
_pdbx_unobs_or_zero_occ_residues.auth_asym_id 
_pdbx_unobs_or_zero_occ_residues.auth_comp_id 
_pdbx_unobs_or_zero_occ_residues.auth_seq_id 
_pdbx_unobs_or_zero_occ_residues.PDB_ins_code 
_pdbx_unobs_or_zero_occ_residues.label_asym_id 
_pdbx_unobs_or_zero_occ_residues.label_comp_id 
_pdbx_unobs_or_zero_occ_residues.label_seq_id 
1  1 Y 1 A HIS -4 ? A HIS 1  
2  1 Y 1 A MET -3 ? A MET 2  
3  1 Y 1 A ALA -2 ? A ALA 3  
4  1 Y 1 A SER -1 ? A SER 4  
5  1 Y 1 A MET 0  ? A MET 5  
6  1 Y 1 A THR 1  ? A THR 6  
7  1 Y 1 A GLY 2  ? A GLY 7  
8  1 Y 1 A GLY 3  ? A GLY 8  
9  1 Y 1 A GLN 4  ? A GLN 9  
10 1 Y 1 A GLN 5  ? A GLN 10 
11 1 Y 1 A MET 6  ? A MET 11 
12 1 Y 1 A GLY 7  ? A GLY 12 
13 1 Y 1 A ARG 8  ? A ARG 13 
14 1 Y 1 A ARG 9  ? A ARG 14 
15 1 Y 1 A ARG 10 ? A ARG 15 
# 
loop_
_chem_comp_atom.comp_id 
_chem_comp_atom.atom_id 
_chem_comp_atom.type_symbol 
_chem_comp_atom.pdbx_aromatic_flag 
_chem_comp_atom.pdbx_stereo_config 
_chem_comp_atom.pdbx_ordinal 
ALA N    N N N 1   
ALA CA   C N S 2   
ALA C    C N N 3   
ALA O    O N N 4   
ALA CB   C N N 5   
ALA OXT  O N N 6   
ALA H    H N N 7   
ALA H2   H N N 8   
ALA HA   H N N 9   
ALA HB1  H N N 10  
ALA HB2  H N N 11  
ALA HB3  H N N 12  
ALA HXT  H N N 13  
ARG N    N N N 14  
ARG CA   C N S 15  
ARG C    C N N 16  
ARG O    O N N 17  
ARG CB   C N N 18  
ARG CG   C N N 19  
ARG CD   C N N 20  
ARG NE   N N N 21  
ARG CZ   C N N 22  
ARG NH1  N N N 23  
ARG NH2  N N N 24  
ARG OXT  O N N 25  
ARG H    H N N 26  
ARG H2   H N N 27  
ARG HA   H N N 28  
ARG HB2  H N N 29  
ARG HB3  H N N 30  
ARG HG2  H N N 31  
ARG HG3  H N N 32  
ARG HD2  H N N 33  
ARG HD3  H N N 34  
ARG HE   H N N 35  
ARG HH11 H N N 36  
ARG HH12 H N N 37  
ARG HH21 H N N 38  
ARG HH22 H N N 39  
ARG HXT  H N N 40  
ASN N    N N N 41  
ASN CA   C N S 42  
ASN C    C N N 43  
ASN O    O N N 44  
ASN CB   C N N 45  
ASN CG   C N N 46  
ASN OD1  O N N 47  
ASN ND2  N N N 48  
ASN OXT  O N N 49  
ASN H    H N N 50  
ASN H2   H N N 51  
ASN HA   H N N 52  
ASN HB2  H N N 53  
ASN HB3  H N N 54  
ASN HD21 H N N 55  
ASN HD22 H N N 56  
ASN HXT  H N N 57  
ASP N    N N N 58  
ASP CA   C N S 59  
ASP C    C N N 60  
ASP O    O N N 61  
ASP CB   C N N 62  
ASP CG   C N N 63  
ASP OD1  O N N 64  
ASP OD2  O N N 65  
ASP OXT  O N N 66  
ASP H    H N N 67  
ASP H2   H N N 68  
ASP HA   H N N 69  
ASP HB2  H N N 70  
ASP HB3  H N N 71  
ASP HD2  H N N 72  
ASP HXT  H N N 73  
GLN N    N N N 74  
GLN CA   C N S 75  
GLN C    C N N 76  
GLN O    O N N 77  
GLN CB   C N N 78  
GLN CG   C N N 79  
GLN CD   C N N 80  
GLN OE1  O N N 81  
GLN NE2  N N N 82  
GLN OXT  O N N 83  
GLN H    H N N 84  
GLN H2   H N N 85  
GLN HA   H N N 86  
GLN HB2  H N N 87  
GLN HB3  H N N 88  
GLN HG2  H N N 89  
GLN HG3  H N N 90  
GLN HE21 H N N 91  
GLN HE22 H N N 92  
GLN HXT  H N N 93  
GLU N    N N N 94  
GLU CA   C N S 95  
GLU C    C N N 96  
GLU O    O N N 97  
GLU CB   C N N 98  
GLU CG   C N N 99  
GLU CD   C N N 100 
GLU OE1  O N N 101 
GLU OE2  O N N 102 
GLU OXT  O N N 103 
GLU H    H N N 104 
GLU H2   H N N 105 
GLU HA   H N N 106 
GLU HB2  H N N 107 
GLU HB3  H N N 108 
GLU HG2  H N N 109 
GLU HG3  H N N 110 
GLU HE2  H N N 111 
GLU HXT  H N N 112 
GLY N    N N N 113 
GLY CA   C N N 114 
GLY C    C N N 115 
GLY O    O N N 116 
GLY OXT  O N N 117 
GLY H    H N N 118 
GLY H2   H N N 119 
GLY HA2  H N N 120 
GLY HA3  H N N 121 
GLY HXT  H N N 122 
HIS N    N N N 123 
HIS CA   C N S 124 
HIS C    C N N 125 
HIS O    O N N 126 
HIS CB   C N N 127 
HIS CG   C Y N 128 
HIS ND1  N Y N 129 
HIS CD2  C Y N 130 
HIS CE1  C Y N 131 
HIS NE2  N Y N 132 
HIS OXT  O N N 133 
HIS H    H N N 134 
HIS H2   H N N 135 
HIS HA   H N N 136 
HIS HB2  H N N 137 
HIS HB3  H N N 138 
HIS HD1  H N N 139 
HIS HD2  H N N 140 
HIS HE1  H N N 141 
HIS HE2  H N N 142 
HIS HXT  H N N 143 
HOH O    O N N 144 
HOH H1   H N N 145 
HOH H2   H N N 146 
ILE N    N N N 147 
ILE CA   C N S 148 
ILE C    C N N 149 
ILE O    O N N 150 
ILE CB   C N S 151 
ILE CG1  C N N 152 
ILE CG2  C N N 153 
ILE CD1  C N N 154 
ILE OXT  O N N 155 
ILE H    H N N 156 
ILE H2   H N N 157 
ILE HA   H N N 158 
ILE HB   H N N 159 
ILE HG12 H N N 160 
ILE HG13 H N N 161 
ILE HG21 H N N 162 
ILE HG22 H N N 163 
ILE HG23 H N N 164 
ILE HD11 H N N 165 
ILE HD12 H N N 166 
ILE HD13 H N N 167 
ILE HXT  H N N 168 
LEU N    N N N 169 
LEU CA   C N S 170 
LEU C    C N N 171 
LEU O    O N N 172 
LEU CB   C N N 173 
LEU CG   C N N 174 
LEU CD1  C N N 175 
LEU CD2  C N N 176 
LEU OXT  O N N 177 
LEU H    H N N 178 
LEU H2   H N N 179 
LEU HA   H N N 180 
LEU HB2  H N N 181 
LEU HB3  H N N 182 
LEU HG   H N N 183 
LEU HD11 H N N 184 
LEU HD12 H N N 185 
LEU HD13 H N N 186 
LEU HD21 H N N 187 
LEU HD22 H N N 188 
LEU HD23 H N N 189 
LEU HXT  H N N 190 
LYS N    N N N 191 
LYS CA   C N S 192 
LYS C    C N N 193 
LYS O    O N N 194 
LYS CB   C N N 195 
LYS CG   C N N 196 
LYS CD   C N N 197 
LYS CE   C N N 198 
LYS NZ   N N N 199 
LYS OXT  O N N 200 
LYS H    H N N 201 
LYS H2   H N N 202 
LYS HA   H N N 203 
LYS HB2  H N N 204 
LYS HB3  H N N 205 
LYS HG2  H N N 206 
LYS HG3  H N N 207 
LYS HD2  H N N 208 
LYS HD3  H N N 209 
LYS HE2  H N N 210 
LYS HE3  H N N 211 
LYS HZ1  H N N 212 
LYS HZ2  H N N 213 
LYS HZ3  H N N 214 
LYS HXT  H N N 215 
MET N    N N N 216 
MET CA   C N S 217 
MET C    C N N 218 
MET O    O N N 219 
MET CB   C N N 220 
MET CG   C N N 221 
MET SD   S N N 222 
MET CE   C N N 223 
MET OXT  O N N 224 
MET H    H N N 225 
MET H2   H N N 226 
MET HA   H N N 227 
MET HB2  H N N 228 
MET HB3  H N N 229 
MET HG2  H N N 230 
MET HG3  H N N 231 
MET HE1  H N N 232 
MET HE2  H N N 233 
MET HE3  H N N 234 
MET HXT  H N N 235 
PHE N    N N N 236 
PHE CA   C N S 237 
PHE C    C N N 238 
PHE O    O N N 239 
PHE CB   C N N 240 
PHE CG   C Y N 241 
PHE CD1  C Y N 242 
PHE CD2  C Y N 243 
PHE CE1  C Y N 244 
PHE CE2  C Y N 245 
PHE CZ   C Y N 246 
PHE OXT  O N N 247 
PHE H    H N N 248 
PHE H2   H N N 249 
PHE HA   H N N 250 
PHE HB2  H N N 251 
PHE HB3  H N N 252 
PHE HD1  H N N 253 
PHE HD2  H N N 254 
PHE HE1  H N N 255 
PHE HE2  H N N 256 
PHE HZ   H N N 257 
PHE HXT  H N N 258 
PRO N    N N N 259 
PRO CA   C N S 260 
PRO C    C N N 261 
PRO O    O N N 262 
PRO CB   C N N 263 
PRO CG   C N N 264 
PRO CD   C N N 265 
PRO OXT  O N N 266 
PRO H    H N N 267 
PRO HA   H N N 268 
PRO HB2  H N N 269 
PRO HB3  H N N 270 
PRO HG2  H N N 271 
PRO HG3  H N N 272 
PRO HD2  H N N 273 
PRO HD3  H N N 274 
PRO HXT  H N N 275 
SER N    N N N 276 
SER CA   C N S 277 
SER C    C N N 278 
SER O    O N N 279 
SER CB   C N N 280 
SER OG   O N N 281 
SER OXT  O N N 282 
SER H    H N N 283 
SER H2   H N N 284 
SER HA   H N N 285 
SER HB2  H N N 286 
SER HB3  H N N 287 
SER HG   H N N 288 
SER HXT  H N N 289 
THR N    N N N 290 
THR CA   C N S 291 
THR C    C N N 292 
THR O    O N N 293 
THR CB   C N R 294 
THR OG1  O N N 295 
THR CG2  C N N 296 
THR OXT  O N N 297 
THR H    H N N 298 
THR H2   H N N 299 
THR HA   H N N 300 
THR HB   H N N 301 
THR HG1  H N N 302 
THR HG21 H N N 303 
THR HG22 H N N 304 
THR HG23 H N N 305 
THR HXT  H N N 306 
TRP N    N N N 307 
TRP CA   C N S 308 
TRP C    C N N 309 
TRP O    O N N 310 
TRP CB   C N N 311 
TRP CG   C Y N 312 
TRP CD1  C Y N 313 
TRP CD2  C Y N 314 
TRP NE1  N Y N 315 
TRP CE2  C Y N 316 
TRP CE3  C Y N 317 
TRP CZ2  C Y N 318 
TRP CZ3  C Y N 319 
TRP CH2  C Y N 320 
TRP OXT  O N N 321 
TRP H    H N N 322 
TRP H2   H N N 323 
TRP HA   H N N 324 
TRP HB2  H N N 325 
TRP HB3  H N N 326 
TRP HD1  H N N 327 
TRP HE1  H N N 328 
TRP HE3  H N N 329 
TRP HZ2  H N N 330 
TRP HZ3  H N N 331 
TRP HH2  H N N 332 
TRP HXT  H N N 333 
TYR N    N N N 334 
TYR CA   C N S 335 
TYR C    C N N 336 
TYR O    O N N 337 
TYR CB   C N N 338 
TYR CG   C Y N 339 
TYR CD1  C Y N 340 
TYR CD2  C Y N 341 
TYR CE1  C Y N 342 
TYR CE2  C Y N 343 
TYR CZ   C Y N 344 
TYR OH   O N N 345 
TYR OXT  O N N 346 
TYR H    H N N 347 
TYR H2   H N N 348 
TYR HA   H N N 349 
TYR HB2  H N N 350 
TYR HB3  H N N 351 
TYR HD1  H N N 352 
TYR HD2  H N N 353 
TYR HE1  H N N 354 
TYR HE2  H N N 355 
TYR HH   H N N 356 
TYR HXT  H N N 357 
VAL N    N N N 358 
VAL CA   C N S 359 
VAL C    C N N 360 
VAL O    O N N 361 
VAL CB   C N N 362 
VAL CG1  C N N 363 
VAL CG2  C N N 364 
VAL OXT  O N N 365 
VAL H    H N N 366 
VAL H2   H N N 367 
VAL HA   H N N 368 
VAL HB   H N N 369 
VAL HG11 H N N 370 
VAL HG12 H N N 371 
VAL HG13 H N N 372 
VAL HG21 H N N 373 
VAL HG22 H N N 374 
VAL HG23 H N N 375 
VAL HXT  H N N 376 
# 
loop_
_chem_comp_bond.comp_id 
_chem_comp_bond.atom_id_1 
_chem_comp_bond.atom_id_2 
_chem_comp_bond.value_order 
_chem_comp_bond.pdbx_aromatic_flag 
_chem_comp_bond.pdbx_stereo_config 
_chem_comp_bond.pdbx_ordinal 
ALA N   CA   sing N N 1   
ALA N   H    sing N N 2   
ALA N   H2   sing N N 3   
ALA CA  C    sing N N 4   
ALA CA  CB   sing N N 5   
ALA CA  HA   sing N N 6   
ALA C   O    doub N N 7   
ALA C   OXT  sing N N 8   
ALA CB  HB1  sing N N 9   
ALA CB  HB2  sing N N 10  
ALA CB  HB3  sing N N 11  
ALA OXT HXT  sing N N 12  
ARG N   CA   sing N N 13  
ARG N   H    sing N N 14  
ARG N   H2   sing N N 15  
ARG CA  C    sing N N 16  
ARG CA  CB   sing N N 17  
ARG CA  HA   sing N N 18  
ARG C   O    doub N N 19  
ARG C   OXT  sing N N 20  
ARG CB  CG   sing N N 21  
ARG CB  HB2  sing N N 22  
ARG CB  HB3  sing N N 23  
ARG CG  CD   sing N N 24  
ARG CG  HG2  sing N N 25  
ARG CG  HG3  sing N N 26  
ARG CD  NE   sing N N 27  
ARG CD  HD2  sing N N 28  
ARG CD  HD3  sing N N 29  
ARG NE  CZ   sing N N 30  
ARG NE  HE   sing N N 31  
ARG CZ  NH1  sing N N 32  
ARG CZ  NH2  doub N N 33  
ARG NH1 HH11 sing N N 34  
ARG NH1 HH12 sing N N 35  
ARG NH2 HH21 sing N N 36  
ARG NH2 HH22 sing N N 37  
ARG OXT HXT  sing N N 38  
ASN N   CA   sing N N 39  
ASN N   H    sing N N 40  
ASN N   H2   sing N N 41  
ASN CA  C    sing N N 42  
ASN CA  CB   sing N N 43  
ASN CA  HA   sing N N 44  
ASN C   O    doub N N 45  
ASN C   OXT  sing N N 46  
ASN CB  CG   sing N N 47  
ASN CB  HB2  sing N N 48  
ASN CB  HB3  sing N N 49  
ASN CG  OD1  doub N N 50  
ASN CG  ND2  sing N N 51  
ASN ND2 HD21 sing N N 52  
ASN ND2 HD22 sing N N 53  
ASN OXT HXT  sing N N 54  
ASP N   CA   sing N N 55  
ASP N   H    sing N N 56  
ASP N   H2   sing N N 57  
ASP CA  C    sing N N 58  
ASP CA  CB   sing N N 59  
ASP CA  HA   sing N N 60  
ASP C   O    doub N N 61  
ASP C   OXT  sing N N 62  
ASP CB  CG   sing N N 63  
ASP CB  HB2  sing N N 64  
ASP CB  HB3  sing N N 65  
ASP CG  OD1  doub N N 66  
ASP CG  OD2  sing N N 67  
ASP OD2 HD2  sing N N 68  
ASP OXT HXT  sing N N 69  
GLN N   CA   sing N N 70  
GLN N   H    sing N N 71  
GLN N   H2   sing N N 72  
GLN CA  C    sing N N 73  
GLN CA  CB   sing N N 74  
GLN CA  HA   sing N N 75  
GLN C   O    doub N N 76  
GLN C   OXT  sing N N 77  
GLN CB  CG   sing N N 78  
GLN CB  HB2  sing N N 79  
GLN CB  HB3  sing N N 80  
GLN CG  CD   sing N N 81  
GLN CG  HG2  sing N N 82  
GLN CG  HG3  sing N N 83  
GLN CD  OE1  doub N N 84  
GLN CD  NE2  sing N N 85  
GLN NE2 HE21 sing N N 86  
GLN NE2 HE22 sing N N 87  
GLN OXT HXT  sing N N 88  
GLU N   CA   sing N N 89  
GLU N   H    sing N N 90  
GLU N   H2   sing N N 91  
GLU CA  C    sing N N 92  
GLU CA  CB   sing N N 93  
GLU CA  HA   sing N N 94  
GLU C   O    doub N N 95  
GLU C   OXT  sing N N 96  
GLU CB  CG   sing N N 97  
GLU CB  HB2  sing N N 98  
GLU CB  HB3  sing N N 99  
GLU CG  CD   sing N N 100 
GLU CG  HG2  sing N N 101 
GLU CG  HG3  sing N N 102 
GLU CD  OE1  doub N N 103 
GLU CD  OE2  sing N N 104 
GLU OE2 HE2  sing N N 105 
GLU OXT HXT  sing N N 106 
GLY N   CA   sing N N 107 
GLY N   H    sing N N 108 
GLY N   H2   sing N N 109 
GLY CA  C    sing N N 110 
GLY CA  HA2  sing N N 111 
GLY CA  HA3  sing N N 112 
GLY C   O    doub N N 113 
GLY C   OXT  sing N N 114 
GLY OXT HXT  sing N N 115 
HIS N   CA   sing N N 116 
HIS N   H    sing N N 117 
HIS N   H2   sing N N 118 
HIS CA  C    sing N N 119 
HIS CA  CB   sing N N 120 
HIS CA  HA   sing N N 121 
HIS C   O    doub N N 122 
HIS C   OXT  sing N N 123 
HIS CB  CG   sing N N 124 
HIS CB  HB2  sing N N 125 
HIS CB  HB3  sing N N 126 
HIS CG  ND1  sing Y N 127 
HIS CG  CD2  doub Y N 128 
HIS ND1 CE1  doub Y N 129 
HIS ND1 HD1  sing N N 130 
HIS CD2 NE2  sing Y N 131 
HIS CD2 HD2  sing N N 132 
HIS CE1 NE2  sing Y N 133 
HIS CE1 HE1  sing N N 134 
HIS NE2 HE2  sing N N 135 
HIS OXT HXT  sing N N 136 
HOH O   H1   sing N N 137 
HOH O   H2   sing N N 138 
ILE N   CA   sing N N 139 
ILE N   H    sing N N 140 
ILE N   H2   sing N N 141 
ILE CA  C    sing N N 142 
ILE CA  CB   sing N N 143 
ILE CA  HA   sing N N 144 
ILE C   O    doub N N 145 
ILE C   OXT  sing N N 146 
ILE CB  CG1  sing N N 147 
ILE CB  CG2  sing N N 148 
ILE CB  HB   sing N N 149 
ILE CG1 CD1  sing N N 150 
ILE CG1 HG12 sing N N 151 
ILE CG1 HG13 sing N N 152 
ILE CG2 HG21 sing N N 153 
ILE CG2 HG22 sing N N 154 
ILE CG2 HG23 sing N N 155 
ILE CD1 HD11 sing N N 156 
ILE CD1 HD12 sing N N 157 
ILE CD1 HD13 sing N N 158 
ILE OXT HXT  sing N N 159 
LEU N   CA   sing N N 160 
LEU N   H    sing N N 161 
LEU N   H2   sing N N 162 
LEU CA  C    sing N N 163 
LEU CA  CB   sing N N 164 
LEU CA  HA   sing N N 165 
LEU C   O    doub N N 166 
LEU C   OXT  sing N N 167 
LEU CB  CG   sing N N 168 
LEU CB  HB2  sing N N 169 
LEU CB  HB3  sing N N 170 
LEU CG  CD1  sing N N 171 
LEU CG  CD2  sing N N 172 
LEU CG  HG   sing N N 173 
LEU CD1 HD11 sing N N 174 
LEU CD1 HD12 sing N N 175 
LEU CD1 HD13 sing N N 176 
LEU CD2 HD21 sing N N 177 
LEU CD2 HD22 sing N N 178 
LEU CD2 HD23 sing N N 179 
LEU OXT HXT  sing N N 180 
LYS N   CA   sing N N 181 
LYS N   H    sing N N 182 
LYS N   H2   sing N N 183 
LYS CA  C    sing N N 184 
LYS CA  CB   sing N N 185 
LYS CA  HA   sing N N 186 
LYS C   O    doub N N 187 
LYS C   OXT  sing N N 188 
LYS CB  CG   sing N N 189 
LYS CB  HB2  sing N N 190 
LYS CB  HB3  sing N N 191 
LYS CG  CD   sing N N 192 
LYS CG  HG2  sing N N 193 
LYS CG  HG3  sing N N 194 
LYS CD  CE   sing N N 195 
LYS CD  HD2  sing N N 196 
LYS CD  HD3  sing N N 197 
LYS CE  NZ   sing N N 198 
LYS CE  HE2  sing N N 199 
LYS CE  HE3  sing N N 200 
LYS NZ  HZ1  sing N N 201 
LYS NZ  HZ2  sing N N 202 
LYS NZ  HZ3  sing N N 203 
LYS OXT HXT  sing N N 204 
MET N   CA   sing N N 205 
MET N   H    sing N N 206 
MET N   H2   sing N N 207 
MET CA  C    sing N N 208 
MET CA  CB   sing N N 209 
MET CA  HA   sing N N 210 
MET C   O    doub N N 211 
MET C   OXT  sing N N 212 
MET CB  CG   sing N N 213 
MET CB  HB2  sing N N 214 
MET CB  HB3  sing N N 215 
MET CG  SD   sing N N 216 
MET CG  HG2  sing N N 217 
MET CG  HG3  sing N N 218 
MET SD  CE   sing N N 219 
MET CE  HE1  sing N N 220 
MET CE  HE2  sing N N 221 
MET CE  HE3  sing N N 222 
MET OXT HXT  sing N N 223 
PHE N   CA   sing N N 224 
PHE N   H    sing N N 225 
PHE N   H2   sing N N 226 
PHE CA  C    sing N N 227 
PHE CA  CB   sing N N 228 
PHE CA  HA   sing N N 229 
PHE C   O    doub N N 230 
PHE C   OXT  sing N N 231 
PHE CB  CG   sing N N 232 
PHE CB  HB2  sing N N 233 
PHE CB  HB3  sing N N 234 
PHE CG  CD1  doub Y N 235 
PHE CG  CD2  sing Y N 236 
PHE CD1 CE1  sing Y N 237 
PHE CD1 HD1  sing N N 238 
PHE CD2 CE2  doub Y N 239 
PHE CD2 HD2  sing N N 240 
PHE CE1 CZ   doub Y N 241 
PHE CE1 HE1  sing N N 242 
PHE CE2 CZ   sing Y N 243 
PHE CE2 HE2  sing N N 244 
PHE CZ  HZ   sing N N 245 
PHE OXT HXT  sing N N 246 
PRO N   CA   sing N N 247 
PRO N   CD   sing N N 248 
PRO N   H    sing N N 249 
PRO CA  C    sing N N 250 
PRO CA  CB   sing N N 251 
PRO CA  HA   sing N N 252 
PRO C   O    doub N N 253 
PRO C   OXT  sing N N 254 
PRO CB  CG   sing N N 255 
PRO CB  HB2  sing N N 256 
PRO CB  HB3  sing N N 257 
PRO CG  CD   sing N N 258 
PRO CG  HG2  sing N N 259 
PRO CG  HG3  sing N N 260 
PRO CD  HD2  sing N N 261 
PRO CD  HD3  sing N N 262 
PRO OXT HXT  sing N N 263 
SER N   CA   sing N N 264 
SER N   H    sing N N 265 
SER N   H2   sing N N 266 
SER CA  C    sing N N 267 
SER CA  CB   sing N N 268 
SER CA  HA   sing N N 269 
SER C   O    doub N N 270 
SER C   OXT  sing N N 271 
SER CB  OG   sing N N 272 
SER CB  HB2  sing N N 273 
SER CB  HB3  sing N N 274 
SER OG  HG   sing N N 275 
SER OXT HXT  sing N N 276 
THR N   CA   sing N N 277 
THR N   H    sing N N 278 
THR N   H2   sing N N 279 
THR CA  C    sing N N 280 
THR CA  CB   sing N N 281 
THR CA  HA   sing N N 282 
THR C   O    doub N N 283 
THR C   OXT  sing N N 284 
THR CB  OG1  sing N N 285 
THR CB  CG2  sing N N 286 
THR CB  HB   sing N N 287 
THR OG1 HG1  sing N N 288 
THR CG2 HG21 sing N N 289 
THR CG2 HG22 sing N N 290 
THR CG2 HG23 sing N N 291 
THR OXT HXT  sing N N 292 
TRP N   CA   sing N N 293 
TRP N   H    sing N N 294 
TRP N   H2   sing N N 295 
TRP CA  C    sing N N 296 
TRP CA  CB   sing N N 297 
TRP CA  HA   sing N N 298 
TRP C   O    doub N N 299 
TRP C   OXT  sing N N 300 
TRP CB  CG   sing N N 301 
TRP CB  HB2  sing N N 302 
TRP CB  HB3  sing N N 303 
TRP CG  CD1  doub Y N 304 
TRP CG  CD2  sing Y N 305 
TRP CD1 NE1  sing Y N 306 
TRP CD1 HD1  sing N N 307 
TRP CD2 CE2  doub Y N 308 
TRP CD2 CE3  sing Y N 309 
TRP NE1 CE2  sing Y N 310 
TRP NE1 HE1  sing N N 311 
TRP CE2 CZ2  sing Y N 312 
TRP CE3 CZ3  doub Y N 313 
TRP CE3 HE3  sing N N 314 
TRP CZ2 CH2  doub Y N 315 
TRP CZ2 HZ2  sing N N 316 
TRP CZ3 CH2  sing Y N 317 
TRP CZ3 HZ3  sing N N 318 
TRP CH2 HH2  sing N N 319 
TRP OXT HXT  sing N N 320 
TYR N   CA   sing N N 321 
TYR N   H    sing N N 322 
TYR N   H2   sing N N 323 
TYR CA  C    sing N N 324 
TYR CA  CB   sing N N 325 
TYR CA  HA   sing N N 326 
TYR C   O    doub N N 327 
TYR C   OXT  sing N N 328 
TYR CB  CG   sing N N 329 
TYR CB  HB2  sing N N 330 
TYR CB  HB3  sing N N 331 
TYR CG  CD1  doub Y N 332 
TYR CG  CD2  sing Y N 333 
TYR CD1 CE1  sing Y N 334 
TYR CD1 HD1  sing N N 335 
TYR CD2 CE2  doub Y N 336 
TYR CD2 HD2  sing N N 337 
TYR CE1 CZ   doub Y N 338 
TYR CE1 HE1  sing N N 339 
TYR CE2 CZ   sing Y N 340 
TYR CE2 HE2  sing N N 341 
TYR CZ  OH   sing N N 342 
TYR OH  HH   sing N N 343 
TYR OXT HXT  sing N N 344 
VAL N   CA   sing N N 345 
VAL N   H    sing N N 346 
VAL N   H2   sing N N 347 
VAL CA  C    sing N N 348 
VAL CA  CB   sing N N 349 
VAL CA  HA   sing N N 350 
VAL C   O    doub N N 351 
VAL C   OXT  sing N N 352 
VAL CB  CG1  sing N N 353 
VAL CB  CG2  sing N N 354 
VAL CB  HB   sing N N 355 
VAL CG1 HG11 sing N N 356 
VAL CG1 HG12 sing N N 357 
VAL CG1 HG13 sing N N 358 
VAL CG2 HG21 sing N N 359 
VAL CG2 HG22 sing N N 360 
VAL CG2 HG23 sing N N 361 
VAL OXT HXT  sing N N 362 
# 
_atom_sites.entry_id                    4JKZ 
_atom_sites.fract_transf_matrix[1][1]   0.00507490 
_atom_sites.fract_transf_matrix[1][2]   -0.00922876 
_atom_sites.fract_transf_matrix[1][3]   -0.01355280 
_atom_sites.fract_transf_matrix[2][1]   0.00802680 
_atom_sites.fract_transf_matrix[2][2]   0.00062804 
_atom_sites.fract_transf_matrix[2][3]   0.00257801 
_atom_sites.fract_transf_matrix[3][1]   -0.00210672 
_atom_sites.fract_transf_matrix[3][2]   -0.01680242 
_atom_sites.fract_transf_matrix[3][3]   0.01065272 
_atom_sites.fract_transf_vector[1]      -0.315685 
_atom_sites.fract_transf_vector[2]      -0.154255 
_atom_sites.fract_transf_vector[3]      0.231715 
# 
loop_
_atom_type.symbol 
C 
N 
O 
S 
# 
loop_
_atom_site.group_PDB 
_atom_site.id 
_atom_site.type_symbol 
_atom_site.label_atom_id 
_atom_site.label_alt_id 
_atom_site.label_comp_id 
_atom_site.label_asym_id 
_atom_site.label_entity_id 
_atom_site.label_seq_id 
_atom_site.pdbx_PDB_ins_code 
_atom_site.Cartn_x 
_atom_site.Cartn_y 
_atom_site.Cartn_z 
_atom_site.occupancy 
_atom_site.B_iso_or_equiv 
_atom_site.pdbx_formal_charge 
_atom_site.auth_seq_id 
_atom_site.auth_comp_id 
_atom_site.auth_asym_id 
_atom_site.auth_atom_id 
_atom_site.pdbx_PDB_model_num 
ATOM   1    N N   . SER A 1 16  ? 30.252  5.601   -3.345  1.00 58.20 ? 11  SER A N   1 
ATOM   2    C CA  . SER A 1 16  ? 30.772  5.923   -4.668  1.00 57.14 ? 11  SER A CA  1 
ATOM   3    C C   . SER A 1 16  ? 29.642  6.241   -5.636  1.00 60.10 ? 11  SER A C   1 
ATOM   4    O O   . SER A 1 16  ? 29.099  7.347   -5.620  1.00 60.02 ? 11  SER A O   1 
ATOM   5    C CB  . SER A 1 16  ? 31.631  4.775   -5.211  1.00 59.02 ? 11  SER A CB  1 
ATOM   6    O OG  . SER A 1 16  ? 31.214  3.518   -4.700  1.00 56.70 ? 11  SER A OG  1 
ATOM   7    N N   . GLU A 1 17  ? 29.306  5.271   -6.482  1.00 61.44 ? 12  GLU A N   1 
ATOM   8    C CA  . GLU A 1 17  ? 28.231  5.401   -7.461  1.00 58.83 ? 12  GLU A CA  1 
ATOM   9    C C   . GLU A 1 17  ? 27.564  4.044   -7.637  1.00 56.44 ? 12  GLU A C   1 
ATOM   10   O O   . GLU A 1 17  ? 26.479  3.933   -8.214  1.00 60.81 ? 12  GLU A O   1 
ATOM   11   C CB  . GLU A 1 17  ? 28.775  5.887   -8.811  1.00 66.11 ? 12  GLU A CB  1 
ATOM   12   C CG  . GLU A 1 17  ? 29.451  7.256   -8.780  1.00 63.79 ? 12  GLU A CG  1 
ATOM   13   C CD  . GLU A 1 17  ? 29.461  7.934   -10.133 1.00 66.51 ? 12  GLU A CD  1 
ATOM   14   O OE1 . GLU A 1 17  ? 30.328  7.587   -10.965 1.00 71.92 ? 12  GLU A OE1 1 
ATOM   15   O OE2 . GLU A 1 17  ? 28.599  8.811   -10.367 1.00 63.33 ? 12  GLU A OE2 1 
ATOM   16   N N   . LYS A 1 18  ? 28.238  3.016   -7.131  1.00 52.18 ? 13  LYS A N   1 
ATOM   17   C CA  . LYS A 1 18  ? 27.774  1.639   -7.218  1.00 50.80 ? 13  LYS A CA  1 
ATOM   18   C C   . LYS A 1 18  ? 27.474  1.109   -5.822  1.00 50.33 ? 13  LYS A C   1 
ATOM   19   O O   . LYS A 1 18  ? 26.876  0.042   -5.666  1.00 48.09 ? 13  LYS A O   1 
ATOM   20   C CB  . LYS A 1 18  ? 28.852  0.757   -7.852  1.00 54.47 ? 13  LYS A CB  1 
ATOM   21   C CG  . LYS A 1 18  ? 29.861  0.222   -6.837  1.00 52.14 ? 13  LYS A CG  1 
ATOM   22   C CD  . LYS A 1 18  ? 30.860  -0.741  -7.461  1.00 55.30 ? 13  LYS A CD  1 
ATOM   23   C CE  . LYS A 1 18  ? 30.823  -2.103  -6.767  1.00 57.72 ? 13  LYS A CE  1 
ATOM   24   N NZ  . LYS A 1 18  ? 32.173  -2.737  -6.682  1.00 57.44 ? 13  LYS A NZ  1 
ATOM   25   N N   . SER A 1 19  ? 27.923  1.841   -4.806  1.00 48.78 ? 14  SER A N   1 
ATOM   26   C CA  . SER A 1 19  ? 27.657  1.475   -3.422  1.00 45.12 ? 14  SER A CA  1 
ATOM   27   C C   . SER A 1 19  ? 26.153  1.585   -3.170  1.00 43.54 ? 14  SER A C   1 
ATOM   28   O O   . SER A 1 19  ? 25.560  0.760   -2.461  1.00 41.02 ? 14  SER A O   1 
ATOM   29   C CB  . SER A 1 19  ? 28.416  2.416   -2.486  1.00 48.05 ? 14  SER A CB  1 
ATOM   30   O OG  . SER A 1 19  ? 28.982  1.718   -1.394  1.00 51.35 ? 14  SER A OG  1 
ATOM   31   N N   . ARG A 1 20  ? 25.552  2.616   -3.763  1.00 40.43 ? 15  ARG A N   1 
ATOM   32   C CA  . ARG A 1 20  ? 24.114  2.857   -3.661  1.00 39.92 ? 15  ARG A CA  1 
ATOM   33   C C   . ARG A 1 20  ? 23.356  1.672   -4.258  1.00 41.61 ? 15  ARG A C   1 
ATOM   34   O O   . ARG A 1 20  ? 22.477  1.098   -3.613  1.00 37.04 ? 15  ARG A O   1 
ATOM   35   C CB  . ARG A 1 20  ? 23.741  4.154   -4.391  1.00 38.04 ? 15  ARG A CB  1 
ATOM   36   C CG  . ARG A 1 20  ? 22.453  4.812   -3.893  1.00 36.95 ? 15  ARG A CG  1 
ATOM   37   C CD  . ARG A 1 20  ? 21.989  5.940   -4.808  1.00 41.69 ? 15  ARG A CD  1 
ATOM   38   N NE  . ARG A 1 20  ? 21.237  5.413   -5.941  1.00 54.92 ? 15  ARG A NE  1 
ATOM   39   C CZ  . ARG A 1 20  ? 19.908  5.345   -5.991  1.00 46.64 ? 15  ARG A CZ  1 
ATOM   40   N NH1 . ARG A 1 20  ? 19.166  5.791   -4.977  1.00 41.12 ? 15  ARG A NH1 1 
ATOM   41   N NH2 . ARG A 1 20  ? 19.321  4.842   -7.067  1.00 48.47 ? 15  ARG A NH2 1 
ATOM   42   N N   . VAL A 1 21  ? 23.725  1.310   -5.486  1.00 43.57 ? 16  VAL A N   1 
ATOM   43   C CA  . VAL A 1 21  ? 23.150  0.163   -6.189  1.00 43.61 ? 16  VAL A CA  1 
ATOM   44   C C   . VAL A 1 21  ? 23.221  -1.121  -5.353  1.00 39.76 ? 16  VAL A C   1 
ATOM   45   O O   . VAL A 1 21  ? 22.256  -1.882  -5.276  1.00 41.49 ? 16  VAL A O   1 
ATOM   46   C CB  . VAL A 1 21  ? 23.857  -0.055  -7.548  1.00 46.13 ? 16  VAL A CB  1 
ATOM   47   C CG1 . VAL A 1 21  ? 23.297  -1.271  -8.253  1.00 45.28 ? 16  VAL A CG1 1 
ATOM   48   C CG2 . VAL A 1 21  ? 23.715  1.185   -8.432  1.00 40.45 ? 16  VAL A CG2 1 
ATOM   49   N N   . ALA A 1 22  ? 24.363  -1.348  -4.712  1.00 40.35 ? 17  ALA A N   1 
ATOM   50   C CA  . ALA A 1 22  ? 24.547  -2.532  -3.874  1.00 41.09 ? 17  ALA A CA  1 
ATOM   51   C C   . ALA A 1 22  ? 23.578  -2.575  -2.689  1.00 36.61 ? 17  ALA A C   1 
ATOM   52   O O   . ALA A 1 22  ? 23.109  -3.649  -2.299  1.00 33.57 ? 17  ALA A O   1 
ATOM   53   C CB  . ALA A 1 22  ? 25.965  -2.600  -3.378  1.00 38.47 ? 17  ALA A CB  1 
ATOM   54   N N   . ILE A 1 23  ? 23.308  -1.408  -2.105  1.00 35.25 ? 18  ILE A N   1 
ATOM   55   C CA  . ILE A 1 23  ? 22.348  -1.298  -1.009  1.00 34.07 ? 18  ILE A CA  1 
ATOM   56   C C   . ILE A 1 23  ? 20.929  -1.566  -1.523  1.00 33.47 ? 18  ILE A C   1 
ATOM   57   O O   . ILE A 1 23  ? 20.166  -2.329  -0.911  1.00 35.07 ? 18  ILE A O   1 
ATOM   58   C CB  . ILE A 1 23  ? 22.431  0.098   -0.348  1.00 33.69 ? 18  ILE A CB  1 
ATOM   59   C CG1 . ILE A 1 23  ? 23.769  0.257   0.381   1.00 30.41 ? 18  ILE A CG1 1 
ATOM   60   C CG2 . ILE A 1 23  ? 21.281  0.318   0.621   1.00 29.36 ? 18  ILE A CG2 1 
ATOM   61   C CD1 . ILE A 1 23  ? 24.259  1.697   0.448   1.00 33.29 ? 18  ILE A CD1 1 
ATOM   62   N N   . VAL A 1 24  ? 20.577  -0.946  -2.649  1.00 32.95 ? 19  VAL A N   1 
ATOM   63   C CA  . VAL A 1 24  ? 19.264  -1.169  -3.262  1.00 34.71 ? 19  VAL A CA  1 
ATOM   64   C C   . VAL A 1 24  ? 19.080  -2.648  -3.599  1.00 37.98 ? 19  VAL A C   1 
ATOM   65   O O   . VAL A 1 24  ? 18.029  -3.240  -3.326  1.00 33.75 ? 19  VAL A O   1 
ATOM   66   C CB  . VAL A 1 24  ? 19.073  -0.308  -4.534  1.00 33.10 ? 19  VAL A CB  1 
ATOM   67   C CG1 . VAL A 1 24  ? 17.820  -0.736  -5.314  1.00 35.90 ? 19  VAL A CG1 1 
ATOM   68   C CG2 . VAL A 1 24  ? 18.994  1.170   -4.167  1.00 34.12 ? 19  VAL A CG2 1 
ATOM   69   N N   . GLU A 1 25  ? 20.112  -3.255  -4.177  1.00 39.17 ? 20  GLU A N   1 
ATOM   70   C CA  . GLU A 1 25  ? 20.034  -4.671  -4.527  1.00 40.83 ? 20  GLU A CA  1 
ATOM   71   C C   . GLU A 1 25  ? 20.026  -5.572  -3.291  1.00 36.17 ? 20  GLU A C   1 
ATOM   72   O O   . GLU A 1 25  ? 19.318  -6.579  -3.265  1.00 45.80 ? 20  GLU A O   1 
ATOM   73   C CB  . GLU A 1 25  ? 21.141  -5.057  -5.516  1.00 40.64 ? 20  GLU A CB  1 
ATOM   74   C CG  . GLU A 1 25  ? 21.029  -4.323  -6.850  1.00 44.11 ? 20  GLU A CG  1 
ATOM   75   C CD  . GLU A 1 25  ? 21.968  -4.869  -7.912  1.00 55.11 ? 20  GLU A CD  1 
ATOM   76   O OE1 . GLU A 1 25  ? 23.019  -5.444  -7.547  1.00 54.73 ? 20  GLU A OE1 1 
ATOM   77   O OE2 . GLU A 1 25  ? 21.649  -4.724  -9.114  1.00 57.88 ? 20  GLU A OE2 1 
ATOM   78   N N   . ALA A 1 26  ? 20.786  -5.210  -2.262  1.00 32.51 ? 21  ALA A N   1 
ATOM   79   C CA  . ALA A 1 26  ? 20.758  -5.960  -1.002  1.00 31.52 ? 21  ALA A CA  1 
ATOM   80   C C   . ALA A 1 26  ? 19.376  -5.901  -0.345  1.00 40.71 ? 21  ALA A C   1 
ATOM   81   O O   . ALA A 1 26  ? 18.875  -6.903  0.162   1.00 36.85 ? 21  ALA A O   1 
ATOM   82   C CB  . ALA A 1 26  ? 21.815  -5.453  -0.045  1.00 37.14 ? 21  ALA A CB  1 
ATOM   83   N N   . THR A 1 27  ? 18.774  -4.715  -0.347  1.00 37.90 ? 22  THR A N   1 
ATOM   84   C CA  . THR A 1 27  ? 17.435  -4.518  0.207   1.00 34.70 ? 22  THR A CA  1 
ATOM   85   C C   . THR A 1 27  ? 16.384  -5.356  -0.522  1.00 39.13 ? 22  THR A C   1 
ATOM   86   O O   . THR A 1 27  ? 15.560  -6.026  0.105   1.00 42.08 ? 22  THR A O   1 
ATOM   87   C CB  . THR A 1 27  ? 17.038  -3.031  0.128   1.00 31.67 ? 22  THR A CB  1 
ATOM   88   O OG1 . THR A 1 27  ? 17.916  -2.263  0.962   1.00 28.14 ? 22  THR A OG1 1 
ATOM   89   C CG2 . THR A 1 27  ? 15.562  -2.825  0.563   1.00 31.74 ? 22  THR A CG2 1 
ATOM   90   N N   . ARG A 1 28  ? 16.428  -5.305  -1.849  1.00 37.71 ? 23  ARG A N   1 
ATOM   91   C CA  . ARG A 1 28  ? 15.481  -5.998  -2.718  1.00 38.41 ? 23  ARG A CA  1 
ATOM   92   C C   . ARG A 1 28  ? 15.571  -7.524  -2.591  1.00 46.00 ? 23  ARG A C   1 
ATOM   93   O O   . ARG A 1 28  ? 14.550  -8.216  -2.570  1.00 44.79 ? 23  ARG A O   1 
ATOM   94   C CB  . ARG A 1 28  ? 15.723  -5.553  -4.165  1.00 38.21 ? 23  ARG A CB  1 
ATOM   95   C CG  . ARG A 1 28  ? 14.801  -6.146  -5.207  1.00 45.70 ? 23  ARG A CG  1 
ATOM   96   C CD  . ARG A 1 28  ? 14.797  -5.261  -6.450  1.00 52.49 ? 23  ARG A CD  1 
ATOM   97   N NE  . ARG A 1 28  ? 13.600  -4.419  -6.523  1.00 56.08 ? 23  ARG A NE  1 
ATOM   98   C CZ  . ARG A 1 28  ? 13.572  -3.185  -7.021  1.00 59.36 ? 23  ARG A CZ  1 
ATOM   99   N NH1 . ARG A 1 28  ? 14.684  -2.622  -7.487  1.00 56.21 ? 23  ARG A NH1 1 
ATOM   100  N NH2 . ARG A 1 28  ? 12.428  -2.506  -7.051  1.00 53.44 ? 23  ARG A NH2 1 
ATOM   101  N N   . ALA A 1 29  ? 16.794  -8.043  -2.503  1.00 44.22 ? 24  ALA A N   1 
ATOM   102  C CA  . ALA A 1 29  ? 17.000  -9.479  -2.313  1.00 50.19 ? 24  ALA A CA  1 
ATOM   103  C C   . ALA A 1 29  ? 16.566  -9.906  -0.914  1.00 48.00 ? 24  ALA A C   1 
ATOM   104  O O   . ALA A 1 29  ? 15.937  -10.949 -0.746  1.00 53.82 ? 24  ALA A O   1 
ATOM   105  C CB  . ALA A 1 29  ? 18.461  -9.853  -2.553  1.00 47.23 ? 24  ALA A CB  1 
ATOM   106  N N   . LEU A 1 30  ? 16.917  -9.094  0.083   1.00 47.52 ? 25  LEU A N   1 
ATOM   107  C CA  . LEU A 1 30  ? 16.549  -9.351  1.476   1.00 47.58 ? 25  LEU A CA  1 
ATOM   108  C C   . LEU A 1 30  ? 15.036  -9.336  1.666   1.00 50.35 ? 25  LEU A C   1 
ATOM   109  O O   . LEU A 1 30  ? 14.503  -10.016 2.548   1.00 53.68 ? 25  LEU A O   1 
ATOM   110  C CB  . LEU A 1 30  ? 17.192  -8.314  2.397   1.00 46.48 ? 25  LEU A CB  1 
ATOM   111  C CG  . LEU A 1 30  ? 18.581  -8.608  2.955   1.00 50.15 ? 25  LEU A CG  1 
ATOM   112  C CD1 . LEU A 1 30  ? 19.310  -7.337  3.388   1.00 41.87 ? 25  LEU A CD1 1 
ATOM   113  C CD2 . LEU A 1 30  ? 18.430  -9.544  4.124   1.00 56.89 ? 25  LEU A CD2 1 
ATOM   114  N N   . LEU A 1 31  ? 14.357  -8.542  0.843   1.00 47.08 ? 26  LEU A N   1 
ATOM   115  C CA  . LEU A 1 31  ? 12.898  -8.484  0.835   1.00 51.88 ? 26  LEU A CA  1 
ATOM   116  C C   . LEU A 1 31  ? 12.276  -9.811  0.397   1.00 53.20 ? 26  LEU A C   1 
ATOM   117  O O   . LEU A 1 31  ? 11.462  -10.384 1.120   1.00 55.43 ? 26  LEU A O   1 
ATOM   118  C CB  . LEU A 1 31  ? 12.409  -7.344  -0.060  1.00 45.89 ? 26  LEU A CB  1 
ATOM   119  C CG  . LEU A 1 31  ? 12.276  -5.984  0.629   1.00 49.21 ? 26  LEU A CG  1 
ATOM   120  C CD1 . LEU A 1 31  ? 11.936  -4.900  -0.377  1.00 40.56 ? 26  LEU A CD1 1 
ATOM   121  C CD2 . LEU A 1 31  ? 11.205  -6.059  1.704   1.00 47.27 ? 26  LEU A CD2 1 
ATOM   122  N N   . LEU A 1 32  ? 12.649  -10.298 -0.784  1.00 53.89 ? 27  LEU A N   1 
ATOM   123  C CA  . LEU A 1 32  ? 12.173  -11.611 -1.217  1.00 58.18 ? 27  LEU A CA  1 
ATOM   124  C C   . LEU A 1 32  ? 13.169  -12.716 -0.857  1.00 57.66 ? 27  LEU A C   1 
ATOM   125  O O   . LEU A 1 32  ? 13.698  -13.402 -1.734  1.00 66.27 ? 27  LEU A O   1 
ATOM   126  C CB  . LEU A 1 32  ? 11.819  -11.633 -2.712  1.00 57.98 ? 27  LEU A CB  1 
ATOM   127  C CG  . LEU A 1 32  ? 12.827  -11.172 -3.768  1.00 59.14 ? 27  LEU A CG  1 
ATOM   128  C CD1 . LEU A 1 32  ? 13.054  -12.276 -4.786  1.00 63.89 ? 27  LEU A CD1 1 
ATOM   129  C CD2 . LEU A 1 32  ? 12.356  -9.897  -4.463  1.00 57.77 ? 27  LEU A CD2 1 
ATOM   130  N N   . GLU A 1 33  ? 13.416  -12.866 0.445   1.00 57.11 ? 28  GLU A N   1 
ATOM   131  C CA  . GLU A 1 33  ? 14.222  -13.956 0.996   1.00 59.02 ? 28  GLU A CA  1 
ATOM   132  C C   . GLU A 1 33  ? 13.993  -14.084 2.506   1.00 58.72 ? 28  GLU A C   1 
ATOM   133  O O   . GLU A 1 33  ? 13.850  -15.190 3.031   1.00 57.37 ? 28  GLU A O   1 
ATOM   134  C CB  . GLU A 1 33  ? 15.713  -13.758 0.697   1.00 59.75 ? 28  GLU A CB  1 
ATOM   135  C CG  . GLU A 1 33  ? 16.611  -14.034 1.891   1.00 52.56 ? 28  GLU A CG  1 
ATOM   136  C CD  . GLU A 1 33  ? 18.059  -14.258 1.517   1.00 62.81 ? 28  GLU A CD  1 
ATOM   137  O OE1 . GLU A 1 33  ? 18.445  -13.939 0.368   1.00 62.81 ? 28  GLU A OE1 1 
ATOM   138  O OE2 . GLU A 1 33  ? 18.812  -14.754 2.387   1.00 59.09 ? 28  GLU A OE2 1 
ATOM   139  N N   . ARG A 1 34  ? 13.956  -12.949 3.200   1.00 52.54 ? 29  ARG A N   1 
ATOM   140  C CA  . ARG A 1 34  ? 13.729  -12.942 4.641   1.00 57.39 ? 29  ARG A CA  1 
ATOM   141  C C   . ARG A 1 34  ? 12.452  -12.158 4.980   1.00 58.17 ? 29  ARG A C   1 
ATOM   142  O O   . ARG A 1 34  ? 12.012  -12.112 6.133   1.00 58.92 ? 29  ARG A O   1 
ATOM   143  C CB  . ARG A 1 34  ? 14.955  -12.374 5.373   1.00 57.71 ? 29  ARG A CB  1 
ATOM   144  C CG  . ARG A 1 34  ? 14.799  -12.286 6.885   1.00 62.80 ? 29  ARG A CG  1 
ATOM   145  C CD  . ARG A 1 34  ? 15.755  -13.166 7.651   1.00 59.96 ? 29  ARG A CD  1 
ATOM   146  N NE  . ARG A 1 34  ? 15.709  -14.542 7.181   1.00 62.21 ? 29  ARG A NE  1 
ATOM   147  C CZ  . ARG A 1 34  ? 16.546  -15.488 7.582   1.00 61.16 ? 29  ARG A CZ  1 
ATOM   148  N NH1 . ARG A 1 34  ? 17.504  -15.202 8.451   1.00 63.42 ? 29  ARG A NH1 1 
ATOM   149  N NH2 . ARG A 1 34  ? 16.442  -16.716 7.093   1.00 62.82 ? 29  ARG A NH2 1 
ATOM   150  N N   . GLY A 1 35  ? 11.840  -11.562 3.963   1.00 55.07 ? 30  GLY A N   1 
ATOM   151  C CA  . GLY A 1 35  ? 10.646  -10.763 4.177   1.00 52.51 ? 30  GLY A CA  1 
ATOM   152  C C   . GLY A 1 35  ? 10.961  -9.502  4.955   1.00 53.40 ? 30  GLY A C   1 
ATOM   153  O O   . GLY A 1 35  ? 12.114  -9.053  4.986   1.00 50.51 ? 30  GLY A O   1 
ATOM   154  N N   . PHE A 1 36  ? 9.944   -8.932  5.596   1.00 43.02 ? 31  PHE A N   1 
ATOM   155  C CA  . PHE A 1 36  ? 10.107  -7.666  6.300   1.00 43.87 ? 31  PHE A CA  1 
ATOM   156  C C   . PHE A 1 36  ? 10.693  -7.800  7.704   1.00 47.56 ? 31  PHE A C   1 
ATOM   157  O O   . PHE A 1 36  ? 11.465  -6.943  8.138   1.00 48.40 ? 31  PHE A O   1 
ATOM   158  C CB  . PHE A 1 36  ? 8.776   -6.906  6.365   1.00 38.90 ? 31  PHE A CB  1 
ATOM   159  C CG  . PHE A 1 36  ? 8.387   -6.253  5.075   1.00 32.94 ? 31  PHE A CG  1 
ATOM   160  C CD1 . PHE A 1 36  ? 8.703   -4.920  4.833   1.00 29.68 ? 31  PHE A CD1 1 
ATOM   161  C CD2 . PHE A 1 36  ? 7.719   -6.969  4.095   1.00 32.03 ? 31  PHE A CD2 1 
ATOM   162  C CE1 . PHE A 1 36  ? 8.354   -4.316  3.640   1.00 30.47 ? 31  PHE A CE1 1 
ATOM   163  C CE2 . PHE A 1 36  ? 7.362   -6.378  2.895   1.00 29.30 ? 31  PHE A CE2 1 
ATOM   164  C CZ  . PHE A 1 36  ? 7.680   -5.041  2.667   1.00 29.76 ? 31  PHE A CZ  1 
ATOM   165  N N   . ASP A 1 37  ? 10.321  -8.863  8.413   1.00 50.85 ? 32  ASP A N   1 
ATOM   166  C CA  . ASP A 1 37  ? 10.730  -9.044  9.807   1.00 54.57 ? 32  ASP A CA  1 
ATOM   167  C C   . ASP A 1 37  ? 12.251  -9.144  9.975   1.00 56.76 ? 32  ASP A C   1 
ATOM   168  O O   . ASP A 1 37  ? 12.809  -8.688  10.979  1.00 54.69 ? 32  ASP A O   1 
ATOM   169  C CB  . ASP A 1 37  ? 10.032  -10.267 10.414  1.00 59.13 ? 32  ASP A CB  1 
ATOM   170  C CG  . ASP A 1 37  ? 9.482   -11.213 9.353   1.00 61.37 ? 32  ASP A CG  1 
ATOM   171  O OD1 . ASP A 1 37  ? 8.248   -11.219 9.134   1.00 59.85 ? 32  ASP A OD1 1 
ATOM   172  O OD2 . ASP A 1 37  ? 10.289  -11.940 8.731   1.00 59.49 ? 32  ASP A OD2 1 
ATOM   173  N N   . GLY A 1 38  ? 12.918  -9.735  8.990   1.00 51.43 ? 33  GLY A N   1 
ATOM   174  C CA  . GLY A 1 38  ? 14.366  -9.781  8.991   1.00 52.80 ? 33  GLY A CA  1 
ATOM   175  C C   . GLY A 1 38  ? 14.937  -8.861  7.928   1.00 58.48 ? 33  GLY A C   1 
ATOM   176  O O   . GLY A 1 38  ? 15.529  -9.303  6.937   1.00 62.60 ? 33  GLY A O   1 
ATOM   177  N N   . LEU A 1 39  ? 14.748  -7.564  8.142   1.00 59.17 ? 34  LEU A N   1 
ATOM   178  C CA  . LEU A 1 39  ? 15.227  -6.545  7.223   1.00 49.25 ? 34  LEU A CA  1 
ATOM   179  C C   . LEU A 1 39  ? 15.440  -5.268  8.019   1.00 48.99 ? 34  LEU A C   1 
ATOM   180  O O   . LEU A 1 39  ? 14.588  -4.374  8.029   1.00 43.40 ? 34  LEU A O   1 
ATOM   181  C CB  . LEU A 1 39  ? 14.214  -6.330  6.096   1.00 48.99 ? 34  LEU A CB  1 
ATOM   182  C CG  . LEU A 1 39  ? 14.468  -5.255  5.034   1.00 45.64 ? 34  LEU A CG  1 
ATOM   183  C CD1 . LEU A 1 39  ? 15.514  -5.675  4.011   1.00 46.29 ? 34  LEU A CD1 1 
ATOM   184  C CD2 . LEU A 1 39  ? 13.164  -4.925  4.355   1.00 44.84 ? 34  LEU A CD2 1 
ATOM   185  N N   . SER A 1 40  ? 16.572  -5.215  8.716   1.00 49.34 ? 35  SER A N   1 
ATOM   186  C CA  . SER A 1 40  ? 16.986  -4.027  9.454   1.00 49.17 ? 35  SER A CA  1 
ATOM   187  C C   . SER A 1 40  ? 18.167  -3.388  8.730   1.00 47.37 ? 35  SER A C   1 
ATOM   188  O O   . SER A 1 40  ? 18.736  -3.984  7.810   1.00 39.47 ? 35  SER A O   1 
ATOM   189  C CB  . SER A 1 40  ? 17.395  -4.396  10.884  1.00 55.77 ? 35  SER A CB  1 
ATOM   190  O OG  . SER A 1 40  ? 17.699  -3.245  11.650  1.00 52.74 ? 35  SER A OG  1 
ATOM   191  N N   . ILE A 1 41  ? 18.538  -2.182  9.148   1.00 44.98 ? 36  ILE A N   1 
ATOM   192  C CA  . ILE A 1 41  ? 19.643  -1.474  8.513   1.00 47.87 ? 36  ILE A CA  1 
ATOM   193  C C   . ILE A 1 41  ? 20.921  -2.326  8.582   1.00 49.41 ? 36  ILE A C   1 
ATOM   194  O O   . ILE A 1 41  ? 21.707  -2.363  7.630   1.00 45.23 ? 36  ILE A O   1 
ATOM   195  C CB  . ILE A 1 41  ? 19.835  -0.053  9.122   1.00 49.42 ? 36  ILE A CB  1 
ATOM   196  C CG1 . ILE A 1 41  ? 20.728  0.810   8.228   1.00 48.79 ? 36  ILE A CG1 1 
ATOM   197  C CG2 . ILE A 1 41  ? 20.384  -0.115  10.546  1.00 50.31 ? 36  ILE A CG2 1 
ATOM   198  C CD1 . ILE A 1 41  ? 20.180  2.196   7.999   1.00 47.39 ? 36  ILE A CD1 1 
ATOM   199  N N   . GLU A 1 42  ? 21.072  -3.056  9.689   1.00 51.31 ? 37  GLU A N   1 
ATOM   200  C CA  . GLU A 1 42  ? 22.253  -3.874  9.960   1.00 48.75 ? 37  GLU A CA  1 
ATOM   201  C C   . GLU A 1 42  ? 22.394  -4.985  8.936   1.00 47.55 ? 37  GLU A C   1 
ATOM   202  O O   . GLU A 1 42  ? 23.480  -5.226  8.406   1.00 43.70 ? 37  GLU A O   1 
ATOM   203  C CB  . GLU A 1 42  ? 22.151  -4.498  11.353  1.00 51.63 ? 37  GLU A CB  1 
ATOM   204  C CG  . GLU A 1 42  ? 21.656  -3.558  12.447  1.00 55.61 ? 37  GLU A CG  1 
ATOM   205  C CD  . GLU A 1 42  ? 22.755  -2.669  12.992  1.00 64.25 ? 37  GLU A CD  1 
ATOM   206  O OE1 . GLU A 1 42  ? 23.552  -2.146  12.188  1.00 62.58 ? 37  GLU A OE1 1 
ATOM   207  O OE2 . GLU A 1 42  ? 22.832  -2.500  14.230  1.00 68.98 ? 37  GLU A OE2 1 
ATOM   208  N N   . ALA A 1 43  ? 21.284  -5.664  8.673   1.00 46.78 ? 38  ALA A N   1 
ATOM   209  C CA  . ALA A 1 43  ? 21.252  -6.745  7.701   1.00 44.40 ? 38  ALA A CA  1 
ATOM   210  C C   . ALA A 1 43  ? 21.581  -6.221  6.310   1.00 42.67 ? 38  ALA A C   1 
ATOM   211  O O   . ALA A 1 43  ? 22.308  -6.862  5.545   1.00 41.45 ? 38  ALA A O   1 
ATOM   212  C CB  . ALA A 1 43  ? 19.889  -7.404  7.703   1.00 44.02 ? 38  ALA A CB  1 
ATOM   213  N N   . VAL A 1 44  ? 21.023  -5.057  5.987   1.00 41.00 ? 39  VAL A N   1 
ATOM   214  C CA  . VAL A 1 44  ? 21.244  -4.427  4.698   1.00 34.89 ? 39  VAL A CA  1 
ATOM   215  C C   . VAL A 1 44  ? 22.701  -3.981  4.566   1.00 38.66 ? 39  VAL A C   1 
ATOM   216  O O   . VAL A 1 44  ? 23.344  -4.232  3.548   1.00 35.74 ? 39  VAL A O   1 
ATOM   217  C CB  . VAL A 1 44  ? 20.322  -3.211  4.513   1.00 39.05 ? 39  VAL A CB  1 
ATOM   218  C CG1 . VAL A 1 44  ? 20.725  -2.429  3.281   1.00 34.81 ? 39  VAL A CG1 1 
ATOM   219  C CG2 . VAL A 1 44  ? 18.860  -3.657  4.425   1.00 35.93 ? 39  VAL A CG2 1 
ATOM   220  N N   . ALA A 1 45  ? 23.205  -3.319  5.605   1.00 37.38 ? 40  ALA A N   1 
ATOM   221  C CA  . ALA A 1 45  ? 24.584  -2.838  5.626   1.00 41.41 ? 40  ALA A CA  1 
ATOM   222  C C   . ALA A 1 45  ? 25.577  -3.994  5.506   1.00 45.75 ? 40  ALA A C   1 
ATOM   223  O O   . ALA A 1 45  ? 26.546  -3.921  4.744   1.00 40.93 ? 40  ALA A O   1 
ATOM   224  C CB  . ALA A 1 45  ? 24.843  -2.039  6.897   1.00 41.14 ? 40  ALA A CB  1 
ATOM   225  N N   . ALA A 1 46  ? 25.327  -5.058  6.264   1.00 43.57 ? 41  ALA A N   1 
ATOM   226  C CA  . ALA A 1 46  ? 26.193  -6.229  6.233   1.00 45.28 ? 41  ALA A CA  1 
ATOM   227  C C   . ALA A 1 46  ? 26.160  -6.927  4.871   1.00 46.82 ? 41  ALA A C   1 
ATOM   228  O O   . ALA A 1 46  ? 27.202  -7.358  4.369   1.00 47.07 ? 41  ALA A O   1 
ATOM   229  C CB  . ALA A 1 46  ? 25.833  -7.192  7.350   1.00 45.11 ? 41  ALA A CB  1 
ATOM   230  N N   . LYS A 1 47  ? 24.976  -7.033  4.269   1.00 41.38 ? 42  LYS A N   1 
ATOM   231  C CA  . LYS A 1 47  ? 24.863  -7.658  2.947   1.00 44.77 ? 42  LYS A CA  1 
ATOM   232  C C   . LYS A 1 47  ? 25.442  -6.787  1.828   1.00 45.02 ? 42  LYS A C   1 
ATOM   233  O O   . LYS A 1 47  ? 26.014  -7.304  0.865   1.00 49.84 ? 42  LYS A O   1 
ATOM   234  C CB  . LYS A 1 47  ? 23.415  -8.053  2.622   1.00 44.95 ? 42  LYS A CB  1 
ATOM   235  C CG  . LYS A 1 47  ? 23.272  -8.715  1.245   1.00 45.97 ? 42  LYS A CG  1 
ATOM   236  C CD  . LYS A 1 47  ? 22.144  -9.740  1.207   1.00 49.36 ? 42  LYS A CD  1 
ATOM   237  C CE  . LYS A 1 47  ? 22.229  -10.595 -0.051  1.00 50.07 ? 42  LYS A CE  1 
ATOM   238  N NZ  . LYS A 1 47  ? 21.486  -11.886 0.084   1.00 59.56 ? 42  LYS A NZ  1 
ATOM   239  N N   . ALA A 1 48  ? 25.287  -5.469  1.953   1.00 41.07 ? 43  ALA A N   1 
ATOM   240  C CA  . ALA A 1 48  ? 25.877  -4.543  0.990   1.00 42.74 ? 43  ALA A CA  1 
ATOM   241  C C   . ALA A 1 48  ? 27.374  -4.348  1.240   1.00 45.17 ? 43  ALA A C   1 
ATOM   242  O O   . ALA A 1 48  ? 28.120  -4.021  0.317   1.00 42.95 ? 43  ALA A O   1 
ATOM   243  C CB  . ALA A 1 48  ? 25.153  -3.200  1.014   1.00 38.02 ? 43  ALA A CB  1 
ATOM   244  N N   . GLY A 1 49  ? 27.803  -4.527  2.491   1.00 42.95 ? 44  GLY A N   1 
ATOM   245  C CA  . GLY A 1 49  ? 29.209  -4.427  2.842   1.00 46.08 ? 44  GLY A CA  1 
ATOM   246  C C   . GLY A 1 49  ? 29.647  -3.034  3.254   1.00 48.16 ? 44  GLY A C   1 
ATOM   247  O O   . GLY A 1 49  ? 30.845  -2.726  3.273   1.00 43.58 ? 44  GLY A O   1 
ATOM   248  N N   . VAL A 1 50  ? 28.682  -2.192  3.613   1.00 36.39 ? 45  VAL A N   1 
ATOM   249  C CA  . VAL A 1 50  ? 28.969  -0.784  3.859   1.00 37.19 ? 45  VAL A CA  1 
ATOM   250  C C   . VAL A 1 50  ? 28.754  -0.393  5.315   1.00 38.47 ? 45  VAL A C   1 
ATOM   251  O O   . VAL A 1 50  ? 28.157  -1.145  6.093   1.00 42.22 ? 45  VAL A O   1 
ATOM   252  C CB  . VAL A 1 50  ? 28.082  0.120   2.971   1.00 38.53 ? 45  VAL A CB  1 
ATOM   253  C CG1 . VAL A 1 50  ? 28.315  -0.179  1.499   1.00 35.37 ? 45  VAL A CG1 1 
ATOM   254  C CG2 . VAL A 1 50  ? 26.624  -0.086  3.311   1.00 37.46 ? 45  VAL A CG2 1 
ATOM   255  N N   . GLY A 1 51  ? 29.241  0.790   5.681   1.00 37.41 ? 46  GLY A N   1 
ATOM   256  C CA  . GLY A 1 51  ? 28.893  1.386   6.957   1.00 38.77 ? 46  GLY A CA  1 
ATOM   257  C C   . GLY A 1 51  ? 27.516  2.027   6.834   1.00 40.80 ? 46  GLY A C   1 
ATOM   258  O O   . GLY A 1 51  ? 27.167  2.559   5.779   1.00 41.17 ? 46  GLY A O   1 
ATOM   259  N N   . LYS A 1 52  ? 26.742  1.985   7.912   1.00 40.80 ? 47  LYS A N   1 
ATOM   260  C CA  . LYS A 1 52  ? 25.356  2.457   7.896   1.00 41.67 ? 47  LYS A CA  1 
ATOM   261  C C   . LYS A 1 52  ? 25.234  3.919   7.465   1.00 45.44 ? 47  LYS A C   1 
ATOM   262  O O   . LYS A 1 52  ? 24.194  4.350   6.953   1.00 46.09 ? 47  LYS A O   1 
ATOM   263  C CB  . LYS A 1 52  ? 24.741  2.266   9.278   1.00 46.15 ? 47  LYS A CB  1 
ATOM   264  C CG  . LYS A 1 52  ? 24.921  0.866   9.838   1.00 48.55 ? 47  LYS A CG  1 
ATOM   265  C CD  . LYS A 1 52  ? 24.013  0.650   11.042  1.00 55.18 ? 47  LYS A CD  1 
ATOM   266  C CE  . LYS A 1 52  ? 24.601  1.240   12.320  1.00 54.81 ? 47  LYS A CE  1 
ATOM   267  N NZ  . LYS A 1 52  ? 25.855  0.537   12.735  1.00 50.57 ? 47  LYS A NZ  1 
ATOM   268  N N   . GLN A 1 53  ? 26.309  4.672   7.665   1.00 44.56 ? 48  GLN A N   1 
ATOM   269  C CA  . GLN A 1 53  ? 26.369  6.081   7.286   1.00 45.23 ? 48  GLN A CA  1 
ATOM   270  C C   . GLN A 1 53  ? 26.543  6.264   5.777   1.00 46.18 ? 48  GLN A C   1 
ATOM   271  O O   . GLN A 1 53  ? 26.297  7.349   5.238   1.00 47.39 ? 48  GLN A O   1 
ATOM   272  C CB  . GLN A 1 53  ? 27.510  6.770   8.037   1.00 47.68 ? 48  GLN A CB  1 
ATOM   273  C CG  . GLN A 1 53  ? 27.403  6.642   9.558   1.00 50.71 ? 48  GLN A CG  1 
ATOM   274  C CD  . GLN A 1 53  ? 26.163  7.322   10.125  1.00 49.42 ? 48  GLN A CD  1 
ATOM   275  O OE1 . GLN A 1 53  ? 25.936  8.513   9.902   1.00 51.29 ? 48  GLN A OE1 1 
ATOM   276  N NE2 . GLN A 1 53  ? 25.354  6.563   10.859  1.00 48.04 ? 48  GLN A NE2 1 
ATOM   277  N N   . THR A 1 54  ? 26.981  5.207   5.098   1.00 41.47 ? 49  THR A N   1 
ATOM   278  C CA  . THR A 1 54  ? 27.026  5.214   3.643   1.00 38.66 ? 49  THR A CA  1 
ATOM   279  C C   . THR A 1 54  ? 25.599  5.127   3.122   1.00 38.60 ? 49  THR A C   1 
ATOM   280  O O   . THR A 1 54  ? 25.247  5.768   2.135   1.00 40.37 ? 49  THR A O   1 
ATOM   281  C CB  . THR A 1 54  ? 27.869  4.054   3.101   1.00 41.90 ? 49  THR A CB  1 
ATOM   282  O OG1 . THR A 1 54  ? 29.227  4.235   3.515   1.00 33.58 ? 49  THR A OG1 1 
ATOM   283  C CG2 . THR A 1 54  ? 27.820  4.012   1.589   1.00 36.37 ? 49  THR A CG2 1 
ATOM   284  N N   . ILE A 1 55  ? 24.779  4.345   3.817   1.00 35.36 ? 50  ILE A N   1 
ATOM   285  C CA  . ILE A 1 55  ? 23.353  4.250   3.509   1.00 42.04 ? 50  ILE A CA  1 
ATOM   286  C C   . ILE A 1 55  ? 22.678  5.618   3.701   1.00 44.09 ? 50  ILE A C   1 
ATOM   287  O O   . ILE A 1 55  ? 21.858  6.036   2.881   1.00 39.65 ? 50  ILE A O   1 
ATOM   288  C CB  . ILE A 1 55  ? 22.668  3.144   4.355   1.00 37.33 ? 50  ILE A CB  1 
ATOM   289  C CG1 . ILE A 1 55  ? 23.165  1.762   3.909   1.00 41.67 ? 50  ILE A CG1 1 
ATOM   290  C CG2 . ILE A 1 55  ? 21.149  3.203   4.220   1.00 42.83 ? 50  ILE A CG2 1 
ATOM   291  C CD1 . ILE A 1 55  ? 22.705  0.602   4.772   1.00 38.97 ? 50  ILE A CD1 1 
ATOM   292  N N   . TYR A 1 56  ? 23.057  6.326   4.765   1.00 47.28 ? 51  TYR A N   1 
ATOM   293  C CA  . TYR A 1 56  ? 22.482  7.642   5.048   1.00 39.81 ? 51  TYR A CA  1 
ATOM   294  C C   . TYR A 1 56  ? 22.927  8.724   4.062   1.00 44.69 ? 51  TYR A C   1 
ATOM   295  O O   . TYR A 1 56  ? 22.365  9.825   4.052   1.00 47.49 ? 51  TYR A O   1 
ATOM   296  C CB  . TYR A 1 56  ? 22.743  8.047   6.505   1.00 43.53 ? 51  TYR A CB  1 
ATOM   297  C CG  . TYR A 1 56  ? 22.064  7.128   7.502   1.00 44.54 ? 51  TYR A CG  1 
ATOM   298  C CD1 . TYR A 1 56  ? 20.854  6.523   7.199   1.00 48.51 ? 51  TYR A CD1 1 
ATOM   299  C CD2 . TYR A 1 56  ? 22.642  6.849   8.735   1.00 50.28 ? 51  TYR A CD2 1 
ATOM   300  C CE1 . TYR A 1 56  ? 20.224  5.679   8.095   1.00 46.05 ? 51  TYR A CE1 1 
ATOM   301  C CE2 . TYR A 1 56  ? 22.021  5.999   9.639   1.00 45.76 ? 51  TYR A CE2 1 
ATOM   302  C CZ  . TYR A 1 56  ? 20.812  5.418   9.312   1.00 54.79 ? 51  TYR A CZ  1 
ATOM   303  O OH  . TYR A 1 56  ? 20.182  4.571   10.201  1.00 51.03 ? 51  TYR A OH  1 
ATOM   304  N N   . ARG A 1 57  ? 23.913  8.419   3.216   1.00 36.33 ? 52  ARG A N   1 
ATOM   305  C CA  . ARG A 1 57  ? 24.233  9.314   2.102   1.00 41.71 ? 52  ARG A CA  1 
ATOM   306  C C   . ARG A 1 57  ? 23.037  9.361   1.143   1.00 37.60 ? 52  ARG A C   1 
ATOM   307  O O   . ARG A 1 57  ? 22.880  10.311  0.364   1.00 35.90 ? 52  ARG A O   1 
ATOM   308  C CB  . ARG A 1 57  ? 25.512  8.889   1.354   1.00 37.11 ? 52  ARG A CB  1 
ATOM   309  C CG  . ARG A 1 57  ? 25.943  9.876   0.255   1.00 37.32 ? 52  ARG A CG  1 
ATOM   310  C CD  . ARG A 1 57  ? 27.179  9.451   -0.543  1.00 38.30 ? 52  ARG A CD  1 
ATOM   311  N NE  . ARG A 1 57  ? 27.410  10.349  -1.681  1.00 32.12 ? 52  ARG A NE  1 
ATOM   312  C CZ  . ARG A 1 57  ? 28.370  10.193  -2.591  1.00 37.64 ? 52  ARG A CZ  1 
ATOM   313  N NH1 . ARG A 1 57  ? 29.213  9.174   -2.505  1.00 41.35 ? 52  ARG A NH1 1 
ATOM   314  N NH2 . ARG A 1 57  ? 28.496  11.064  -3.589  1.00 38.44 ? 52  ARG A NH2 1 
ATOM   315  N N   . TRP A 1 58  ? 22.175  8.350   1.218   1.00 38.24 ? 53  TRP A N   1 
ATOM   316  C CA  . TRP A 1 58  ? 21.087  8.247   0.253   1.00 35.94 ? 53  TRP A CA  1 
ATOM   317  C C   . TRP A 1 58  ? 19.675  8.096   0.838   1.00 34.56 ? 53  TRP A C   1 
ATOM   318  O O   . TRP A 1 58  ? 18.708  8.553   0.221   1.00 37.06 ? 53  TRP A O   1 
ATOM   319  C CB  . TRP A 1 58  ? 21.396  7.155   -0.769  1.00 35.63 ? 53  TRP A CB  1 
ATOM   320  C CG  . TRP A 1 58  ? 22.608  7.458   -1.584  1.00 36.38 ? 53  TRP A CG  1 
ATOM   321  C CD1 . TRP A 1 58  ? 22.750  8.459   -2.509  1.00 39.23 ? 53  TRP A CD1 1 
ATOM   322  C CD2 . TRP A 1 58  ? 23.861  6.767   -1.546  1.00 34.07 ? 53  TRP A CD2 1 
ATOM   323  N NE1 . TRP A 1 58  ? 24.018  8.421   -3.053  1.00 38.59 ? 53  TRP A NE1 1 
ATOM   324  C CE2 . TRP A 1 58  ? 24.715  7.390   -2.480  1.00 36.79 ? 53  TRP A CE2 1 
ATOM   325  C CE3 . TRP A 1 58  ? 24.339  5.671   -0.821  1.00 36.85 ? 53  TRP A CE3 1 
ATOM   326  C CZ2 . TRP A 1 58  ? 26.022  6.954   -2.702  1.00 32.75 ? 53  TRP A CZ2 1 
ATOM   327  C CZ3 . TRP A 1 58  ? 25.637  5.244   -1.042  1.00 37.76 ? 53  TRP A CZ3 1 
ATOM   328  C CH2 . TRP A 1 58  ? 26.460  5.884   -1.976  1.00 33.35 ? 53  TRP A CH2 1 
ATOM   329  N N   . TRP A 1 59  ? 19.554  7.474   2.012   1.00 34.16 ? 54  TRP A N   1 
ATOM   330  C CA  . TRP A 1 59  ? 18.261  7.366   2.699   1.00 33.26 ? 54  TRP A CA  1 
ATOM   331  C C   . TRP A 1 59  ? 18.379  7.754   4.162   1.00 40.84 ? 54  TRP A C   1 
ATOM   332  O O   . TRP A 1 59  ? 19.289  7.301   4.852   1.00 44.11 ? 54  TRP A O   1 
ATOM   333  C CB  . TRP A 1 59  ? 17.690  5.944   2.599   1.00 32.00 ? 54  TRP A CB  1 
ATOM   334  C CG  . TRP A 1 59  ? 17.554  5.465   1.204   1.00 28.00 ? 54  TRP A CG  1 
ATOM   335  C CD1 . TRP A 1 59  ? 16.457  5.581   0.398   1.00 28.36 ? 54  TRP A CD1 1 
ATOM   336  C CD2 . TRP A 1 59  ? 18.553  4.791   0.432   1.00 28.42 ? 54  TRP A CD2 1 
ATOM   337  N NE1 . TRP A 1 59  ? 16.717  5.026   -0.832  1.00 28.49 ? 54  TRP A NE1 1 
ATOM   338  C CE2 . TRP A 1 59  ? 17.996  4.524   -0.832  1.00 25.51 ? 54  TRP A CE2 1 
ATOM   339  C CE3 . TRP A 1 59  ? 19.867  4.381   0.691   1.00 28.47 ? 54  TRP A CE3 1 
ATOM   340  C CZ2 . TRP A 1 59  ? 18.710  3.878   -1.840  1.00 26.43 ? 54  TRP A CZ2 1 
ATOM   341  C CZ3 . TRP A 1 59  ? 20.566  3.732   -0.303  1.00 27.51 ? 54  TRP A CZ3 1 
ATOM   342  C CH2 . TRP A 1 59  ? 19.990  3.484   -1.552  1.00 29.93 ? 54  TRP A CH2 1 
ATOM   343  N N   . PRO A 1 60  ? 17.454  8.595   4.647   1.00 39.92 ? 55  PRO A N   1 
ATOM   344  C CA  . PRO A 1 60  ? 17.490  9.082   6.031   1.00 41.11 ? 55  PRO A CA  1 
ATOM   345  C C   . PRO A 1 60  ? 17.176  7.991   7.052   1.00 40.39 ? 55  PRO A C   1 
ATOM   346  O O   . PRO A 1 60  ? 17.488  8.157   8.237   1.00 45.15 ? 55  PRO A O   1 
ATOM   347  C CB  . PRO A 1 60  ? 16.392  10.159  6.046   1.00 41.99 ? 55  PRO A CB  1 
ATOM   348  C CG  . PRO A 1 60  ? 15.451  9.750   4.950   1.00 36.84 ? 55  PRO A CG  1 
ATOM   349  C CD  . PRO A 1 60  ? 16.351  9.201   3.878   1.00 39.79 ? 55  PRO A CD  1 
ATOM   350  N N   . SER A 1 61  ? 16.586  6.885   6.604   1.00 42.44 ? 56  SER A N   1 
ATOM   351  C CA  . SER A 1 61  ? 16.137  5.847   7.528   1.00 35.38 ? 56  SER A CA  1 
ATOM   352  C C   . SER A 1 61  ? 15.905  4.497   6.856   1.00 35.92 ? 56  SER A C   1 
ATOM   353  O O   . SER A 1 61  ? 15.809  4.411   5.629   1.00 34.15 ? 56  SER A O   1 
ATOM   354  C CB  . SER A 1 61  ? 14.844  6.287   8.227   1.00 42.08 ? 56  SER A CB  1 
ATOM   355  O OG  . SER A 1 61  ? 13.746  5.450   7.870   1.00 37.50 ? 56  SER A OG  1 
ATOM   356  N N   . ARG A 1 62  ? 15.800  3.452   7.674   1.00 32.11 ? 57  ARG A N   1 
ATOM   357  C CA  . ARG A 1 62  ? 15.471  2.109   7.192   1.00 34.27 ? 57  ARG A CA  1 
ATOM   358  C C   . ARG A 1 62  ? 14.087  2.075   6.525   1.00 32.92 ? 57  ARG A C   1 
ATOM   359  O O   . ARG A 1 62  ? 13.915  1.487   5.454   1.00 30.55 ? 57  ARG A O   1 
ATOM   360  C CB  . ARG A 1 62  ? 15.553  1.099   8.348   1.00 34.75 ? 57  ARG A CB  1 
ATOM   361  C CG  . ARG A 1 62  ? 15.110  -0.318  8.003   1.00 41.36 ? 57  ARG A CG  1 
ATOM   362  C CD  . ARG A 1 62  ? 13.654  -0.558  8.411   1.00 34.97 ? 57  ARG A CD  1 
ATOM   363  N NE  . ARG A 1 62  ? 13.157  -1.851  7.960   1.00 42.14 ? 57  ARG A NE  1 
ATOM   364  C CZ  . ARG A 1 62  ? 11.881  -2.111  7.697   1.00 40.16 ? 57  ARG A CZ  1 
ATOM   365  N NH1 . ARG A 1 62  ? 10.967  -1.160  7.829   1.00 42.27 ? 57  ARG A NH1 1 
ATOM   366  N NH2 . ARG A 1 62  ? 11.521  -3.321  7.292   1.00 47.67 ? 57  ARG A NH2 1 
ATOM   367  N N   . HIS A 1 63  ? 13.101  2.703   7.160   1.00 33.49 ? 58  HIS A N   1 
ATOM   368  C CA  . HIS A 1 63  ? 11.768  2.807   6.560   1.00 32.11 ? 58  HIS A CA  1 
ATOM   369  C C   . HIS A 1 63  ? 11.822  3.490   5.205   1.00 26.15 ? 58  HIS A C   1 
ATOM   370  O O   . HIS A 1 63  ? 11.173  3.049   4.249   1.00 29.34 ? 58  HIS A O   1 
ATOM   371  C CB  . HIS A 1 63  ? 10.825  3.591   7.476   1.00 30.53 ? 58  HIS A CB  1 
ATOM   372  C CG  . HIS A 1 63  ? 10.555  2.910   8.778   1.00 33.55 ? 58  HIS A CG  1 
ATOM   373  N ND1 . HIS A 1 63  ? 10.438  1.543   8.886   1.00 33.15 ? 58  HIS A ND1 1 
ATOM   374  C CD2 . HIS A 1 63  ? 10.392  3.404   10.029  1.00 32.69 ? 58  HIS A CD2 1 
ATOM   375  C CE1 . HIS A 1 63  ? 10.212  1.220   10.147  1.00 35.32 ? 58  HIS A CE1 1 
ATOM   376  N NE2 . HIS A 1 63  ? 10.176  2.332   10.858  1.00 33.76 ? 58  HIS A NE2 1 
ATOM   377  N N   . ALA A 1 64  ? 12.573  4.581   5.136   1.00 25.90 ? 59  ALA A N   1 
ATOM   378  C CA  . ALA A 1 64  ? 12.714  5.328   3.894   1.00 29.56 ? 59  ALA A CA  1 
ATOM   379  C C   . ALA A 1 64  ? 13.327  4.458   2.809   1.00 28.25 ? 59  ALA A C   1 
ATOM   380  O O   . ALA A 1 64  ? 12.856  4.451   1.670   1.00 25.84 ? 59  ALA A O   1 
ATOM   381  C CB  . ALA A 1 64  ? 13.570  6.561   4.117   1.00 29.99 ? 59  ALA A CB  1 
ATOM   382  N N   . LEU A 1 65  ? 14.394  3.741   3.158   1.00 28.16 ? 60  LEU A N   1 
ATOM   383  C CA  . LEU A 1 65  ? 15.058  2.864   2.196   1.00 23.83 ? 60  LEU A CA  1 
ATOM   384  C C   . LEU A 1 65  ? 14.126  1.757   1.720   1.00 23.65 ? 60  LEU A C   1 
ATOM   385  O O   . LEU A 1 65  ? 14.027  1.509   0.523   1.00 26.35 ? 60  LEU A O   1 
ATOM   386  C CB  . LEU A 1 65  ? 16.321  2.244   2.799   1.00 26.43 ? 60  LEU A CB  1 
ATOM   387  C CG  . LEU A 1 65  ? 16.870  1.033   2.033   1.00 25.94 ? 60  LEU A CG  1 
ATOM   388  C CD1 . LEU A 1 65  ? 17.336  1.410   0.632   1.00 24.92 ? 60  LEU A CD1 1 
ATOM   389  C CD2 . LEU A 1 65  ? 18.001  0.387   2.814   1.00 26.25 ? 60  LEU A CD2 1 
ATOM   390  N N   . VAL A 1 66  ? 13.458  1.085   2.655   1.00 24.77 ? 61  VAL A N   1 
ATOM   391  C CA  . VAL A 1 66  ? 12.517  0.021   2.279   1.00 27.60 ? 61  VAL A CA  1 
ATOM   392  C C   . VAL A 1 66  ? 11.348  0.541   1.433   1.00 24.48 ? 61  VAL A C   1 
ATOM   393  O O   . VAL A 1 66  ? 11.016  -0.034  0.386   1.00 25.39 ? 61  VAL A O   1 
ATOM   394  C CB  . VAL A 1 66  ? 12.031  -0.765  3.511   1.00 35.16 ? 61  VAL A CB  1 
ATOM   395  C CG1 . VAL A 1 66  ? 11.019  -1.834  3.104   1.00 31.39 ? 61  VAL A CG1 1 
ATOM   396  C CG2 . VAL A 1 66  ? 13.226  -1.403  4.208   1.00 33.36 ? 61  VAL A CG2 1 
ATOM   397  N N   . ALA A 1 67  ? 10.733  1.640   1.860   1.00 26.26 ? 62  ALA A N   1 
ATOM   398  C CA  . ALA A 1 67  ? 9.630   2.210   1.095   1.00 21.12 ? 62  ALA A CA  1 
ATOM   399  C C   . ALA A 1 67  ? 10.088  2.648   -0.284  1.00 22.31 ? 62  ALA A C   1 
ATOM   400  O O   . ALA A 1 67  ? 9.327   2.601   -1.248  1.00 24.43 ? 62  ALA A O   1 
ATOM   401  C CB  . ALA A 1 67  ? 9.008   3.396   1.844   1.00 22.83 ? 62  ALA A CB  1 
ATOM   402  N N   . ASP A 1 68  ? 11.339  3.087   -0.394  1.00 21.99 ? 63  ASP A N   1 
ATOM   403  C CA  . ASP A 1 68  ? 11.791  3.623   -1.671  1.00 25.32 ? 63  ASP A CA  1 
ATOM   404  C C   . ASP A 1 68  ? 11.926  2.487   -2.677  1.00 25.96 ? 63  ASP A C   1 
ATOM   405  O O   . ASP A 1 68  ? 11.605  2.644   -3.861  1.00 28.50 ? 63  ASP A O   1 
ATOM   406  C CB  . ASP A 1 68  ? 13.127  4.358   -1.497  1.00 25.10 ? 63  ASP A CB  1 
ATOM   407  C CG  . ASP A 1 68  ? 13.483  5.238   -2.689  1.00 29.98 ? 63  ASP A CG  1 
ATOM   408  O OD1 . ASP A 1 68  ? 12.571  5.760   -3.372  1.00 29.31 ? 63  ASP A OD1 1 
ATOM   409  O OD2 . ASP A 1 68  ? 14.693  5.423   -2.943  1.00 32.71 ? 63  ASP A OD2 1 
ATOM   410  N N   . VAL A 1 69  ? 12.390  1.340   -2.194  1.00 21.48 ? 64  VAL A N   1 
ATOM   411  C CA  . VAL A 1 69  ? 12.518  0.162   -3.043  1.00 29.08 ? 64  VAL A CA  1 
ATOM   412  C C   . VAL A 1 69  ? 11.133  -0.360  -3.456  1.00 30.18 ? 64  VAL A C   1 
ATOM   413  O O   . VAL A 1 69  ? 10.892  -0.648  -4.641  1.00 35.48 ? 64  VAL A O   1 
ATOM   414  C CB  . VAL A 1 69  ? 13.348  -0.945  -2.367  1.00 25.29 ? 64  VAL A CB  1 
ATOM   415  C CG1 . VAL A 1 69  ? 13.351  -2.218  -3.222  1.00 35.31 ? 64  VAL A CG1 1 
ATOM   416  C CG2 . VAL A 1 69  ? 14.790  -0.469  -2.140  1.00 26.02 ? 64  VAL A CG2 1 
ATOM   417  N N   . LEU A 1 70  ? 10.217  -0.452  -2.489  1.00 28.96 ? 65  LEU A N   1 
ATOM   418  C CA  . LEU A 1 70  ? 8.841   -0.871  -2.772  1.00 27.00 ? 65  LEU A CA  1 
ATOM   419  C C   . LEU A 1 70  ? 8.173   0.071   -3.770  1.00 32.63 ? 65  LEU A C   1 
ATOM   420  O O   . LEU A 1 70  ? 7.442   -0.365  -4.662  1.00 29.95 ? 65  LEU A O   1 
ATOM   421  C CB  . LEU A 1 70  ? 8.013   -0.923  -1.485  1.00 23.87 ? 65  LEU A CB  1 
ATOM   422  C CG  . LEU A 1 70  ? 8.442   -1.894  -0.387  1.00 28.72 ? 65  LEU A CG  1 
ATOM   423  C CD1 . LEU A 1 70  ? 7.703   -1.570  0.902   1.00 27.08 ? 65  LEU A CD1 1 
ATOM   424  C CD2 . LEU A 1 70  ? 8.161   -3.330  -0.804  1.00 32.70 ? 65  LEU A CD2 1 
ATOM   425  N N   . LEU A 1 71  ? 8.435   1.369   -3.631  1.00 27.95 ? 66  LEU A N   1 
ATOM   426  C CA  . LEU A 1 71  ? 7.856   2.342   -4.549  1.00 27.27 ? 66  LEU A CA  1 
ATOM   427  C C   . LEU A 1 71  ? 8.290   2.091   -5.997  1.00 33.90 ? 66  LEU A C   1 
ATOM   428  O O   . LEU A 1 71  ? 7.497   2.262   -6.930  1.00 37.33 ? 66  LEU A O   1 
ATOM   429  C CB  . LEU A 1 71  ? 8.199   3.768   -4.126  1.00 27.41 ? 66  LEU A CB  1 
ATOM   430  C CG  . LEU A 1 71  ? 7.675   4.863   -5.058  1.00 28.13 ? 66  LEU A CG  1 
ATOM   431  C CD1 . LEU A 1 71  ? 6.130   4.925   -5.087  1.00 27.81 ? 66  LEU A CD1 1 
ATOM   432  C CD2 . LEU A 1 71  ? 8.255   6.193   -4.634  1.00 23.53 ? 66  LEU A CD2 1 
ATOM   433  N N   . GLU A 1 72  ? 9.536   1.661   -6.180  1.00 36.05 ? 67  GLU A N   1 
ATOM   434  C CA  . GLU A 1 72  ? 10.051  1.318   -7.510  1.00 41.63 ? 67  GLU A CA  1 
ATOM   435  C C   . GLU A 1 72  ? 9.149   0.304   -8.229  1.00 48.97 ? 67  GLU A C   1 
ATOM   436  O O   . GLU A 1 72  ? 9.201   0.178   -9.456  1.00 51.19 ? 67  GLU A O   1 
ATOM   437  C CB  . GLU A 1 72  ? 11.487  0.775   -7.406  1.00 46.46 ? 67  GLU A CB  1 
ATOM   438  C CG  . GLU A 1 72  ? 12.454  1.711   -6.677  1.00 44.74 ? 67  GLU A CG  1 
ATOM   439  C CD  . GLU A 1 72  ? 13.893  1.188   -6.604  1.00 53.25 ? 67  GLU A CD  1 
ATOM   440  O OE1 . GLU A 1 72  ? 14.134  -0.002  -6.923  1.00 57.50 ? 67  GLU A OE1 1 
ATOM   441  O OE2 . GLU A 1 72  ? 14.788  1.977   -6.217  1.00 52.67 ? 67  GLU A OE2 1 
ATOM   442  N N   . ASP A 1 73  ? 8.299   -0.382  -7.460  1.00 48.60 ? 68  ASP A N   1 
ATOM   443  C CA  . ASP A 1 73  ? 7.487   -1.490  -7.969  1.00 49.92 ? 68  ASP A CA  1 
ATOM   444  C C   . ASP A 1 73  ? 5.963   -1.315  -7.876  1.00 52.58 ? 68  ASP A C   1 
ATOM   445  O O   . ASP A 1 73  ? 5.222   -2.249  -8.192  1.00 54.89 ? 68  ASP A O   1 
ATOM   446  C CB  . ASP A 1 73  ? 7.887   -2.785  -7.257  1.00 47.94 ? 68  ASP A CB  1 
ATOM   447  C CG  . ASP A 1 73  ? 9.321   -3.187  -7.539  1.00 52.76 ? 68  ASP A CG  1 
ATOM   448  O OD1 . ASP A 1 73  ? 9.723   -3.149  -8.721  1.00 56.14 ? 68  ASP A OD1 1 
ATOM   449  O OD2 . ASP A 1 73  ? 10.044  -3.536  -6.581  1.00 51.49 ? 68  ASP A OD2 1 
ATOM   450  N N   . ALA A 1 74  ? 5.506   -0.132  -7.462  1.00 48.56 ? 69  ALA A N   1 
ATOM   451  C CA  . ALA A 1 74  ? 4.077   0.148   -7.250  1.00 50.31 ? 69  ALA A CA  1 
ATOM   452  C C   . ALA A 1 74  ? 3.119   -0.502  -8.264  1.00 59.09 ? 69  ALA A C   1 
ATOM   453  O O   . ALA A 1 74  ? 2.118   -1.103  -7.867  1.00 60.64 ? 69  ALA A O   1 
ATOM   454  C CB  . ALA A 1 74  ? 3.828   1.657   -7.175  1.00 43.00 ? 69  ALA A CB  1 
ATOM   455  N N   . ASP A 1 75  ? 3.444   -0.399  -9.555  1.00 60.11 ? 70  ASP A N   1 
ATOM   456  C CA  . ASP A 1 75  ? 2.613   -0.962  -10.631 1.00 61.18 ? 70  ASP A CA  1 
ATOM   457  C C   . ASP A 1 75  ? 2.207   -2.420  -10.402 1.00 62.11 ? 70  ASP A C   1 
ATOM   458  O O   . ASP A 1 75  ? 1.018   -2.749  -10.384 1.00 63.48 ? 70  ASP A O   1 
ATOM   459  C CB  . ASP A 1 75  ? 3.330   -0.869  -11.985 1.00 62.20 ? 70  ASP A CB  1 
ATOM   460  C CG  . ASP A 1 75  ? 4.266   0.321   -12.076 1.00 67.30 ? 70  ASP A CG  1 
ATOM   461  O OD1 . ASP A 1 75  ? 5.496   0.114   -11.971 1.00 69.43 ? 70  ASP A OD1 1 
ATOM   462  O OD2 . ASP A 1 75  ? 3.775   1.458   -12.259 1.00 66.25 ? 70  ASP A OD2 1 
ATOM   463  N N   . LYS A 1 76  ? 3.206   -3.284  -10.235 1.00 60.59 ? 71  LYS A N   1 
ATOM   464  C CA  . LYS A 1 76  ? 2.985   -4.723  -10.093 1.00 63.22 ? 71  LYS A CA  1 
ATOM   465  C C   . LYS A 1 76  ? 2.496   -5.083  -8.694  1.00 63.20 ? 71  LYS A C   1 
ATOM   466  O O   . LYS A 1 76  ? 2.069   -6.212  -8.440  1.00 65.38 ? 71  LYS A O   1 
ATOM   467  C CB  . LYS A 1 76  ? 4.272   -5.483  -10.401 1.00 63.56 ? 71  LYS A CB  1 
ATOM   468  C CG  . LYS A 1 76  ? 5.354   -4.623  -11.036 1.00 66.16 ? 71  LYS A CG  1 
ATOM   469  C CD  . LYS A 1 76  ? 6.424   -5.459  -11.740 1.00 68.91 ? 71  LYS A CD  1 
ATOM   470  C CE  . LYS A 1 76  ? 7.269   -6.280  -10.768 1.00 71.69 ? 71  LYS A CE  1 
ATOM   471  N NZ  . LYS A 1 76  ? 6.661   -7.604  -10.421 1.00 73.04 ? 71  LYS A NZ  1 
ATOM   472  N N   . ILE A 1 77  ? 2.574   -4.115  -7.789  1.00 60.41 ? 72  ILE A N   1 
ATOM   473  C CA  . ILE A 1 77  ? 2.079   -4.289  -6.431  1.00 60.88 ? 72  ILE A CA  1 
ATOM   474  C C   . ILE A 1 77  ? 0.573   -4.030  -6.377  1.00 62.92 ? 72  ILE A C   1 
ATOM   475  O O   . ILE A 1 77  ? -0.191  -4.813  -5.804  1.00 62.92 ? 72  ILE A O   1 
ATOM   476  C CB  . ILE A 1 77  ? 2.805   -3.347  -5.445  1.00 54.12 ? 72  ILE A CB  1 
ATOM   477  C CG1 . ILE A 1 77  ? 4.314   -3.646  -5.449  1.00 54.88 ? 72  ILE A CG1 1 
ATOM   478  C CG2 . ILE A 1 77  ? 2.206   -3.489  -4.068  1.00 50.98 ? 72  ILE A CG2 1 
ATOM   479  C CD1 . ILE A 1 77  ? 5.148   -2.915  -4.379  1.00 46.59 ? 72  ILE A CD1 1 
ATOM   480  N N   . LEU A 1 78  ? 0.154   -2.930  -6.991  1.00 59.12 ? 73  LEU A N   1 
ATOM   481  C CA  . LEU A 1 78  ? -1.249  -2.541  -6.991  1.00 60.76 ? 73  LEU A CA  1 
ATOM   482  C C   . LEU A 1 78  ? -2.064  -3.339  -7.999  1.00 60.58 ? 73  LEU A C   1 
ATOM   483  O O   . LEU A 1 78  ? -1.704  -3.444  -9.177  1.00 60.50 ? 73  LEU A O   1 
ATOM   484  C CB  . LEU A 1 78  ? -1.383  -1.041  -7.257  1.00 54.04 ? 73  LEU A CB  1 
ATOM   485  C CG  . LEU A 1 78  ? -0.663  -0.202  -6.198  1.00 51.72 ? 73  LEU A CG  1 
ATOM   486  C CD1 . LEU A 1 78  ? 0.093   0.943   -6.836  1.00 42.26 ? 73  LEU A CD1 1 
ATOM   487  C CD2 . LEU A 1 78  ? -1.635  0.312   -5.136  1.00 31.55 ? 73  LEU A CD2 1 
ATOM   488  N N   . ALA A 1 79  ? -3.165  -3.904  -7.517  1.00 60.95 ? 74  ALA A N   1 
ATOM   489  C CA  . ALA A 1 79  ? -4.066  -4.655  -8.373  1.00 59.61 ? 74  ALA A CA  1 
ATOM   490  C C   . ALA A 1 79  ? -5.285  -3.836  -8.806  1.00 57.97 ? 74  ALA A C   1 
ATOM   491  O O   . ALA A 1 79  ? -5.328  -2.608  -8.655  1.00 59.48 ? 74  ALA A O   1 
ATOM   492  C CB  . ALA A 1 79  ? -4.486  -5.947  -7.709  1.00 55.50 ? 74  ALA A CB  1 
ATOM   493  N N   . ARG A 1 80  ? -6.293  -4.546  -9.296  1.00 55.26 ? 75  ARG A N   1 
ATOM   494  C CA  . ARG A 1 80  ? -7.219  -4.000  -10.277 1.00 47.90 ? 75  ARG A CA  1 
ATOM   495  C C   . ARG A 1 80  ? -8.699  -4.139  -9.911  1.00 39.83 ? 75  ARG A C   1 
ATOM   496  O O   . ARG A 1 80  ? -9.078  -4.951  -9.063  1.00 35.82 ? 75  ARG A O   1 
ATOM   497  C CB  . ARG A 1 80  ? -6.940  -4.711  -11.597 1.00 51.47 ? 75  ARG A CB  1 
ATOM   498  C CG  . ARG A 1 80  ? -6.480  -6.154  -11.372 1.00 55.90 ? 75  ARG A CG  1 
ATOM   499  C CD  . ARG A 1 80  ? -5.777  -6.748  -12.587 1.00 64.17 ? 75  ARG A CD  1 
ATOM   500  N NE  . ARG A 1 80  ? -4.364  -6.375  -12.668 1.00 71.14 ? 75  ARG A NE  1 
ATOM   501  C CZ  . ARG A 1 80  ? -3.349  -7.227  -12.526 1.00 74.03 ? 75  ARG A CZ  1 
ATOM   502  N NH1 . ARG A 1 80  ? -3.580  -8.514  -12.293 1.00 75.48 ? 75  ARG A NH1 1 
ATOM   503  N NH2 . ARG A 1 80  ? -2.099  -6.791  -12.621 1.00 71.90 ? 75  ARG A NH2 1 
ATOM   504  N N   . MET A 1 81  ? -9.528  -3.338  -10.574 1.00 39.21 ? 76  MET A N   1 
ATOM   505  C CA  . MET A 1 81  ? -10.963 -3.278  -10.297 1.00 31.50 ? 76  MET A CA  1 
ATOM   506  C C   . MET A 1 81  ? -11.740 -4.179  -11.249 1.00 31.63 ? 76  MET A C   1 
ATOM   507  O O   . MET A 1 81  ? -11.589 -4.057  -12.461 1.00 32.49 ? 76  MET A O   1 
ATOM   508  C CB  . MET A 1 81  ? -11.438 -1.833  -10.477 1.00 29.05 ? 76  MET A CB  1 
ATOM   509  C CG  . MET A 1 81  ? -12.939 -1.613  -10.313 1.00 25.98 ? 76  MET A CG  1 
ATOM   510  S SD  . MET A 1 81  ? -13.529 -2.024  -8.663  1.00 25.12 ? 76  MET A SD  1 
ATOM   511  C CE  . MET A 1 81  ? -12.695 -0.790  -7.649  1.00 25.95 ? 76  MET A CE  1 
ATOM   512  N N   . PRO A 1 82  ? -12.573 -5.088  -10.703 1.00 27.41 ? 77  PRO A N   1 
ATOM   513  C CA  . PRO A 1 82  ? -13.434 -5.902  -11.566 1.00 27.67 ? 77  PRO A CA  1 
ATOM   514  C C   . PRO A 1 82  ? -14.395 -4.972  -12.279 1.00 31.58 ? 77  PRO A C   1 
ATOM   515  O O   . PRO A 1 82  ? -14.756 -3.929  -11.721 1.00 26.07 ? 77  PRO A O   1 
ATOM   516  C CB  . PRO A 1 82  ? -14.183 -6.799  -10.575 1.00 30.92 ? 77  PRO A CB  1 
ATOM   517  C CG  . PRO A 1 82  ? -13.291 -6.861  -9.375  1.00 30.63 ? 77  PRO A CG  1 
ATOM   518  C CD  . PRO A 1 82  ? -12.662 -5.500  -9.288  1.00 29.78 ? 77  PRO A CD  1 
ATOM   519  N N   . LYS A 1 83  ? -14.780 -5.312  -13.503 1.00 29.05 ? 78  LYS A N   1 
ATOM   520  C CA  . LYS A 1 83  ? -15.671 -4.448  -14.251 1.00 31.70 ? 78  LYS A CA  1 
ATOM   521  C C   . LYS A 1 83  ? -16.783 -5.252  -14.893 1.00 33.67 ? 78  LYS A C   1 
ATOM   522  O O   . LYS A 1 83  ? -16.704 -5.640  -16.061 1.00 38.29 ? 78  LYS A O   1 
ATOM   523  C CB  . LYS A 1 83  ? -14.894 -3.620  -15.281 1.00 31.39 ? 78  LYS A CB  1 
ATOM   524  C CG  . LYS A 1 83  ? -14.132 -2.446  -14.656 1.00 30.84 ? 78  LYS A CG  1 
ATOM   525  C CD  . LYS A 1 83  ? -13.281 -1.705  -15.681 1.00 33.00 ? 78  LYS A CD  1 
ATOM   526  C CE  . LYS A 1 83  ? -12.453 -0.625  -15.005 1.00 35.41 ? 78  LYS A CE  1 
ATOM   527  N NZ  . LYS A 1 83  ? -11.468 0.001   -15.928 1.00 40.81 ? 78  LYS A NZ  1 
ATOM   528  N N   . THR A 1 84  ? -17.826 -5.498  -14.109 1.00 31.67 ? 79  THR A N   1 
ATOM   529  C CA  . THR A 1 84  ? -18.981 -6.243  -14.579 1.00 32.30 ? 79  THR A CA  1 
ATOM   530  C C   . THR A 1 84  ? -20.192 -5.330  -14.536 1.00 33.56 ? 79  THR A C   1 
ATOM   531  O O   . THR A 1 84  ? -20.059 -4.134  -14.276 1.00 31.21 ? 79  THR A O   1 
ATOM   532  C CB  . THR A 1 84  ? -19.216 -7.491  -13.710 1.00 31.11 ? 79  THR A CB  1 
ATOM   533  O OG1 . THR A 1 84  ? -19.749 -7.103  -12.433 1.00 29.19 ? 79  THR A OG1 1 
ATOM   534  C CG2 . THR A 1 84  ? -17.908 -8.225  -13.497 1.00 35.56 ? 79  THR A CG2 1 
ATOM   535  N N   . ASP A 1 85  ? -21.375 -5.882  -14.792 1.00 29.20 ? 80  ASP A N   1 
ATOM   536  C CA  . ASP A 1 85  ? -22.593 -5.091  -14.711 1.00 29.58 ? 80  ASP A CA  1 
ATOM   537  C C   . ASP A 1 85  ? -23.119 -4.984  -13.281 1.00 28.14 ? 80  ASP A C   1 
ATOM   538  O O   . ASP A 1 85  ? -24.219 -4.479  -13.067 1.00 30.57 ? 80  ASP A O   1 
ATOM   539  C CB  . ASP A 1 85  ? -23.681 -5.675  -15.627 1.00 33.17 ? 80  ASP A CB  1 
ATOM   540  C CG  . ASP A 1 85  ? -24.153 -7.053  -15.181 1.00 39.15 ? 80  ASP A CG  1 
ATOM   541  O OD1 . ASP A 1 85  ? -23.453 -7.727  -14.385 1.00 39.48 ? 80  ASP A OD1 1 
ATOM   542  O OD2 . ASP A 1 85  ? -25.233 -7.477  -15.646 1.00 48.27 ? 80  ASP A OD2 1 
ATOM   543  N N   . ASP A 1 86  ? -22.327 -5.443  -12.308 1.00 25.76 ? 81  ASP A N   1 
ATOM   544  C CA  . ASP A 1 86  ? -22.770 -5.449  -10.919 1.00 24.57 ? 81  ASP A CA  1 
ATOM   545  C C   . ASP A 1 86  ? -21.776 -4.648  -10.082 1.00 23.72 ? 81  ASP A C   1 
ATOM   546  O O   . ASP A 1 86  ? -20.763 -5.191  -9.675  1.00 22.60 ? 81  ASP A O   1 
ATOM   547  C CB  . ASP A 1 86  ? -22.818 -6.893  -10.419 1.00 25.80 ? 81  ASP A CB  1 
ATOM   548  C CG  . ASP A 1 86  ? -23.522 -7.030  -9.089  1.00 28.47 ? 81  ASP A CG  1 
ATOM   549  O OD1 . ASP A 1 86  ? -23.566 -6.042  -8.324  1.00 26.90 ? 81  ASP A OD1 1 
ATOM   550  O OD2 . ASP A 1 86  ? -24.043 -8.133  -8.813  1.00 30.82 ? 81  ASP A OD2 1 
ATOM   551  N N   . VAL A 1 87  ? -22.060 -3.368  -9.840  1.00 21.79 ? 82  VAL A N   1 
ATOM   552  C CA  . VAL A 1 87  ? -21.066 -2.500  -9.182  1.00 19.40 ? 82  VAL A CA  1 
ATOM   553  C C   . VAL A 1 87  ? -20.855 -2.911  -7.734  1.00 19.57 ? 82  VAL A C   1 
ATOM   554  O O   . VAL A 1 87  ? -19.745 -2.774  -7.178  1.00 19.62 ? 82  VAL A O   1 
ATOM   555  C CB  . VAL A 1 87  ? -21.448 -1.002  -9.271  1.00 19.97 ? 82  VAL A CB  1 
ATOM   556  C CG1 . VAL A 1 87  ? -22.768 -0.714  -8.578  1.00 20.95 ? 82  VAL A CG1 1 
ATOM   557  C CG2 . VAL A 1 87  ? -20.318 -0.125  -8.704  1.00 20.09 ? 82  VAL A CG2 1 
ATOM   558  N N   . THR A 1 88  ? -21.910 -3.426  -7.118  1.00 20.16 ? 83  THR A N   1 
ATOM   559  C CA  . THR A 1 88  ? -21.804 -3.895  -5.741  1.00 21.88 ? 83  THR A CA  1 
ATOM   560  C C   . THR A 1 88  ? -20.849 -5.082  -5.650  1.00 20.54 ? 83  THR A C   1 
ATOM   561  O O   . THR A 1 88  ? -19.948 -5.115  -4.797  1.00 22.09 ? 83  THR A O   1 
ATOM   562  C CB  . THR A 1 88  ? -23.176 -4.295  -5.171  1.00 24.65 ? 83  THR A CB  1 
ATOM   563  O OG1 . THR A 1 88  ? -24.042 -3.154  -5.139  1.00 26.46 ? 83  THR A OG1 1 
ATOM   564  C CG2 . THR A 1 88  ? -23.015 -4.832  -3.773  1.00 23.63 ? 83  THR A CG2 1 
ATOM   565  N N   . ALA A 1 89  ? -21.043 -6.072  -6.521  1.00 21.57 ? 84  ALA A N   1 
ATOM   566  C CA  . ALA A 1 89  ? -20.132 -7.215  -6.565  1.00 20.44 ? 84  ALA A CA  1 
ATOM   567  C C   . ALA A 1 89  ? -18.692 -6.805  -6.877  1.00 18.57 ? 84  ALA A C   1 
ATOM   568  O O   . ALA A 1 89  ? -17.730 -7.330  -6.282  1.00 18.87 ? 84  ALA A O   1 
ATOM   569  C CB  . ALA A 1 89  ? -20.627 -8.270  -7.583  1.00 21.65 ? 84  ALA A CB  1 
ATOM   570  N N   . ASP A 1 90  ? -18.533 -5.894  -7.835  1.00 20.84 ? 85  ASP A N   1 
ATOM   571  C CA  . ASP A 1 90  ? -17.204 -5.419  -8.216  1.00 18.63 ? 85  ASP A CA  1 
ATOM   572  C C   . ASP A 1 90  ? -16.448 -4.785  -7.040  1.00 19.61 ? 85  ASP A C   1 
ATOM   573  O O   . ASP A 1 90  ? -15.280 -5.103  -6.788  1.00 20.08 ? 85  ASP A O   1 
ATOM   574  C CB  . ASP A 1 90  ? -17.314 -4.386  -9.352  1.00 21.38 ? 85  ASP A CB  1 
ATOM   575  C CG  . ASP A 1 90  ? -17.786 -5.001  -10.666 1.00 26.37 ? 85  ASP A CG  1 
ATOM   576  O OD1 . ASP A 1 90  ? -17.939 -6.250  -10.739 1.00 22.07 ? 85  ASP A OD1 1 
ATOM   577  O OD2 . ASP A 1 90  ? -17.968 -4.232  -11.633 1.00 25.04 ? 85  ASP A OD2 1 
ATOM   578  N N   . LEU A 1 91  ? -17.109 -3.878  -6.333  1.00 17.42 ? 86  LEU A N   1 
ATOM   579  C CA  . LEU A 1 91  ? -16.448 -3.165  -5.233  1.00 15.29 ? 86  LEU A CA  1 
ATOM   580  C C   . LEU A 1 91  ? -16.270 -4.084  -4.032  1.00 15.96 ? 86  LEU A C   1 
ATOM   581  O O   . LEU A 1 91  ? -15.293 -3.977  -3.314  1.00 15.90 ? 86  LEU A O   1 
ATOM   582  C CB  . LEU A 1 91  ? -17.242 -1.926  -4.806  1.00 18.16 ? 86  LEU A CB  1 
ATOM   583  C CG  . LEU A 1 91  ? -16.755 -0.593  -5.387  1.00 24.63 ? 86  LEU A CG  1 
ATOM   584  C CD1 . LEU A 1 91  ? -16.956 -0.579  -6.846  1.00 27.37 ? 86  LEU A CD1 1 
ATOM   585  C CD2 . LEU A 1 91  ? -17.505 0.569   -4.778  1.00 27.73 ? 86  LEU A CD2 1 
ATOM   586  N N   . ALA A 1 92  ? -17.205 -4.997  -3.803  1.00 17.43 ? 87  ALA A N   1 
ATOM   587  C CA  . ALA A 1 92  ? -17.036 -5.944  -2.697  1.00 16.75 ? 87  ALA A CA  1 
ATOM   588  C C   . ALA A 1 92  ? -15.878 -6.872  -3.001  1.00 16.45 ? 87  ALA A C   1 
ATOM   589  O O   . ALA A 1 92  ? -15.036 -7.142  -2.128  1.00 18.74 ? 87  ALA A O   1 
ATOM   590  C CB  . ALA A 1 92  ? -18.322 -6.739  -2.437  1.00 16.77 ? 87  ALA A CB  1 
ATOM   591  N N   . SER A 1 93  ? -15.784 -7.318  -4.255  1.00 16.26 ? 88  SER A N   1 
ATOM   592  C CA  . SER A 1 93  ? -14.655 -8.153  -4.664  1.00 21.14 ? 88  SER A CA  1 
ATOM   593  C C   . SER A 1 93  ? -13.326 -7.413  -4.500  1.00 18.66 ? 88  SER A C   1 
ATOM   594  O O   . SER A 1 93  ? -12.364 -7.957  -3.928  1.00 18.59 ? 88  SER A O   1 
ATOM   595  C CB  . SER A 1 93  ? -14.811 -8.628  -6.116  1.00 21.85 ? 88  SER A CB  1 
ATOM   596  O OG  . SER A 1 93  ? -13.586 -9.199  -6.569  1.00 27.76 ? 88  SER A OG  1 
ATOM   597  N N   . TRP A 1 94  ? -13.285 -6.174  -4.985  1.00 16.19 ? 89  TRP A N   1 
ATOM   598  C CA  . TRP A 1 94  ? -12.095 -5.336  -4.854  1.00 19.47 ? 89  TRP A CA  1 
ATOM   599  C C   . TRP A 1 94  ? -11.687 -5.123  -3.403  1.00 16.84 ? 89  TRP A C   1 
ATOM   600  O O   . TRP A 1 94  ? -10.495 -5.223  -3.057  1.00 17.86 ? 89  TRP A O   1 
ATOM   601  C CB  . TRP A 1 94  ? -12.337 -3.971  -5.499  1.00 19.65 ? 89  TRP A CB  1 
ATOM   602  C CG  . TRP A 1 94  ? -11.179 -3.020  -5.369  1.00 17.65 ? 89  TRP A CG  1 
ATOM   603  C CD1 . TRP A 1 94  ? -10.110 -2.902  -6.215  1.00 22.81 ? 89  TRP A CD1 1 
ATOM   604  C CD2 . TRP A 1 94  ? -10.989 -2.040  -4.342  1.00 16.84 ? 89  TRP A CD2 1 
ATOM   605  N NE1 . TRP A 1 94  ? -9.258  -1.916  -5.766  1.00 22.34 ? 89  TRP A NE1 1 
ATOM   606  C CE2 . TRP A 1 94  ? -9.772  -1.374  -4.616  1.00 20.73 ? 89  TRP A CE2 1 
ATOM   607  C CE3 . TRP A 1 94  ? -11.722 -1.668  -3.212  1.00 20.57 ? 89  TRP A CE3 1 
ATOM   608  C CZ2 . TRP A 1 94  ? -9.287  -0.340  -3.810  1.00 21.75 ? 89  TRP A CZ2 1 
ATOM   609  C CZ3 . TRP A 1 94  ? -11.226 -0.648  -2.399  1.00 20.08 ? 89  TRP A CZ3 1 
ATOM   610  C CH2 . TRP A 1 94  ? -10.020 0.002   -2.706  1.00 20.49 ? 89  TRP A CH2 1 
ATOM   611  N N   . ALA A 1 95  ? -12.655 -4.799  -2.550  1.00 15.66 ? 90  ALA A N   1 
ATOM   612  C CA  . ALA A 1 95  ? -12.332 -4.472  -1.151  1.00 18.56 ? 90  ALA A CA  1 
ATOM   613  C C   . ALA A 1 95  ? -11.863 -5.702  -0.382  1.00 17.54 ? 90  ALA A C   1 
ATOM   614  O O   . ALA A 1 95  ? -10.968 -5.637  0.481   1.00 16.59 ? 90  ALA A O   1 
ATOM   615  C CB  . ALA A 1 95  ? -13.535 -3.844  -0.466  1.00 16.67 ? 90  ALA A CB  1 
ATOM   616  N N   . GLY A 1 96  ? -12.472 -6.839  -0.699  1.00 16.42 ? 91  GLY A N   1 
ATOM   617  C CA  . GLY A 1 96  ? -12.108 -8.079  -0.044  1.00 16.00 ? 91  GLY A CA  1 
ATOM   618  C C   . GLY A 1 96  ? -10.721 -8.518  -0.464  1.00 18.48 ? 91  GLY A C   1 
ATOM   619  O O   . GLY A 1 96  ? -9.936  -9.004  0.362   1.00 17.52 ? 91  GLY A O   1 
ATOM   620  N N   . THR A 1 97  ? -10.420 -8.378  -1.754  1.00 14.80 ? 92  THR A N   1 
ATOM   621  C CA  . THR A 1 97  ? -9.090  -8.750  -2.247  1.00 16.39 ? 92  THR A CA  1 
ATOM   622  C C   . THR A 1 97  ? -8.032  -7.869  -1.605  1.00 17.26 ? 92  THR A C   1 
ATOM   623  O O   . THR A 1 97  ? -6.933  -8.332  -1.239  1.00 17.39 ? 92  THR A O   1 
ATOM   624  C CB  . THR A 1 97  ? -9.025  -8.637  -3.771  1.00 20.94 ? 92  THR A CB  1 
ATOM   625  O OG1 . THR A 1 97  ? -9.881  -9.639  -4.334  1.00 22.12 ? 92  THR A OG1 1 
ATOM   626  C CG2 . THR A 1 97  ? -7.604  -8.862  -4.298  1.00 21.96 ? 92  THR A CG2 1 
ATOM   627  N N   . LEU A 1 98  ? -8.344  -6.584  -1.478  1.00 15.75 ? 93  LEU A N   1 
ATOM   628  C CA  . LEU A 1 98  ? -7.404  -5.655  -0.828  1.00 14.06 ? 93  LEU A CA  1 
ATOM   629  C C   . LEU A 1 98  ? -7.211  -6.019  0.629   1.00 14.84 ? 93  LEU A C   1 
ATOM   630  O O   . LEU A 1 98  ? -6.085  -6.012  1.131   1.00 14.89 ? 93  LEU A O   1 
ATOM   631  C CB  . LEU A 1 98  ? -7.900  -4.208  -0.943  1.00 17.65 ? 93  LEU A CB  1 
ATOM   632  C CG  . LEU A 1 98  ? -6.954  -3.172  -0.313  1.00 15.20 ? 93  LEU A CG  1 
ATOM   633  C CD1 . LEU A 1 98  ? -5.619  -3.145  -1.075  1.00 16.40 ? 93  LEU A CD1 1 
ATOM   634  C CD2 . LEU A 1 98  ? -7.595  -1.793  -0.314  1.00 18.21 ? 93  LEU A CD2 1 
ATOM   635  N N   . ALA A 1 99  ? -8.304  -6.325  1.328   1.00 15.07 ? 94  ALA A N   1 
ATOM   636  C CA  . ALA A 1 99  ? -8.221  -6.673  2.756   1.00 14.90 ? 94  ALA A CA  1 
ATOM   637  C C   . ALA A 1 99  ? -7.372  -7.942  2.941   1.00 16.19 ? 94  ALA A C   1 
ATOM   638  O O   . ALA A 1 99  ? -6.538  -8.046  3.856   1.00 16.21 ? 94  ALA A O   1 
ATOM   639  C CB  . ALA A 1 99  ? -9.619  -6.899  3.314   1.00 15.71 ? 94  ALA A CB  1 
ATOM   640  N N   . ALA A 1 100 ? -7.597  -8.911  2.061   1.00 16.92 ? 95  ALA A N   1 
ATOM   641  C CA  . ALA A 1 100 ? -6.815  -10.151 2.068   1.00 17.32 ? 95  ALA A CA  1 
ATOM   642  C C   . ALA A 1 100 ? -5.324  -9.849  1.859   1.00 17.59 ? 95  ALA A C   1 
ATOM   643  O O   . ALA A 1 100 ? -4.457  -10.375 2.575   1.00 20.08 ? 95  ALA A O   1 
ATOM   644  C CB  . ALA A 1 100 ? -7.326  -11.081 0.967   1.00 19.53 ? 95  ALA A CB  1 
ATOM   645  N N   . ALA A 1 101 ? -5.029  -9.013  0.874   1.00 17.13 ? 96  ALA A N   1 
ATOM   646  C CA  . ALA A 1 101 ? -3.635  -8.693  0.542   1.00 18.86 ? 96  ALA A CA  1 
ATOM   647  C C   . ALA A 1 101 ? -2.908  -7.967  1.684   1.00 18.70 ? 96  ALA A C   1 
ATOM   648  O O   . ALA A 1 101 ? -1.711  -8.208  1.933   1.00 20.95 ? 96  ALA A O   1 
ATOM   649  C CB  . ALA A 1 101 ? -3.573  -7.890  -0.724  1.00 16.99 ? 96  ALA A CB  1 
ATOM   650  N N   . LEU A 1 102 ? -3.619  -7.088  2.390   1.00 15.29 ? 97  LEU A N   1 
ATOM   651  C CA  . LEU A 1 102 ? -2.967  -6.317  3.459   1.00 13.37 ? 97  LEU A CA  1 
ATOM   652  C C   . LEU A 1 102 ? -2.945  -7.029  4.801   1.00 17.50 ? 97  LEU A C   1 
ATOM   653  O O   . LEU A 1 102 ? -2.394  -6.495  5.764   1.00 16.93 ? 97  LEU A O   1 
ATOM   654  C CB  . LEU A 1 102 ? -3.615  -4.928  3.627   1.00 16.04 ? 97  LEU A CB  1 
ATOM   655  C CG  . LEU A 1 102 ? -3.614  -4.019  2.404   1.00 18.46 ? 97  LEU A CG  1 
ATOM   656  C CD1 . LEU A 1 102 ? -4.371  -2.699  2.689   1.00 16.31 ? 97  LEU A CD1 1 
ATOM   657  C CD2 . LEU A 1 102 ? -2.181  -3.755  1.958   1.00 21.97 ? 97  LEU A CD2 1 
ATOM   658  N N   . THR A 1 103 ? -3.557  -8.212  4.897   1.00 15.94 ? 98  THR A N   1 
ATOM   659  C CA  . THR A 1 103 ? -3.511  -8.956  6.151   1.00 19.22 ? 98  THR A CA  1 
ATOM   660  C C   . THR A 1 103 ? -2.656  -10.211 6.038   1.00 19.91 ? 98  THR A C   1 
ATOM   661  O O   . THR A 1 103 ? -2.602  -10.993 6.981   1.00 23.06 ? 98  THR A O   1 
ATOM   662  C CB  . THR A 1 103 ? -4.925  -9.356  6.659   1.00 18.99 ? 98  THR A CB  1 
ATOM   663  O OG1 . THR A 1 103 ? -5.638  -9.995  5.601   1.00 16.24 ? 98  THR A OG1 1 
ATOM   664  C CG2 . THR A 1 103 ? -5.695  -8.110  7.095   1.00 20.13 ? 98  THR A CG2 1 
ATOM   665  N N   . THR A 1 104 ? -2.009  -10.416 4.887   1.00 18.10 ? 99  THR A N   1 
ATOM   666  C CA  . THR A 1 104 ? -0.967  -11.441 4.826   1.00 17.62 ? 99  THR A CA  1 
ATOM   667  C C   . THR A 1 104 ? 0.181   -10.948 5.708   1.00 23.18 ? 99  THR A C   1 
ATOM   668  O O   . THR A 1 104 ? 0.235   -9.762  6.062   1.00 19.57 ? 99  THR A O   1 
ATOM   669  C CB  . THR A 1 104 ? -0.473  -11.725 3.376   1.00 20.96 ? 99  THR A CB  1 
ATOM   670  O OG1 . THR A 1 104 ? 0.212   -10.574 2.852   1.00 19.65 ? 99  THR A OG1 1 
ATOM   671  C CG2 . THR A 1 104 ? -1.645  -12.098 2.456   1.00 20.82 ? 99  THR A CG2 1 
ATOM   672  N N   . ARG A 1 105 ? 1.094   -11.830 6.099   1.00 20.91 ? 100 ARG A N   1 
ATOM   673  C CA  . ARG A 1 105 ? 2.184   -11.373 6.946   1.00 22.89 ? 100 ARG A CA  1 
ATOM   674  C C   . ARG A 1 105 ? 3.036   -10.334 6.217   1.00 17.61 ? 100 ARG A C   1 
ATOM   675  O O   . ARG A 1 105 ? 3.402   -9.308  6.786   1.00 22.68 ? 100 ARG A O   1 
ATOM   676  C CB  . ARG A 1 105 ? 3.033   -12.549 7.408   1.00 28.49 ? 100 ARG A CB  1 
ATOM   677  C CG  . ARG A 1 105 ? 2.215   -13.562 8.181   1.00 30.18 ? 100 ARG A CG  1 
ATOM   678  C CD  . ARG A 1 105 ? 3.007   -14.221 9.286   1.00 40.99 ? 100 ARG A CD  1 
ATOM   679  N NE  . ARG A 1 105 ? 3.543   -15.501 8.845   1.00 43.05 ? 100 ARG A NE  1 
ATOM   680  C CZ  . ARG A 1 105 ? 4.676   -15.629 8.161   1.00 45.23 ? 100 ARG A CZ  1 
ATOM   681  N NH1 . ARG A 1 105 ? 5.387   -14.552 7.848   1.00 46.25 ? 100 ARG A NH1 1 
ATOM   682  N NH2 . ARG A 1 105 ? 5.103   -16.831 7.793   1.00 45.38 ? 100 ARG A NH2 1 
ATOM   683  N N   . ARG A 1 106 ? 3.322   -10.597 4.948   1.00 17.96 ? 101 ARG A N   1 
ATOM   684  C CA  . ARG A 1 106 ? 4.107   -9.668  4.138   1.00 21.05 ? 101 ARG A CA  1 
ATOM   685  C C   . ARG A 1 106 ? 3.338   -8.382  3.837   1.00 22.19 ? 101 ARG A C   1 
ATOM   686  O O   . ARG A 1 106 ? 3.909   -7.289  3.907   1.00 19.91 ? 101 ARG A O   1 
ATOM   687  C CB  . ARG A 1 106 ? 4.531   -10.346 2.833   1.00 26.83 ? 101 ARG A CB  1 
ATOM   688  C CG  . ARG A 1 106 ? 5.139   -9.416  1.808   1.00 29.85 ? 101 ARG A CG  1 
ATOM   689  C CD  . ARG A 1 106 ? 5.368   -10.140 0.491   1.00 39.90 ? 101 ARG A CD  1 
ATOM   690  N NE  . ARG A 1 106 ? 6.423   -11.143 0.622   1.00 42.38 ? 101 ARG A NE  1 
ATOM   691  C CZ  . ARG A 1 106 ? 7.689   -10.947 0.261   1.00 47.82 ? 101 ARG A CZ  1 
ATOM   692  N NH1 . ARG A 1 106 ? 8.052   -9.785  -0.264  1.00 46.24 ? 101 ARG A NH1 1 
ATOM   693  N NH2 . ARG A 1 106 ? 8.590   -11.911 0.423   1.00 42.97 ? 101 ARG A NH2 1 
ATOM   694  N N   . GLY A 1 107 ? 2.049   -8.509  3.506   1.00 17.06 ? 102 GLY A N   1 
ATOM   695  C CA  . GLY A 1 107 ? 1.247   -7.349  3.122   1.00 19.23 ? 102 GLY A CA  1 
ATOM   696  C C   . GLY A 1 107 ? 1.076   -6.368  4.276   1.00 17.86 ? 102 GLY A C   1 
ATOM   697  O O   . GLY A 1 107 ? 1.109   -5.139  4.103   1.00 18.29 ? 102 GLY A O   1 
ATOM   698  N N   . HIS A 1 108 ? 0.866   -6.919  5.460   1.00 16.75 ? 103 HIS A N   1 
ATOM   699  C CA  . HIS A 1 108 ? 0.684   -6.135  6.674   1.00 17.53 ? 103 HIS A CA  1 
ATOM   700  C C   . HIS A 1 108 ? 1.997   -5.431  7.055   1.00 20.60 ? 103 HIS A C   1 
ATOM   701  O O   . HIS A 1 108 ? 2.011   -4.252  7.418   1.00 20.38 ? 103 HIS A O   1 
ATOM   702  C CB  . HIS A 1 108 ? 0.200   -7.076  7.780   1.00 19.53 ? 103 HIS A CB  1 
ATOM   703  C CG  . HIS A 1 108 ? 0.185   -6.472  9.156   1.00 20.78 ? 103 HIS A CG  1 
ATOM   704  N ND1 . HIS A 1 108 ? 1.002   -6.933  10.170  1.00 23.75 ? 103 HIS A ND1 1 
ATOM   705  C CD2 . HIS A 1 108 ? -0.572  -5.491  9.700   1.00 24.15 ? 103 HIS A CD2 1 
ATOM   706  C CE1 . HIS A 1 108 ? 0.762   -6.246  11.271  1.00 27.24 ? 103 HIS A CE1 1 
ATOM   707  N NE2 . HIS A 1 108 ? -0.179  -5.356  11.016  1.00 21.35 ? 103 HIS A NE2 1 
ATOM   708  N N   . ALA A 1 109 ? 3.114   -6.136  6.947   1.00 19.40 ? 104 ALA A N   1 
ATOM   709  C CA  . ALA A 1 109 ? 4.394   -5.489  7.278   1.00 20.17 ? 104 ALA A CA  1 
ATOM   710  C C   . ALA A 1 109 ? 4.718   -4.395  6.258   1.00 19.60 ? 104 ALA A C   1 
ATOM   711  O O   . ALA A 1 109 ? 5.256   -3.336  6.609   1.00 22.38 ? 104 ALA A O   1 
ATOM   712  C CB  . ALA A 1 109 ? 5.513   -6.513  7.360   1.00 23.87 ? 104 ALA A CB  1 
ATOM   713  N N   . MET A 1 110 ? 4.384   -4.644  4.994   1.00 17.31 ? 105 MET A N   1 
ATOM   714  C CA  . MET A 1 110 ? 4.526   -3.632  3.952   1.00 19.56 ? 105 MET A CA  1 
ATOM   715  C C   . MET A 1 110 ? 3.700   -2.368  4.224   1.00 22.01 ? 105 MET A C   1 
ATOM   716  O O   . MET A 1 110 ? 4.197   -1.243  4.087   1.00 19.32 ? 105 MET A O   1 
ATOM   717  C CB  . MET A 1 110 ? 4.124   -4.219  2.600   1.00 21.79 ? 105 MET A CB  1 
ATOM   718  C CG  . MET A 1 110 ? 4.219   -3.231  1.467   1.00 24.37 ? 105 MET A CG  1 
ATOM   719  S SD  . MET A 1 110 ? 3.966   -3.984  -0.145  1.00 41.03 ? 105 MET A SD  1 
ATOM   720  C CE  . MET A 1 110 ? 3.705   -2.503  -1.113  1.00 37.40 ? 105 MET A CE  1 
ATOM   721  N N   . LEU A 1 111 ? 2.432   -2.546  4.589   1.00 17.09 ? 106 LEU A N   1 
ATOM   722  C CA  . LEU A 1 111 ? 1.571   -1.398  4.898   1.00 17.32 ? 106 LEU A CA  1 
ATOM   723  C C   . LEU A 1 111 ? 2.155   -0.608  6.064   1.00 18.88 ? 106 LEU A C   1 
ATOM   724  O O   . LEU A 1 111 ? 2.268   0.625   6.015   1.00 18.23 ? 106 LEU A O   1 
ATOM   725  C CB  . LEU A 1 111 ? 0.135   -1.860  5.211   1.00 15.24 ? 106 LEU A CB  1 
ATOM   726  C CG  . LEU A 1 111 ? -0.871  -0.751  5.555   1.00 20.02 ? 106 LEU A CG  1 
ATOM   727  C CD1 . LEU A 1 111 ? -1.060  0.210   4.384   1.00 20.44 ? 106 LEU A CD1 1 
ATOM   728  C CD2 . LEU A 1 111 ? -2.216  -1.321  5.984   1.00 19.26 ? 106 LEU A CD2 1 
ATOM   729  N N   . LYS A 1 112 ? 2.561   -1.318  7.107   1.00 18.03 ? 107 LYS A N   1 
ATOM   730  C CA  . LYS A 1 112 ? 3.165   -0.656  8.259   1.00 21.02 ? 107 LYS A CA  1 
ATOM   731  C C   . LYS A 1 112 ? 4.447   0.099   7.882   1.00 20.63 ? 107 LYS A C   1 
ATOM   732  O O   . LYS A 1 112 ? 4.653   1.242   8.317   1.00 20.37 ? 107 LYS A O   1 
ATOM   733  C CB  . LYS A 1 112 ? 3.380   -1.656  9.401   1.00 19.67 ? 107 LYS A CB  1 
ATOM   734  C CG  . LYS A 1 112 ? 2.073   -2.218  9.951   1.00 23.54 ? 107 LYS A CG  1 
ATOM   735  C CD  . LYS A 1 112 ? 2.258   -2.784  11.353  1.00 33.77 ? 107 LYS A CD  1 
ATOM   736  C CE  . LYS A 1 112 ? 3.401   -3.765  11.393  1.00 31.87 ? 107 LYS A CE  1 
ATOM   737  N NZ  . LYS A 1 112 ? 3.936   -3.960  12.786  1.00 39.96 ? 107 LYS A NZ  1 
ATOM   738  N N   . THR A 1 113 ? 5.284   -0.504  7.041   1.00 20.59 ? 108 THR A N   1 
ATOM   739  C CA  . THR A 1 113 ? 6.517   0.168   6.594   1.00 22.13 ? 108 THR A CA  1 
ATOM   740  C C   . THR A 1 113 ? 6.245   1.412   5.755   1.00 22.27 ? 108 THR A C   1 
ATOM   741  O O   . THR A 1 113 ? 6.893   2.447   5.938   1.00 22.25 ? 108 THR A O   1 
ATOM   742  C CB  . THR A 1 113 ? 7.424   -0.779  5.797   1.00 24.32 ? 108 THR A CB  1 
ATOM   743  O OG1 . THR A 1 113 ? 7.807   -1.867  6.642   1.00 23.81 ? 108 THR A OG1 1 
ATOM   744  C CG2 . THR A 1 113 ? 8.678   -0.046  5.314   1.00 25.60 ? 108 THR A CG2 1 
ATOM   745  N N   . LEU A 1 114 ? 5.307   1.316   4.817   1.00 19.05 ? 109 LEU A N   1 
ATOM   746  C CA  . LEU A 1 114 ? 4.974   2.465   3.983   1.00 20.47 ? 109 LEU A CA  1 
ATOM   747  C C   . LEU A 1 114 ? 4.405   3.614   4.841   1.00 22.00 ? 109 LEU A C   1 
ATOM   748  O O   . LEU A 1 114 ? 4.787   4.775   4.662   1.00 21.23 ? 109 LEU A O   1 
ATOM   749  C CB  . LEU A 1 114 ? 3.986   2.067   2.878   1.00 20.29 ? 109 LEU A CB  1 
ATOM   750  C CG  . LEU A 1 114 ? 4.486   1.151   1.750   1.00 24.03 ? 109 LEU A CG  1 
ATOM   751  C CD1 . LEU A 1 114 ? 3.341   0.745   0.837   1.00 21.84 ? 109 LEU A CD1 1 
ATOM   752  C CD2 . LEU A 1 114 ? 5.596   1.810   0.927   1.00 22.83 ? 109 LEU A CD2 1 
ATOM   753  N N   . MET A 1 115 ? 3.496   3.292   5.760   1.00 18.34 ? 110 MET A N   1 
ATOM   754  C CA  . MET A 1 115 ? 2.905   4.324   6.628   1.00 19.25 ? 110 MET A CA  1 
ATOM   755  C C   . MET A 1 115 ? 3.999   4.938   7.496   1.00 22.01 ? 110 MET A C   1 
ATOM   756  O O   . MET A 1 115 ? 4.109   6.159   7.618   1.00 18.71 ? 110 MET A O   1 
ATOM   757  C CB  . MET A 1 115 ? 1.782   3.730   7.492   1.00 23.87 ? 110 MET A CB  1 
ATOM   758  C CG  . MET A 1 115 ? 1.008   4.737   8.354   1.00 23.91 ? 110 MET A CG  1 
ATOM   759  S SD  . MET A 1 115 ? 0.339   6.160   7.446   1.00 27.65 ? 110 MET A SD  1 
ATOM   760  C CE  . MET A 1 115 ? -0.634  5.310   6.198   1.00 30.22 ? 110 MET A CE  1 
ATOM   761  N N   . ALA A 1 116 ? 4.823   4.086   8.089   1.00 19.67 ? 111 ALA A N   1 
ATOM   762  C CA  . ALA A 1 116 ? 5.958   4.574   8.874   1.00 20.24 ? 111 ALA A CA  1 
ATOM   763  C C   . ALA A 1 116 ? 6.859   5.536   8.110   1.00 18.63 ? 111 ALA A C   1 
ATOM   764  O O   . ALA A 1 116 ? 7.190   6.607   8.616   1.00 21.97 ? 111 ALA A O   1 
ATOM   765  C CB  . ALA A 1 116 ? 6.758   3.411   9.427   1.00 19.26 ? 111 ALA A CB  1 
ATOM   766  N N   . ALA A 1 117 ? 7.281   5.147   6.908   1.00 23.04 ? 112 ALA A N   1 
ATOM   767  C CA  . ALA A 1 117 ? 8.103   6.019   6.073   1.00 20.45 ? 112 ALA A CA  1 
ATOM   768  C C   . ALA A 1 117 ? 7.373   7.325   5.754   1.00 23.84 ? 112 ALA A C   1 
ATOM   769  O O   . ALA A 1 117 ? 7.973   8.400   5.756   1.00 20.21 ? 112 ALA A O   1 
ATOM   770  C CB  . ALA A 1 117 ? 8.474   5.312   4.784   1.00 21.15 ? 112 ALA A CB  1 
ATOM   771  N N   . SER A 1 118 ? 6.082   7.221   5.455   1.00 20.43 ? 113 SER A N   1 
ATOM   772  C CA  . SER A 1 118 ? 5.289   8.398   5.094   1.00 21.63 ? 113 SER A CA  1 
ATOM   773  C C   . SER A 1 118 ? 5.281   9.458   6.184   1.00 19.90 ? 113 SER A C   1 
ATOM   774  O O   . SER A 1 118 ? 5.315   10.663  5.890   1.00 22.44 ? 113 SER A O   1 
ATOM   775  C CB  . SER A 1 118 ? 3.845   7.991   4.770   1.00 23.35 ? 113 SER A CB  1 
ATOM   776  O OG  . SER A 1 118 ? 3.817   7.256   3.562   1.00 31.82 ? 113 SER A OG  1 
ATOM   777  N N   . LEU A 1 119 ? 5.239   9.010   7.433   1.00 18.18 ? 114 LEU A N   1 
ATOM   778  C CA  . LEU A 1 119 ? 5.055   9.907   8.568   1.00 21.89 ? 114 LEU A CA  1 
ATOM   779  C C   . LEU A 1 119 ? 6.360   10.629  8.900   1.00 26.21 ? 114 LEU A C   1 
ATOM   780  O O   . LEU A 1 119 ? 6.364   11.548  9.714   1.00 28.50 ? 114 LEU A O   1 
ATOM   781  C CB  . LEU A 1 119 ? 4.557   9.140   9.798   1.00 19.78 ? 114 LEU A CB  1 
ATOM   782  C CG  . LEU A 1 119 ? 3.167   8.491   9.686   1.00 18.91 ? 114 LEU A CG  1 
ATOM   783  C CD1 . LEU A 1 119 ? 2.857   7.622   10.866  1.00 19.05 ? 114 LEU A CD1 1 
ATOM   784  C CD2 . LEU A 1 119 ? 2.115   9.588   9.593   1.00 23.60 ? 114 LEU A CD2 1 
ATOM   785  N N   . GLU A 1 120 ? 7.459   10.221  8.264   1.00 22.60 ? 115 GLU A N   1 
ATOM   786  C CA  . GLU A 1 120 ? 8.765   10.849  8.528   1.00 27.22 ? 115 GLU A CA  1 
ATOM   787  C C   . GLU A 1 120 ? 9.013   12.184  7.808   1.00 31.84 ? 115 GLU A C   1 
ATOM   788  O O   . GLU A 1 120 ? 9.793   13.014  8.282   1.00 29.20 ? 115 GLU A O   1 
ATOM   789  C CB  . GLU A 1 120 ? 9.909   9.876   8.208   1.00 28.02 ? 115 GLU A CB  1 
ATOM   790  C CG  . GLU A 1 120 ? 9.996   8.690   9.148   1.00 27.15 ? 115 GLU A CG  1 
ATOM   791  C CD  . GLU A 1 120 ? 11.218  7.819   8.863   1.00 31.03 ? 115 GLU A CD  1 
ATOM   792  O OE1 . GLU A 1 120 ? 11.686  7.808   7.703   1.00 30.88 ? 115 GLU A OE1 1 
ATOM   793  O OE2 . GLU A 1 120 ? 11.708  7.146   9.799   1.00 34.20 ? 115 GLU A OE2 1 
ATOM   794  N N   . HIS A 1 121 ? 8.372   12.385  6.660   1.00 29.05 ? 116 HIS A N   1 
ATOM   795  C CA  . HIS A 1 121 ? 8.596   13.597  5.872   1.00 32.98 ? 116 HIS A CA  1 
ATOM   796  C C   . HIS A 1 121 ? 7.408   13.816  4.946   1.00 31.62 ? 116 HIS A C   1 
ATOM   797  O O   . HIS A 1 121 ? 6.951   12.874  4.287   1.00 29.08 ? 116 HIS A O   1 
ATOM   798  C CB  . HIS A 1 121 ? 9.886   13.454  5.064   1.00 35.48 ? 116 HIS A CB  1 
ATOM   799  C CG  . HIS A 1 121 ? 10.474  14.753  4.605   1.00 36.39 ? 116 HIS A CG  1 
ATOM   800  N ND1 . HIS A 1 121 ? 9.954   15.480  3.555   1.00 37.88 ? 116 HIS A ND1 1 
ATOM   801  C CD2 . HIS A 1 121 ? 11.559  15.442  5.037   1.00 37.46 ? 116 HIS A CD2 1 
ATOM   802  C CE1 . HIS A 1 121 ? 10.685  16.566  3.367   1.00 42.78 ? 116 HIS A CE1 1 
ATOM   803  N NE2 . HIS A 1 121 ? 11.667  16.564  4.253   1.00 37.57 ? 116 HIS A NE2 1 
ATOM   804  N N   . GLU A 1 122 ? 6.890   15.043  4.902   1.00 30.73 ? 117 GLU A N   1 
ATOM   805  C CA  . GLU A 1 122 ? 5.677   15.309  4.131   1.00 36.88 ? 117 GLU A CA  1 
ATOM   806  C C   . GLU A 1 122 ? 5.859   15.010  2.642   1.00 32.91 ? 117 GLU A C   1 
ATOM   807  O O   . GLU A 1 122 ? 4.910   14.574  1.975   1.00 32.57 ? 117 GLU A O   1 
ATOM   808  C CB  . GLU A 1 122 ? 5.152   16.737  4.369   1.00 43.07 ? 117 GLU A CB  1 
ATOM   809  C CG  . GLU A 1 122 ? 4.499   16.932  5.755   1.00 44.79 ? 117 GLU A CG  1 
ATOM   810  C CD  . GLU A 1 122 ? 3.640   18.195  5.860   1.00 56.21 ? 117 GLU A CD  1 
ATOM   811  O OE1 . GLU A 1 122 ? 3.546   18.951  4.865   1.00 53.36 ? 117 GLU A OE1 1 
ATOM   812  O OE2 . GLU A 1 122 ? 3.051   18.424  6.943   1.00 55.66 ? 117 GLU A OE2 1 
ATOM   813  N N   . ASP A 1 123 ? 7.078   15.207  2.141   1.00 28.31 ? 118 ASP A N   1 
ATOM   814  C CA  . ASP A 1 123 ? 7.414   14.904  0.743   1.00 31.55 ? 118 ASP A CA  1 
ATOM   815  C C   . ASP A 1 123 ? 7.403   13.402  0.474   1.00 29.73 ? 118 ASP A C   1 
ATOM   816  O O   . ASP A 1 123 ? 7.003   12.949  -0.596  1.00 27.65 ? 118 ASP A O   1 
ATOM   817  C CB  . ASP A 1 123 ? 8.801   15.449  0.378   1.00 31.40 ? 118 ASP A CB  1 
ATOM   818  C CG  . ASP A 1 123 ? 8.842   16.964  0.315   1.00 37.57 ? 118 ASP A CG  1 
ATOM   819  O OD1 . ASP A 1 123 ? 7.759   17.588  0.251   1.00 40.59 ? 118 ASP A OD1 1 
ATOM   820  O OD2 . ASP A 1 123 ? 9.961   17.525  0.327   1.00 39.08 ? 118 ASP A OD2 1 
ATOM   821  N N   . THR A 1 124 ? 7.867   12.634  1.447   1.00 28.06 ? 119 THR A N   1 
ATOM   822  C CA  . THR A 1 124 ? 7.876   11.185  1.317   1.00 26.75 ? 119 THR A CA  1 
ATOM   823  C C   . THR A 1 124 ? 6.434   10.690  1.323   1.00 24.08 ? 119 THR A C   1 
ATOM   824  O O   . THR A 1 124 ? 6.056   9.844   0.520   1.00 26.78 ? 119 THR A O   1 
ATOM   825  C CB  . THR A 1 124 ? 8.669   10.534  2.454   1.00 28.57 ? 119 THR A CB  1 
ATOM   826  O OG1 . THR A 1 124 ? 10.030  10.998  2.398   1.00 28.37 ? 119 THR A OG1 1 
ATOM   827  C CG2 . THR A 1 124 ? 8.639   9.003   2.332   1.00 22.93 ? 119 THR A CG2 1 
ATOM   828  N N   . ALA A 1 125 ? 5.624   11.232  2.222   1.00 22.27 ? 120 ALA A N   1 
ATOM   829  C CA  . ALA A 1 125 ? 4.210   10.853  2.250   1.00 26.39 ? 120 ALA A CA  1 
ATOM   830  C C   . ALA A 1 125 ? 3.538   11.111  0.892   1.00 26.58 ? 120 ALA A C   1 
ATOM   831  O O   . ALA A 1 125 ? 2.753   10.289  0.397   1.00 26.88 ? 120 ALA A O   1 
ATOM   832  C CB  . ALA A 1 125 ? 3.494   11.598  3.352   1.00 26.48 ? 120 ALA A CB  1 
ATOM   833  N N   . ALA A 1 126 ? 3.852   12.252  0.289   1.00 28.70 ? 121 ALA A N   1 
ATOM   834  C CA  . ALA A 1 126 ? 3.234   12.650  -0.980  1.00 28.59 ? 121 ALA A CA  1 
ATOM   835  C C   . ALA A 1 126 ? 3.633   11.709  -2.117  1.00 28.24 ? 121 ALA A C   1 
ATOM   836  O O   . ALA A 1 126 ? 2.835   11.402  -3.004  1.00 27.13 ? 121 ALA A O   1 
ATOM   837  C CB  . ALA A 1 126 ? 3.620   14.087  -1.319  1.00 28.41 ? 121 ALA A CB  1 
ATOM   838  N N   . ARG A 1 127 ? 4.889   11.282  -2.089  1.00 25.32 ? 122 ARG A N   1 
ATOM   839  C CA  . ARG A 1 127 ? 5.462   10.378  -3.077  1.00 26.48 ? 122 ARG A CA  1 
ATOM   840  C C   . ARG A 1 127 ? 4.823   8.993   -2.959  1.00 25.26 ? 122 ARG A C   1 
ATOM   841  O O   . ARG A 1 127 ? 4.468   8.351   -3.970  1.00 26.04 ? 122 ARG A O   1 
ATOM   842  C CB  . ARG A 1 127 ? 6.961   10.279  -2.801  1.00 29.60 ? 122 ARG A CB  1 
ATOM   843  C CG  . ARG A 1 127 ? 7.776   9.489   -3.794  1.00 37.23 ? 122 ARG A CG  1 
ATOM   844  C CD  . ARG A 1 127 ? 9.235   9.437   -3.318  1.00 38.90 ? 122 ARG A CD  1 
ATOM   845  N NE  . ARG A 1 127 ? 9.620   10.739  -2.784  1.00 43.00 ? 122 ARG A NE  1 
ATOM   846  C CZ  . ARG A 1 127 ? 10.374  10.939  -1.709  1.00 35.44 ? 122 ARG A CZ  1 
ATOM   847  N NH1 . ARG A 1 127 ? 10.883  9.921   -1.020  1.00 34.96 ? 122 ARG A NH1 1 
ATOM   848  N NH2 . ARG A 1 127 ? 10.621  12.183  -1.328  1.00 35.81 ? 122 ARG A NH2 1 
ATOM   849  N N   . LEU A 1 128 ? 4.675   8.532   -1.720  1.00 23.67 ? 123 LEU A N   1 
ATOM   850  C CA  . LEU A 1 128 ? 4.081   7.219   -1.475  1.00 22.51 ? 123 LEU A CA  1 
ATOM   851  C C   . LEU A 1 128 ? 2.572   7.235   -1.705  1.00 23.69 ? 123 LEU A C   1 
ATOM   852  O O   . LEU A 1 128 ? 2.004   6.235   -2.121  1.00 23.77 ? 123 LEU A O   1 
ATOM   853  C CB  . LEU A 1 128 ? 4.416   6.730   -0.064  1.00 27.02 ? 123 LEU A CB  1 
ATOM   854  C CG  . LEU A 1 128 ? 5.918   6.545   0.192   1.00 24.28 ? 123 LEU A CG  1 
ATOM   855  C CD1 . LEU A 1 128 ? 6.168   6.093   1.619   1.00 19.54 ? 123 LEU A CD1 1 
ATOM   856  C CD2 . LEU A 1 128 ? 6.514   5.537   -0.786  1.00 21.90 ? 123 LEU A CD2 1 
ATOM   857  N N   . ARG A 1 129 ? 1.924   8.362   -1.433  1.00 23.70 ? 124 ARG A N   1 
ATOM   858  C CA  . ARG A 1 129 ? 0.500   8.495   -1.739  1.00 23.98 ? 124 ARG A CA  1 
ATOM   859  C C   . ARG A 1 129 ? 0.262   8.413   -3.247  1.00 25.25 ? 124 ARG A C   1 
ATOM   860  O O   . ARG A 1 129 ? -0.680  7.755   -3.709  1.00 25.85 ? 124 ARG A O   1 
ATOM   861  C CB  . ARG A 1 129 ? -0.048  9.813   -1.194  1.00 27.09 ? 124 ARG A CB  1 
ATOM   862  C CG  . ARG A 1 129 ? -1.484  10.066  -1.597  1.00 31.45 ? 124 ARG A CG  1 
ATOM   863  C CD  . ARG A 1 129 ? -1.923  11.496  -1.351  1.00 33.32 ? 124 ARG A CD  1 
ATOM   864  N NE  . ARG A 1 129 ? -3.275  11.701  -1.868  1.00 36.42 ? 124 ARG A NE  1 
ATOM   865  C CZ  . ARG A 1 129 ? -3.842  12.888  -2.057  1.00 43.61 ? 124 ARG A CZ  1 
ATOM   866  N NH1 . ARG A 1 129 ? -3.180  14.005  -1.771  1.00 34.55 ? 124 ARG A NH1 1 
ATOM   867  N NH2 . ARG A 1 129 ? -5.077  12.956  -2.541  1.00 38.87 ? 124 ARG A NH2 1 
ATOM   868  N N   . GLU A 1 130 ? 1.102   9.096   -4.018  1.00 23.38 ? 125 GLU A N   1 
ATOM   869  C CA  . GLU A 1 130 ? 1.025   9.026   -5.473  1.00 25.21 ? 125 GLU A CA  1 
ATOM   870  C C   . GLU A 1 130 ? 1.250   7.603   -5.962  1.00 25.98 ? 125 GLU A C   1 
ATOM   871  O O   . GLU A 1 130 ? 0.554   7.125   -6.865  1.00 25.25 ? 125 GLU A O   1 
ATOM   872  C CB  . GLU A 1 130 ? 2.026   10.002  -6.122  1.00 24.65 ? 125 GLU A CB  1 
ATOM   873  C CG  . GLU A 1 130 ? 2.359   9.738   -7.600  1.00 29.02 ? 125 GLU A CG  1 
ATOM   874  C CD  . GLU A 1 130 ? 1.219   10.067  -8.561  1.00 39.59 ? 125 GLU A CD  1 
ATOM   875  O OE1 . GLU A 1 130 ? 0.237   10.725  -8.141  1.00 41.66 ? 125 GLU A OE1 1 
ATOM   876  O OE2 . GLU A 1 130 ? 1.319   9.666   -9.745  1.00 35.42 ? 125 GLU A OE2 1 
ATOM   877  N N   . GLY A 1 131 ? 2.193   6.904   -5.341  1.00 22.32 ? 126 GLY A N   1 
ATOM   878  C CA  . GLY A 1 131 ? 2.550   5.581   -5.804  1.00 27.13 ? 126 GLY A CA  1 
ATOM   879  C C   . GLY A 1 131 ? 1.537   4.514   -5.424  1.00 27.39 ? 126 GLY A C   1 
ATOM   880  O O   . GLY A 1 131 ? 1.239   3.630   -6.220  1.00 27.75 ? 126 GLY A O   1 
ATOM   881  N N   . PHE A 1 132 ? 1.001   4.595   -4.211  1.00 25.46 ? 127 PHE A N   1 
ATOM   882  C CA  . PHE A 1 132 ? 0.219   3.481   -3.669  1.00 26.38 ? 127 PHE A CA  1 
ATOM   883  C C   . PHE A 1 132 ? -1.249  3.810   -3.418  1.00 22.59 ? 127 PHE A C   1 
ATOM   884  O O   . PHE A 1 132 ? -2.125  2.999   -3.720  1.00 28.39 ? 127 PHE A O   1 
ATOM   885  C CB  . PHE A 1 132 ? 0.858   2.955   -2.374  1.00 22.72 ? 127 PHE A CB  1 
ATOM   886  C CG  . PHE A 1 132 ? 2.191   2.289   -2.579  1.00 24.77 ? 127 PHE A CG  1 
ATOM   887  C CD1 . PHE A 1 132 ? 2.271   0.960   -2.977  1.00 24.82 ? 127 PHE A CD1 1 
ATOM   888  C CD2 . PHE A 1 132 ? 3.376   2.999   -2.382  1.00 21.93 ? 127 PHE A CD2 1 
ATOM   889  C CE1 . PHE A 1 132 ? 3.503   0.347   -3.175  1.00 31.90 ? 127 PHE A CE1 1 
ATOM   890  C CE2 . PHE A 1 132 ? 4.609   2.392   -2.572  1.00 26.43 ? 127 PHE A CE2 1 
ATOM   891  C CZ  . PHE A 1 132 ? 4.678   1.068   -2.964  1.00 28.34 ? 127 PHE A CZ  1 
ATOM   892  N N   . SER A 1 133 ? -1.531  4.975   -2.845  1.00 21.47 ? 128 SER A N   1 
ATOM   893  C CA  . SER A 1 133 ? -2.916  5.303   -2.503  1.00 24.73 ? 128 SER A CA  1 
ATOM   894  C C   . SER A 1 133 ? -3.725  5.825   -3.700  1.00 24.64 ? 128 SER A C   1 
ATOM   895  O O   . SER A 1 133 ? -4.876  5.423   -3.910  1.00 21.51 ? 128 SER A O   1 
ATOM   896  C CB  . SER A 1 133 ? -2.969  6.309   -1.352  1.00 26.18 ? 128 SER A CB  1 
ATOM   897  O OG  . SER A 1 133 ? -4.317  6.507   -0.945  1.00 34.23 ? 128 SER A OG  1 
ATOM   898  N N   . ARG A 1 134 ? -3.134  6.724   -4.483  1.00 21.63 ? 129 ARG A N   1 
ATOM   899  C CA  . ARG A 1 134 ? -3.857  7.303   -5.632  1.00 24.90 ? 129 ARG A CA  1 
ATOM   900  C C   . ARG A 1 134 ? -4.482  6.286   -6.601  1.00 23.72 ? 129 ARG A C   1 
ATOM   901  O O   . ARG A 1 134 ? -5.652  6.431   -6.957  1.00 26.59 ? 129 ARG A O   1 
ATOM   902  C CB  . ARG A 1 134 ? -2.997  8.318   -6.409  1.00 28.08 ? 129 ARG A CB  1 
ATOM   903  C CG  . ARG A 1 134 ? -3.749  8.948   -7.593  1.00 31.03 ? 129 ARG A CG  1 
ATOM   904  C CD  . ARG A 1 134 ? -2.822  9.621   -8.609  1.00 34.78 ? 129 ARG A CD  1 
ATOM   905  N NE  . ARG A 1 134 ? -1.978  8.647   -9.301  1.00 42.99 ? 129 ARG A NE  1 
ATOM   906  C CZ  . ARG A 1 134 ? -2.127  8.280   -10.574 1.00 45.41 ? 129 ARG A CZ  1 
ATOM   907  N NH1 . ARG A 1 134 ? -3.089  8.813   -11.324 1.00 43.10 ? 129 ARG A NH1 1 
ATOM   908  N NH2 . ARG A 1 134 ? -1.303  7.381   -11.102 1.00 46.88 ? 129 ARG A NH2 1 
ATOM   909  N N   . PRO A 1 135 ? -3.720  5.254   -7.029  1.00 23.43 ? 130 PRO A N   1 
ATOM   910  C CA  . PRO A 1 135 ? -4.364  4.304   -7.943  1.00 23.08 ? 130 PRO A CA  1 
ATOM   911  C C   . PRO A 1 135 ? -5.557  3.580   -7.312  1.00 20.93 ? 130 PRO A C   1 
ATOM   912  O O   . PRO A 1 135 ? -6.489  3.249   -8.037  1.00 21.98 ? 130 PRO A O   1 
ATOM   913  C CB  . PRO A 1 135 ? -3.243  3.298   -8.255  1.00 28.88 ? 130 PRO A CB  1 
ATOM   914  C CG  . PRO A 1 135 ? -1.973  4.038   -7.959  1.00 29.64 ? 130 PRO A CG  1 
ATOM   915  C CD  . PRO A 1 135 ? -2.302  4.912   -6.795  1.00 26.76 ? 130 PRO A CD  1 
ATOM   916  N N   . LEU A 1 136 ? -5.533  3.330   -5.999  1.00 20.14 ? 131 LEU A N   1 
ATOM   917  C CA  . LEU A 1 136 ? -6.659  2.653   -5.359  1.00 19.70 ? 131 LEU A CA  1 
ATOM   918  C C   . LEU A 1 136 ? -7.860  3.586   -5.268  1.00 17.36 ? 131 LEU A C   1 
ATOM   919  O O   . LEU A 1 136 ? -8.982  3.188   -5.585  1.00 18.06 ? 131 LEU A O   1 
ATOM   920  C CB  . LEU A 1 136 ? -6.277  2.145   -3.957  1.00 20.71 ? 131 LEU A CB  1 
ATOM   921  C CG  . LEU A 1 136 ? -5.142  1.123   -3.877  1.00 19.65 ? 131 LEU A CG  1 
ATOM   922  C CD1 . LEU A 1 136 ? -4.791  0.795   -2.428  1.00 19.80 ? 131 LEU A CD1 1 
ATOM   923  C CD2 . LEU A 1 136 ? -5.499  -0.155  -4.623  1.00 21.02 ? 131 LEU A CD2 1 
ATOM   924  N N   . ILE A 1 137 ? -7.636  4.823   -4.823  1.00 16.42 ? 132 ILE A N   1 
ATOM   925  C CA  . ILE A 1 137 ? -8.745  5.785   -4.733  1.00 18.15 ? 132 ILE A CA  1 
ATOM   926  C C   . ILE A 1 137 ? -9.348  5.983   -6.114  1.00 21.05 ? 132 ILE A C   1 
ATOM   927  O O   . ILE A 1 137 ? -10.572 5.974   -6.294  1.00 17.38 ? 132 ILE A O   1 
ATOM   928  C CB  . ILE A 1 137 ? -8.300  7.160   -4.163  1.00 18.51 ? 132 ILE A CB  1 
ATOM   929  C CG1 . ILE A 1 137 ? -8.119  7.068   -2.650  1.00 20.25 ? 132 ILE A CG1 1 
ATOM   930  C CG2 . ILE A 1 137 ? -9.372  8.219   -4.438  1.00 23.77 ? 132 ILE A CG2 1 
ATOM   931  C CD1 . ILE A 1 137 ? -9.486  6.851   -1.906  1.00 20.53 ? 132 ILE A CD1 1 
ATOM   932  N N   . GLU A 1 138 ? -8.483  6.150   -7.107  1.00 18.55 ? 133 GLU A N   1 
ATOM   933  C CA  . GLU A 1 138 ? -8.982  6.436   -8.445  1.00 21.45 ? 133 GLU A CA  1 
ATOM   934  C C   . GLU A 1 138 ? -9.717  5.265   -9.065  1.00 18.82 ? 133 GLU A C   1 
ATOM   935  O O   . GLU A 1 138 ? -10.684 5.463   -9.799  1.00 19.83 ? 133 GLU A O   1 
ATOM   936  C CB  . GLU A 1 138 ? -7.851  6.919   -9.358  1.00 27.36 ? 133 GLU A CB  1 
ATOM   937  C CG  . GLU A 1 138 ? -7.388  8.317   -8.999  1.00 27.10 ? 133 GLU A CG  1 
ATOM   938  C CD  . GLU A 1 138 ? -6.399  8.882   -9.996  1.00 33.35 ? 133 GLU A CD  1 
ATOM   939  O OE1 . GLU A 1 138 ? -5.790  8.085   -10.754 1.00 27.64 ? 133 GLU A OE1 1 
ATOM   940  O OE2 . GLU A 1 138 ? -6.237  10.126  -10.005 1.00 36.70 ? 133 GLU A OE2 1 
ATOM   941  N N   . SER A 1 139 ? -9.277  4.046   -8.762  1.00 17.48 ? 134 SER A N   1 
ATOM   942  C CA  . SER A 1 139 ? -9.956  2.853   -9.243  1.00 19.47 ? 134 SER A CA  1 
ATOM   943  C C   . SER A 1 139 ? -11.382 2.812   -8.712  1.00 22.82 ? 134 SER A C   1 
ATOM   944  O O   . SER A 1 139 ? -12.331 2.592   -9.469  1.00 17.31 ? 134 SER A O   1 
ATOM   945  C CB  . SER A 1 139 ? -9.188  1.614   -8.777  1.00 23.82 ? 134 SER A CB  1 
ATOM   946  O OG  . SER A 1 139 ? -9.428  0.520   -9.631  1.00 38.98 ? 134 SER A OG  1 
ATOM   947  N N   . VAL A 1 140 ? -11.538 3.025   -7.405  1.00 19.72 ? 135 VAL A N   1 
ATOM   948  C CA  . VAL A 1 140 ? -12.880 3.002   -6.804  1.00 18.96 ? 135 VAL A CA  1 
ATOM   949  C C   . VAL A 1 140 ? -13.724 4.157   -7.302  1.00 18.94 ? 135 VAL A C   1 
ATOM   950  O O   . VAL A 1 140 ? -14.875 3.964   -7.719  1.00 19.21 ? 135 VAL A O   1 
ATOM   951  C CB  . VAL A 1 140 ? -12.817 3.044   -5.264  1.00 19.47 ? 135 VAL A CB  1 
ATOM   952  C CG1 . VAL A 1 140 ? -14.240 3.105   -4.667  1.00 17.71 ? 135 VAL A CG1 1 
ATOM   953  C CG2 . VAL A 1 140 ? -12.067 1.829   -4.765  1.00 21.49 ? 135 VAL A CG2 1 
ATOM   954  N N   . ARG A 1 141 ? -13.157 5.357   -7.269  1.00 16.14 ? 136 ARG A N   1 
ATOM   955  C CA  . ARG A 1 141 ? -13.862 6.536   -7.738  1.00 17.66 ? 136 ARG A CA  1 
ATOM   956  C C   . ARG A 1 141 ? -14.338 6.368   -9.179  1.00 19.43 ? 136 ARG A C   1 
ATOM   957  O O   . ARG A 1 141 ? -15.511 6.658   -9.495  1.00 19.32 ? 136 ARG A O   1 
ATOM   958  C CB  . ARG A 1 141 ? -12.955 7.754   -7.640  1.00 21.37 ? 136 ARG A CB  1 
ATOM   959  C CG  . ARG A 1 141 ? -13.658 9.019   -7.237  1.00 30.96 ? 136 ARG A CG  1 
ATOM   960  C CD  . ARG A 1 141 ? -12.601 10.048  -6.875  1.00 31.39 ? 136 ARG A CD  1 
ATOM   961  N NE  . ARG A 1 141 ? -11.626 10.174  -7.956  1.00 35.43 ? 136 ARG A NE  1 
ATOM   962  C CZ  . ARG A 1 141 ? -10.430 10.737  -7.827  1.00 37.40 ? 136 ARG A CZ  1 
ATOM   963  N NH1 . ARG A 1 141 ? -10.055 11.245  -6.658  1.00 29.77 ? 136 ARG A NH1 1 
ATOM   964  N NH2 . ARG A 1 141 ? -9.615  10.795  -8.875  1.00 39.16 ? 136 ARG A NH2 1 
ATOM   965  N N   . ASP A 1 142 ? -13.454 5.889   -10.050 1.00 18.53 ? 137 ASP A N   1 
ATOM   966  C CA  . ASP A 1 142 ? -13.815 5.724   -11.466 1.00 17.27 ? 137 ASP A CA  1 
ATOM   967  C C   . ASP A 1 142 ? -14.950 4.718   -11.619 1.00 19.44 ? 137 ASP A C   1 
ATOM   968  O O   . ASP A 1 142 ? -15.870 4.924   -12.409 1.00 20.50 ? 137 ASP A O   1 
ATOM   969  C CB  . ASP A 1 142 ? -12.622 5.260   -12.303 1.00 19.51 ? 137 ASP A CB  1 
ATOM   970  C CG  . ASP A 1 142 ? -11.606 6.353   -12.550 1.00 19.63 ? 137 ASP A CG  1 
ATOM   971  O OD1 . ASP A 1 142 ? -11.908 7.542   -12.300 1.00 22.49 ? 137 ASP A OD1 1 
ATOM   972  O OD2 . ASP A 1 142 ? -10.509 6.017   -13.047 1.00 18.92 ? 137 ASP A OD2 1 
ATOM   973  N N   . ARG A 1 143 ? -14.895 3.630   -10.852 1.00 16.06 ? 138 ARG A N   1 
ATOM   974  C CA  . ARG A 1 143 ? -15.910 2.579   -10.970 1.00 17.40 ? 138 ARG A CA  1 
ATOM   975  C C   . ARG A 1 143 ? -17.264 3.136   -10.583 1.00 18.43 ? 138 ARG A C   1 
ATOM   976  O O   . ARG A 1 143 ? -18.300 2.754   -11.149 1.00 17.97 ? 138 ARG A O   1 
ATOM   977  C CB  . ARG A 1 143 ? -15.556 1.371   -10.071 1.00 17.27 ? 138 ARG A CB  1 
ATOM   978  C CG  . ARG A 1 143 ? -16.531 0.204   -10.186 1.00 18.77 ? 138 ARG A CG  1 
ATOM   979  C CD  . ARG A 1 143 ? -16.474 -0.465  -11.563 1.00 18.51 ? 138 ARG A CD  1 
ATOM   980  N NE  . ARG A 1 143 ? -17.565 -1.426  -11.772 1.00 22.67 ? 138 ARG A NE  1 
ATOM   981  C CZ  . ARG A 1 143 ? -18.806 -1.089  -12.120 1.00 24.25 ? 138 ARG A CZ  1 
ATOM   982  N NH1 . ARG A 1 143 ? -19.139 0.185   -12.258 1.00 22.10 ? 138 ARG A NH1 1 
ATOM   983  N NH2 . ARG A 1 143 ? -19.738 -2.030  -12.308 1.00 23.20 ? 138 ARG A NH2 1 
ATOM   984  N N   . LEU A 1 144 ? -17.270 4.061   -9.624  1.00 19.31 ? 139 LEU A N   1 
ATOM   985  C CA  . LEU A 1 144 ? -18.531 4.655   -9.191  1.00 17.65 ? 139 LEU A CA  1 
ATOM   986  C C   . LEU A 1 144 ? -19.013 5.707   -10.196 1.00 19.64 ? 139 LEU A C   1 
ATOM   987  O O   . LEU A 1 144 ? -20.196 5.782   -10.500 1.00 20.22 ? 139 LEU A O   1 
ATOM   988  C CB  . LEU A 1 144 ? -18.375 5.269   -7.792  1.00 20.41 ? 139 LEU A CB  1 
ATOM   989  C CG  . LEU A 1 144 ? -18.219 4.238   -6.675  1.00 17.16 ? 139 LEU A CG  1 
ATOM   990  C CD1 . LEU A 1 144 ? -17.964 4.918   -5.331  1.00 22.05 ? 139 LEU A CD1 1 
ATOM   991  C CD2 . LEU A 1 144 ? -19.477 3.370   -6.594  1.00 16.49 ? 139 LEU A CD2 1 
ATOM   992  N N   . ARG A 1 145 ? -18.104 6.532   -10.709 1.00 19.46 ? 140 ARG A N   1 
ATOM   993  C CA  . ARG A 1 145 ? -18.507 7.508   -11.733 1.00 16.88 ? 140 ARG A CA  1 
ATOM   994  C C   . ARG A 1 145 ? -19.076 6.797   -12.952 1.00 20.87 ? 140 ARG A C   1 
ATOM   995  O O   . ARG A 1 145 ? -19.919 7.371   -13.647 1.00 19.97 ? 140 ARG A O   1 
ATOM   996  C CB  . ARG A 1 145 ? -17.334 8.391   -12.182 1.00 22.40 ? 140 ARG A CB  1 
ATOM   997  C CG  . ARG A 1 145 ? -16.672 9.208   -11.102 1.00 27.23 ? 140 ARG A CG  1 
ATOM   998  C CD  . ARG A 1 145 ? -17.560 10.287  -10.497 1.00 30.47 ? 140 ARG A CD  1 
ATOM   999  N NE  . ARG A 1 145 ? -18.125 11.225  -11.470 1.00 28.49 ? 140 ARG A NE  1 
ATOM   1000 C CZ  . ARG A 1 145 ? -17.455 12.201  -12.082 1.00 35.91 ? 140 ARG A CZ  1 
ATOM   1001 N NH1 . ARG A 1 145 ? -16.155 12.392  -11.864 1.00 34.41 ? 140 ARG A NH1 1 
ATOM   1002 N NH2 . ARG A 1 145 ? -18.099 12.993  -12.930 1.00 41.39 ? 140 ARG A NH2 1 
ATOM   1003 N N   . ASP A 1 146 ? -18.623 5.566   -13.208 1.00 18.66 ? 141 ASP A N   1 
ATOM   1004 C CA  . ASP A 1 146 ? -19.144 4.760   -14.325 1.00 21.59 ? 141 ASP A CA  1 
ATOM   1005 C C   . ASP A 1 146 ? -20.660 4.626   -14.229 1.00 23.70 ? 141 ASP A C   1 
ATOM   1006 O O   . ASP A 1 146 ? -21.380 4.562   -15.246 1.00 23.17 ? 141 ASP A O   1 
ATOM   1007 C CB  . ASP A 1 146 ? -18.523 3.358   -14.340 1.00 22.35 ? 141 ASP A CB  1 
ATOM   1008 C CG  . ASP A 1 146 ? -17.081 3.336   -14.855 1.00 24.25 ? 141 ASP A CG  1 
ATOM   1009 O OD1 . ASP A 1 146 ? -16.627 4.322   -15.473 1.00 23.66 ? 141 ASP A OD1 1 
ATOM   1010 O OD2 . ASP A 1 146 ? -16.388 2.314   -14.638 1.00 26.09 ? 141 ASP A OD2 1 
ATOM   1011 N N   . GLU A 1 147 ? -21.154 4.580   -12.995 1.00 20.38 ? 142 GLU A N   1 
ATOM   1012 C CA  . GLU A 1 147 ? -22.583 4.412   -12.773 1.00 22.00 ? 142 GLU A CA  1 
ATOM   1013 C C   . GLU A 1 147 ? -23.306 5.736   -12.628 1.00 24.46 ? 142 GLU A C   1 
ATOM   1014 O O   . GLU A 1 147 ? -24.445 5.765   -12.159 1.00 28.43 ? 142 GLU A O   1 
ATOM   1015 C CB  . GLU A 1 147 ? -22.825 3.550   -11.531 1.00 23.94 ? 142 GLU A CB  1 
ATOM   1016 C CG  . GLU A 1 147 ? -22.110 2.216   -11.570 1.00 19.95 ? 142 GLU A CG  1 
ATOM   1017 C CD  . GLU A 1 147 ? -22.456 1.392   -12.813 1.00 25.00 ? 142 GLU A CD  1 
ATOM   1018 O OE1 . GLU A 1 147 ? -23.640 1.390   -13.244 1.00 29.81 ? 142 GLU A OE1 1 
ATOM   1019 O OE2 . GLU A 1 147 ? -21.547 0.746   -13.374 1.00 26.42 ? 142 GLU A OE2 1 
ATOM   1020 N N   . ASP A 1 148 ? -22.648 6.821   -13.038 1.00 21.28 ? 143 ASP A N   1 
ATOM   1021 C CA  . ASP A 1 148 ? -23.215 8.178   -12.997 1.00 25.51 ? 143 ASP A CA  1 
ATOM   1022 C C   . ASP A 1 148 ? -23.384 8.719   -11.570 1.00 31.86 ? 143 ASP A C   1 
ATOM   1023 O O   . ASP A 1 148 ? -24.204 9.600   -11.314 1.00 30.42 ? 143 ASP A O   1 
ATOM   1024 C CB  . ASP A 1 148 ? -24.536 8.259   -13.780 1.00 32.54 ? 143 ASP A CB  1 
ATOM   1025 C CG  . ASP A 1 148 ? -24.817 9.651   -14.330 1.00 35.53 ? 143 ASP A CG  1 
ATOM   1026 O OD1 . ASP A 1 148 ? -23.870 10.438  -14.553 1.00 31.39 ? 143 ASP A OD1 1 
ATOM   1027 O OD2 . ASP A 1 148 ? -26.006 9.950   -14.562 1.00 41.44 ? 143 ASP A OD2 1 
ATOM   1028 N N   . ILE A 1 149 ? -22.601 8.187   -10.641 1.00 23.14 ? 144 ILE A N   1 
ATOM   1029 C CA  . ILE A 1 149 ? -22.485 8.799   -9.328  1.00 22.78 ? 144 ILE A CA  1 
ATOM   1030 C C   . ILE A 1 149 ? -21.695 10.094  -9.514  1.00 26.37 ? 144 ILE A C   1 
ATOM   1031 O O   . ILE A 1 149 ? -20.683 10.097  -10.208 1.00 26.38 ? 144 ILE A O   1 
ATOM   1032 C CB  . ILE A 1 149 ? -21.721 7.867   -8.348  1.00 26.16 ? 144 ILE A CB  1 
ATOM   1033 C CG1 . ILE A 1 149 ? -22.419 6.512   -8.235  1.00 26.65 ? 144 ILE A CG1 1 
ATOM   1034 C CG2 . ILE A 1 149 ? -21.564 8.522   -6.975  1.00 26.78 ? 144 ILE A CG2 1 
ATOM   1035 C CD1 . ILE A 1 149 ? -23.891 6.596   -7.888  1.00 28.96 ? 144 ILE A CD1 1 
ATOM   1036 N N   . ASP A 1 150 ? -22.144 11.199  -8.915  1.00 28.83 ? 145 ASP A N   1 
ATOM   1037 C CA  . ASP A 1 150 ? -21.423 12.460  -9.094  1.00 26.86 ? 145 ASP A CA  1 
ATOM   1038 C C   . ASP A 1 150 ? -20.049 12.446  -8.413  1.00 30.03 ? 145 ASP A C   1 
ATOM   1039 O O   . ASP A 1 150 ? -19.702 11.481  -7.715  1.00 28.04 ? 145 ASP A O   1 
ATOM   1040 C CB  . ASP A 1 150 ? -22.289 13.690  -8.730  1.00 30.70 ? 145 ASP A CB  1 
ATOM   1041 C CG  . ASP A 1 150 ? -22.554 13.828  -7.235  1.00 35.97 ? 145 ASP A CG  1 
ATOM   1042 O OD1 . ASP A 1 150 ? -21.693 13.463  -6.405  1.00 32.78 ? 145 ASP A OD1 1 
ATOM   1043 O OD2 . ASP A 1 150 ? -23.634 14.344  -6.881  1.00 39.84 ? 145 ASP A OD2 1 
ATOM   1044 N N   . ALA A 1 151 ? -19.260 13.492  -8.624  1.00 27.78 ? 146 ALA A N   1 
ATOM   1045 C CA  . ALA A 1 151 ? -17.860 13.460  -8.211  1.00 31.16 ? 146 ALA A CA  1 
ATOM   1046 C C   . ALA A 1 151 ? -17.693 13.501  -6.696  1.00 26.59 ? 146 ALA A C   1 
ATOM   1047 O O   . ALA A 1 151 ? -16.772 12.875  -6.143  1.00 23.66 ? 146 ALA A O   1 
ATOM   1048 C CB  . ALA A 1 151 ? -17.083 14.609  -8.865  1.00 33.81 ? 146 ALA A CB  1 
ATOM   1049 N N   . ASP A 1 152 ? -18.564 14.256  -6.031  1.00 25.15 ? 147 ASP A N   1 
ATOM   1050 C CA  . ASP A 1 152 ? -18.443 14.451  -4.589  1.00 28.75 ? 147 ASP A CA  1 
ATOM   1051 C C   . ASP A 1 152 ? -18.813 13.175  -3.851  1.00 26.13 ? 147 ASP A C   1 
ATOM   1052 O O   . ASP A 1 152 ? -18.156 12.801  -2.880  1.00 22.81 ? 147 ASP A O   1 
ATOM   1053 C CB  . ASP A 1 152 ? -19.326 15.611  -4.113  1.00 25.81 ? 147 ASP A CB  1 
ATOM   1054 C CG  . ASP A 1 152 ? -18.720 16.974  -4.409  1.00 30.67 ? 147 ASP A CG  1 
ATOM   1055 O OD1 . ASP A 1 152 ? -17.514 17.039  -4.732  1.00 37.57 ? 147 ASP A OD1 1 
ATOM   1056 O OD2 . ASP A 1 152 ? -19.457 17.981  -4.306  1.00 41.19 ? 147 ASP A OD2 1 
ATOM   1057 N N   . HIS A 1 153 ? -19.873 12.507  -4.300  1.00 18.59 ? 148 HIS A N   1 
ATOM   1058 C CA  . HIS A 1 153 ? -20.264 11.243  -3.665  1.00 22.97 ? 148 HIS A CA  1 
ATOM   1059 C C   . HIS A 1 153 ? -19.320 10.114  -4.011  1.00 21.48 ? 148 HIS A C   1 
ATOM   1060 O O   . HIS A 1 153 ? -19.073 9.223   -3.185  1.00 17.90 ? 148 HIS A O   1 
ATOM   1061 C CB  . HIS A 1 153 ? -21.692 10.863  -4.043  1.00 23.74 ? 148 HIS A CB  1 
ATOM   1062 C CG  . HIS A 1 153 ? -22.711 11.761  -3.431  1.00 27.79 ? 148 HIS A CG  1 
ATOM   1063 N ND1 . HIS A 1 153 ? -22.959 13.028  -3.915  1.00 33.95 ? 148 HIS A ND1 1 
ATOM   1064 C CD2 . HIS A 1 153 ? -23.499 11.606  -2.345  1.00 33.29 ? 148 HIS A CD2 1 
ATOM   1065 C CE1 . HIS A 1 153 ? -23.881 13.603  -3.167  1.00 33.80 ? 148 HIS A CE1 1 
ATOM   1066 N NE2 . HIS A 1 153 ? -24.222 12.768  -2.202  1.00 32.20 ? 148 HIS A NE2 1 
ATOM   1067 N N   . ALA A 1 154 ? -18.795 10.136  -5.235  1.00 20.87 ? 149 ALA A N   1 
ATOM   1068 C CA  . ALA A 1 154 ? -17.824 9.117   -5.618  1.00 19.19 ? 149 ALA A CA  1 
ATOM   1069 C C   . ALA A 1 154 ? -16.553 9.269   -4.786  1.00 17.31 ? 149 ALA A C   1 
ATOM   1070 O O   . ALA A 1 154 ? -15.954 8.276   -4.363  1.00 16.69 ? 149 ALA A O   1 
ATOM   1071 C CB  . ALA A 1 154 ? -17.511 9.185   -7.121  1.00 19.82 ? 149 ALA A CB  1 
ATOM   1072 N N   . GLN A 1 155 ? -16.125 10.504  -4.550  1.00 17.02 ? 150 GLN A N   1 
ATOM   1073 C CA  . GLN A 1 155 ? -14.934 10.701  -3.723  1.00 16.80 ? 150 GLN A CA  1 
ATOM   1074 C C   . GLN A 1 155 ? -15.179 10.235  -2.290  1.00 17.48 ? 150 GLN A C   1 
ATOM   1075 O O   . GLN A 1 155 ? -14.348 9.540   -1.709  1.00 17.50 ? 150 GLN A O   1 
ATOM   1076 C CB  . GLN A 1 155 ? -14.525 12.173  -3.701  1.00 18.57 ? 150 GLN A CB  1 
ATOM   1077 C CG  . GLN A 1 155 ? -13.298 12.451  -2.829  1.00 18.00 ? 150 GLN A CG  1 
ATOM   1078 C CD  . GLN A 1 155 ? -12.022 11.872  -3.426  1.00 28.90 ? 150 GLN A CD  1 
ATOM   1079 O OE1 . GLN A 1 155 ? -11.753 12.050  -4.618  1.00 24.88 ? 150 GLN A OE1 1 
ATOM   1080 N NE2 . GLN A 1 155 ? -11.227 11.173  -2.598  1.00 24.74 ? 150 GLN A NE2 1 
ATOM   1081 N N   . ALA A 1 156 ? -16.308 10.647  -1.723  1.00 16.28 ? 151 ALA A N   1 
ATOM   1082 C CA  . ALA A 1 156 ? -16.634 10.332  -0.325  1.00 15.04 ? 151 ALA A CA  1 
ATOM   1083 C C   . ALA A 1 156 ? -16.793 8.837   -0.115  1.00 14.64 ? 151 ALA A C   1 
ATOM   1084 O O   . ALA A 1 156 ? -16.473 8.293   0.959   1.00 15.56 ? 151 ALA A O   1 
ATOM   1085 C CB  . ALA A 1 156 ? -17.921 11.070  0.081   1.00 20.23 ? 151 ALA A CB  1 
ATOM   1086 N N   . ALA A 1 157 ? -17.324 8.155   -1.126  1.00 14.97 ? 152 ALA A N   1 
ATOM   1087 C CA  . ALA A 1 157 ? -17.515 6.719   -1.027  1.00 16.31 ? 152 ALA A CA  1 
ATOM   1088 C C   . ALA A 1 157 ? -16.165 6.023   -1.153  1.00 15.80 ? 152 ALA A C   1 
ATOM   1089 O O   . ALA A 1 157 ? -15.886 5.038   -0.465  1.00 14.57 ? 152 ALA A O   1 
ATOM   1090 C CB  . ALA A 1 157 ? -18.470 6.242   -2.103  1.00 15.93 ? 152 ALA A CB  1 
ATOM   1091 N N   . ALA A 1 158 ? -15.317 6.521   -2.046  1.00 13.42 ? 153 ALA A N   1 
ATOM   1092 C CA  . ALA A 1 158 ? -13.983 5.934   -2.154  1.00 15.71 ? 153 ALA A CA  1 
ATOM   1093 C C   . ALA A 1 158 ? -13.164 6.133   -0.882  1.00 15.36 ? 153 ALA A C   1 
ATOM   1094 O O   . ALA A 1 158 ? -12.414 5.231   -0.477  1.00 15.08 ? 153 ALA A O   1 
ATOM   1095 C CB  . ALA A 1 158 ? -13.228 6.503   -3.350  1.00 17.40 ? 153 ALA A CB  1 
ATOM   1096 N N   . ASP A 1 159 ? -13.264 7.315   -0.270  1.00 15.26 ? 154 ASP A N   1 
ATOM   1097 C CA  . ASP A 1 159 ? -12.544 7.583   0.974   1.00 14.87 ? 154 ASP A CA  1 
ATOM   1098 C C   . ASP A 1 159 ? -12.946 6.570   2.015   1.00 15.43 ? 154 ASP A C   1 
ATOM   1099 O O   . ASP A 1 159 ? -12.119 6.116   2.800   1.00 16.50 ? 154 ASP A O   1 
ATOM   1100 C CB  . ASP A 1 159 ? -12.946 8.930   1.569   1.00 15.82 ? 154 ASP A CB  1 
ATOM   1101 C CG  . ASP A 1 159 ? -12.505 10.102  0.755   1.00 19.90 ? 154 ASP A CG  1 
ATOM   1102 O OD1 . ASP A 1 159 ? -11.553 9.970   -0.055  1.00 18.98 ? 154 ASP A OD1 1 
ATOM   1103 O OD2 . ASP A 1 159 ? -13.091 11.191  0.997   1.00 17.34 ? 154 ASP A OD2 1 
ATOM   1104 N N   . ALA A 1 160 ? -14.238 6.258   2.047   1.00 13.86 ? 155 ALA A N   1 
ATOM   1105 C CA  . ALA A 1 160 ? -14.778 5.344   3.053   1.00 13.69 ? 155 ALA A CA  1 
ATOM   1106 C C   . ALA A 1 160 ? -14.434 3.886   2.802   1.00 15.10 ? 155 ALA A C   1 
ATOM   1107 O O   . ALA A 1 160 ? -14.151 3.149   3.752   1.00 16.07 ? 155 ALA A O   1 
ATOM   1108 C CB  . ALA A 1 160 ? -16.300 5.523   3.185   1.00 16.50 ? 155 ALA A CB  1 
ATOM   1109 N N   . LEU A 1 161 ? -14.435 3.447   1.541   1.00 15.17 ? 156 LEU A N   1 
ATOM   1110 C CA  . LEU A 1 161 ? -14.120 2.046   1.259   1.00 19.00 ? 156 LEU A CA  1 
ATOM   1111 C C   . LEU A 1 161 ? -12.634 1.762   1.418   1.00 18.68 ? 156 LEU A C   1 
ATOM   1112 O O   . LEU A 1 161 ? -12.259 0.799   2.088   1.00 18.03 ? 156 LEU A O   1 
ATOM   1113 C CB  . LEU A 1 161 ? -14.592 1.618   -0.130  1.00 18.63 ? 156 LEU A CB  1 
ATOM   1114 C CG  . LEU A 1 161 ? -14.441 0.109   -0.344  1.00 19.80 ? 156 LEU A CG  1 
ATOM   1115 C CD1 . LEU A 1 161 ? -15.082 -0.673  0.819   1.00 24.32 ? 156 LEU A CD1 1 
ATOM   1116 C CD2 . LEU A 1 161 ? -15.050 -0.304  -1.687  1.00 20.36 ? 156 LEU A CD2 1 
ATOM   1117 N N   . LEU A 1 162 ? -11.782 2.603   0.835   1.00 12.36 ? 157 LEU A N   1 
ATOM   1118 C CA  . LEU A 1 162 ? -10.345 2.398   1.037   1.00 14.46 ? 157 LEU A CA  1 
ATOM   1119 C C   . LEU A 1 162 ? -10.040 2.618   2.516   1.00 13.52 ? 157 LEU A C   1 
ATOM   1120 O O   . LEU A 1 162 ? -9.309  1.837   3.130   1.00 14.13 ? 157 LEU A O   1 
ATOM   1121 C CB  . LEU A 1 162 ? -9.505  3.345   0.168   1.00 12.96 ? 157 LEU A CB  1 
ATOM   1122 C CG  . LEU A 1 162 ? -7.986  3.274   0.431   1.00 14.77 ? 157 LEU A CG  1 
ATOM   1123 C CD1 . LEU A 1 162 ? -7.432  1.883   0.142   1.00 15.04 ? 157 LEU A CD1 1 
ATOM   1124 C CD2 . LEU A 1 162 ? -7.249  4.301   -0.431  1.00 19.33 ? 157 LEU A CD2 1 
ATOM   1125 N N   . GLY A 1 163 ? -10.630 3.668   3.089   1.00 13.61 ? 158 GLY A N   1 
ATOM   1126 C CA  . GLY A 1 163 ? -10.381 4.014   4.483   1.00 15.36 ? 158 GLY A CA  1 
ATOM   1127 C C   . GLY A 1 163 ? -10.759 2.902   5.448   1.00 15.47 ? 158 GLY A C   1 
ATOM   1128 O O   . GLY A 1 163 ? -10.033 2.628   6.399   1.00 14.72 ? 158 GLY A O   1 
ATOM   1129 N N   . ALA A 1 164 ? -11.916 2.279   5.224   1.00 13.19 ? 159 ALA A N   1 
ATOM   1130 C CA  . ALA A 1 164 ? -12.323 1.142   6.053   1.00 14.34 ? 159 ALA A CA  1 
ATOM   1131 C C   . ALA A 1 164 ? -11.204 0.107   6.191   1.00 16.91 ? 159 ALA A C   1 
ATOM   1132 O O   . ALA A 1 164 ? -10.840 -0.296  7.302   1.00 15.28 ? 159 ALA A O   1 
ATOM   1133 C CB  . ALA A 1 164 ? -13.555 0.489   5.446   1.00 15.80 ? 159 ALA A CB  1 
ATOM   1134 N N   . VAL A 1 165 ? -10.652 -0.309  5.055   1.00 15.93 ? 160 VAL A N   1 
ATOM   1135 C CA  . VAL A 1 165 ? -9.640  -1.360  5.024   1.00 16.15 ? 160 VAL A CA  1 
ATOM   1136 C C   . VAL A 1 165 ? -8.313  -0.925  5.621   1.00 15.71 ? 160 VAL A C   1 
ATOM   1137 O O   . VAL A 1 165 ? -7.773  -1.578  6.528   1.00 18.98 ? 160 VAL A O   1 
ATOM   1138 C CB  . VAL A 1 165 ? -9.420  -1.865  3.592   1.00 14.07 ? 160 VAL A CB  1 
ATOM   1139 C CG1 . VAL A 1 165 ? -8.353  -2.957  3.569   1.00 16.23 ? 160 VAL A CG1 1 
ATOM   1140 C CG2 . VAL A 1 165 ? -10.727 -2.421  3.031   1.00 16.39 ? 160 VAL A CG2 1 
ATOM   1141 N N   . VAL A 1 166 ? -7.771  0.173   5.102   1.00 16.16 ? 161 VAL A N   1 
ATOM   1142 C CA  . VAL A 1 166 ? -6.469  0.635   5.555   1.00 13.31 ? 161 VAL A CA  1 
ATOM   1143 C C   . VAL A 1 166 ? -6.481  0.960   7.042   1.00 17.52 ? 161 VAL A C   1 
ATOM   1144 O O   . VAL A 1 166 ? -5.603  0.518   7.795   1.00 18.36 ? 161 VAL A O   1 
ATOM   1145 C CB  . VAL A 1 166 ? -6.005  1.843   4.737   1.00 15.67 ? 161 VAL A CB  1 
ATOM   1146 C CG1 . VAL A 1 166 ? -4.632  2.328   5.242   1.00 16.73 ? 161 VAL A CG1 1 
ATOM   1147 C CG2 . VAL A 1 166 ? -5.922  1.469   3.279   1.00 18.68 ? 161 VAL A CG2 1 
ATOM   1148 N N   . ASN A 1 167 ? -7.479  1.714   7.489   1.00 17.93 ? 162 ASN A N   1 
ATOM   1149 C CA  . ASN A 1 167 ? -7.513  2.077   8.904   1.00 18.48 ? 162 ASN A CA  1 
ATOM   1150 C C   . ASN A 1 167 ? -7.631  0.854   9.822   1.00 22.50 ? 162 ASN A C   1 
ATOM   1151 O O   . ASN A 1 167 ? -6.983  0.779   10.874  1.00 19.55 ? 162 ASN A O   1 
ATOM   1152 C CB  . ASN A 1 167 ? -8.651  3.058   9.201   1.00 16.67 ? 162 ASN A CB  1 
ATOM   1153 C CG  . ASN A 1 167 ? -8.727  3.413   10.674  1.00 21.16 ? 162 ASN A CG  1 
ATOM   1154 O OD1 . ASN A 1 167 ? -7.852  4.095   11.197  1.00 21.94 ? 162 ASN A OD1 1 
ATOM   1155 N ND2 . ASN A 1 167 ? -9.761  2.928   11.355  1.00 21.96 ? 162 ASN A ND2 1 
ATOM   1156 N N   . ALA A 1 168 ? -8.454  -0.106  9.419   1.00 19.84 ? 163 ALA A N   1 
ATOM   1157 C CA  . ALA A 1 168 ? -8.668  -1.295  10.227  1.00 19.57 ? 163 ALA A CA  1 
ATOM   1158 C C   . ALA A 1 168 ? -7.398  -2.141  10.327  1.00 22.73 ? 163 ALA A C   1 
ATOM   1159 O O   . ALA A 1 168 ? -7.098  -2.703  11.386  1.00 23.45 ? 163 ALA A O   1 
ATOM   1160 C CB  . ALA A 1 168 ? -9.825  -2.114  9.666   1.00 19.62 ? 163 ALA A CB  1 
ATOM   1161 N N   . VAL A 1 169 ? -6.652  -2.246  9.232   1.00 19.55 ? 164 VAL A N   1 
ATOM   1162 C CA  . VAL A 1 169 ? -5.433  -3.070  9.250   1.00 19.71 ? 164 VAL A CA  1 
ATOM   1163 C C   . VAL A 1 169 ? -4.356  -2.366  10.063  1.00 24.78 ? 164 VAL A C   1 
ATOM   1164 O O   . VAL A 1 169 ? -3.588  -2.999  10.799  1.00 24.96 ? 164 VAL A O   1 
ATOM   1165 C CB  . VAL A 1 169 ? -4.916  -3.378  7.835   1.00 18.81 ? 164 VAL A CB  1 
ATOM   1166 C CG1 . VAL A 1 169 ? -3.582  -4.117  7.891   1.00 19.79 ? 164 VAL A CG1 1 
ATOM   1167 C CG2 . VAL A 1 169 ? -5.923  -4.213  7.083   1.00 20.83 ? 164 VAL A CG2 1 
ATOM   1168 N N   . LEU A 1 170 ? -4.296  -1.046  9.943   1.00 18.98 ? 165 LEU A N   1 
ATOM   1169 C CA  . LEU A 1 170 ? -3.352  -0.296  10.780  1.00 24.75 ? 165 LEU A CA  1 
ATOM   1170 C C   . LEU A 1 170 ? -3.703  -0.378  12.276  1.00 27.93 ? 165 LEU A C   1 
ATOM   1171 O O   . LEU A 1 170 ? -2.801  -0.399  13.127  1.00 27.67 ? 165 LEU A O   1 
ATOM   1172 C CB  . LEU A 1 170 ? -3.237  1.157   10.316  1.00 22.33 ? 165 LEU A CB  1 
ATOM   1173 C CG  . LEU A 1 170 ? -2.608  1.353   8.940   1.00 21.25 ? 165 LEU A CG  1 
ATOM   1174 C CD1 . LEU A 1 170 ? -2.797  2.778   8.460   1.00 28.25 ? 165 LEU A CD1 1 
ATOM   1175 C CD2 . LEU A 1 170 ? -1.123  1.010   9.001   1.00 22.06 ? 165 LEU A CD2 1 
ATOM   1176 N N   . SER A 1 171 ? -4.996  -0.445  12.596  1.00 25.44 ? 166 SER A N   1 
ATOM   1177 C CA  . SER A 1 171 ? -5.441  -0.463  13.993  1.00 28.77 ? 166 SER A CA  1 
ATOM   1178 C C   . SER A 1 171 ? -5.402  -1.851  14.624  1.00 30.01 ? 166 SER A C   1 
ATOM   1179 O O   . SER A 1 171 ? -4.823  -2.037  15.699  1.00 34.92 ? 166 SER A O   1 
ATOM   1180 C CB  . SER A 1 171 ? -6.846  0.129   14.128  1.00 28.66 ? 166 SER A CB  1 
ATOM   1181 O OG  . SER A 1 171 ? -6.877  1.431   13.583  1.00 39.40 ? 166 SER A OG  1 
ATOM   1182 N N   . GLU A 1 172 ? -6.003  -2.835  13.966  1.00 25.63 ? 167 GLU A N   1 
ATOM   1183 C CA  . GLU A 1 172 ? -6.081  -4.167  14.566  1.00 32.24 ? 167 GLU A CA  1 
ATOM   1184 C C   . GLU A 1 172 ? -5.205  -5.244  13.921  1.00 29.33 ? 167 GLU A C   1 
ATOM   1185 O O   . GLU A 1 172 ? -5.138  -6.369  14.420  1.00 30.08 ? 167 GLU A O   1 
ATOM   1186 C CB  . GLU A 1 172 ? -7.527  -4.653  14.663  1.00 29.88 ? 167 GLU A CB  1 
ATOM   1187 C CG  . GLU A 1 172 ? -8.335  -4.510  13.412  1.00 38.09 ? 167 GLU A CG  1 
ATOM   1188 C CD  . GLU A 1 172 ? -9.794  -4.845  13.616  1.00 36.90 ? 167 GLU A CD  1 
ATOM   1189 O OE1 . GLU A 1 172 ? -10.591 -3.917  13.896  1.00 41.08 ? 167 GLU A OE1 1 
ATOM   1190 O OE2 . GLU A 1 172 ? -10.136 -6.039  13.485  1.00 39.32 ? 167 GLU A OE2 1 
ATOM   1191 N N   . GLY A 1 173 ? -4.526  -4.909  12.832  1.00 26.73 ? 168 GLY A N   1 
ATOM   1192 C CA  . GLY A 1 173 ? -3.619  -5.867  12.222  1.00 27.59 ? 168 GLY A CA  1 
ATOM   1193 C C   . GLY A 1 173 ? -4.297  -6.986  11.445  1.00 25.83 ? 168 GLY A C   1 
ATOM   1194 O O   . GLY A 1 173 ? -5.364  -6.795  10.857  1.00 23.18 ? 168 GLY A O   1 
ATOM   1195 N N   . ARG A 1 174 ? -3.687  -8.169  11.466  1.00 21.67 ? 169 ARG A N   1 
ATOM   1196 C CA  . ARG A 1 174 ? -4.008  -9.214  10.489  1.00 22.10 ? 169 ARG A CA  1 
ATOM   1197 C C   . ARG A 1 174 ? -5.300  -9.983  10.740  1.00 19.98 ? 169 ARG A C   1 
ATOM   1198 O O   . ARG A 1 174 ? -5.695  -10.815 9.919   1.00 27.01 ? 169 ARG A O   1 
ATOM   1199 C CB  . ARG A 1 174 ? -2.832  -10.190 10.374  1.00 25.38 ? 169 ARG A CB  1 
ATOM   1200 C CG  . ARG A 1 174 ? -1.488  -9.498  10.160  1.00 24.57 ? 169 ARG A CG  1 
ATOM   1201 C CD  . ARG A 1 174 ? -0.364  -10.514 10.074  1.00 25.94 ? 169 ARG A CD  1 
ATOM   1202 N NE  . ARG A 1 174 ? -0.639  -11.529 9.061   1.00 25.63 ? 169 ARG A NE  1 
ATOM   1203 C CZ  . ARG A 1 174 ? -0.899  -12.802 9.341   1.00 36.74 ? 169 ARG A CZ  1 
ATOM   1204 N NH1 . ARG A 1 174 ? -0.914  -13.212 10.605  1.00 41.60 ? 169 ARG A NH1 1 
ATOM   1205 N NH2 . ARG A 1 174 ? -1.133  -13.667 8.364   1.00 32.91 ? 169 ARG A NH2 1 
ATOM   1206 N N   . SER A 1 175 ? -5.958  -9.702  11.860  1.00 23.56 ? 170 SER A N   1 
ATOM   1207 C CA  . SER A 1 175 ? -7.242  -10.315 12.176  1.00 26.03 ? 170 SER A CA  1 
ATOM   1208 C C   . SER A 1 175 ? -8.393  -9.657  11.405  1.00 29.12 ? 170 SER A C   1 
ATOM   1209 O O   . SER A 1 175 ? -9.498  -10.203 11.339  1.00 29.07 ? 170 SER A O   1 
ATOM   1210 C CB  . SER A 1 175 ? -7.503  -10.218 13.677  1.00 32.15 ? 170 SER A CB  1 
ATOM   1211 O OG  . SER A 1 175 ? -7.268  -8.896  14.139  1.00 33.80 ? 170 SER A OG  1 
ATOM   1212 N N   . TYR A 1 176 ? -8.137  -8.485  10.823  1.00 25.55 ? 171 TYR A N   1 
ATOM   1213 C CA  . TYR A 1 176 ? -9.129  -7.856  9.945   1.00 25.62 ? 171 TYR A CA  1 
ATOM   1214 C C   . TYR A 1 176 ? -9.432  -8.819  8.795   1.00 26.87 ? 171 TYR A C   1 
ATOM   1215 O O   . TYR A 1 176 ? -8.532  -9.493  8.289   1.00 32.84 ? 171 TYR A O   1 
ATOM   1216 C CB  . TYR A 1 176 ? -8.624  -6.500  9.417   1.00 20.89 ? 171 TYR A CB  1 
ATOM   1217 C CG  . TYR A 1 176 ? -9.643  -5.768  8.547   1.00 21.27 ? 171 TYR A CG  1 
ATOM   1218 C CD1 . TYR A 1 176 ? -10.840 -5.300  9.084   1.00 24.02 ? 171 TYR A CD1 1 
ATOM   1219 C CD2 . TYR A 1 176 ? -9.418  -5.575  7.188   1.00 17.45 ? 171 TYR A CD2 1 
ATOM   1220 C CE1 . TYR A 1 176 ? -11.786 -4.636  8.288   1.00 22.00 ? 171 TYR A CE1 1 
ATOM   1221 C CE2 . TYR A 1 176 ? -10.360 -4.905  6.383   1.00 17.23 ? 171 TYR A CE2 1 
ATOM   1222 C CZ  . TYR A 1 176 ? -11.527 -4.433  6.939   1.00 18.76 ? 171 TYR A CZ  1 
ATOM   1223 O OH  . TYR A 1 176 ? -12.453 -3.776  6.146   1.00 19.26 ? 171 TYR A OH  1 
ATOM   1224 N N   . SER A 1 177 ? -10.700 -8.925  8.405   1.00 29.84 ? 172 SER A N   1 
ATOM   1225 C CA  . SER A 1 177 ? -11.102 -9.988  7.484   1.00 34.43 ? 172 SER A CA  1 
ATOM   1226 C C   . SER A 1 177 ? -11.653 -9.482  6.156   1.00 29.25 ? 172 SER A C   1 
ATOM   1227 O O   . SER A 1 177 ? -12.232 -8.395  6.092   1.00 28.65 ? 172 SER A O   1 
ATOM   1228 C CB  . SER A 1 177 ? -12.165 -10.859 8.145   1.00 33.19 ? 172 SER A CB  1 
ATOM   1229 O OG  . SER A 1 177 ? -13.328 -10.086 8.390   1.00 33.80 ? 172 SER A OG  1 
ATOM   1230 N N   . ARG A 1 178 ? -11.472 -10.294 5.112   1.00 29.31 ? 173 ARG A N   1 
ATOM   1231 C CA  . ARG A 1 178 ? -12.118 -10.105 3.808   1.00 30.89 ? 173 ARG A CA  1 
ATOM   1232 C C   . ARG A 1 178 ? -13.613 -9.774  3.989   1.00 32.79 ? 173 ARG A C   1 
ATOM   1233 O O   . ARG A 1 178 ? -14.165 -8.899  3.316   1.00 25.70 ? 173 ARG A O   1 
ATOM   1234 C CB  . ARG A 1 178 ? -11.923 -11.391 2.972   1.00 30.02 ? 173 ARG A CB  1 
ATOM   1235 C CG  . ARG A 1 178 ? -12.325 -11.311 1.488   1.00 29.33 ? 173 ARG A CG  1 
ATOM   1236 C CD  . ARG A 1 178 ? -12.176 -12.656 0.758   1.00 28.23 ? 173 ARG A CD  1 
ATOM   1237 N NE  . ARG A 1 178 ? -10.812 -12.978 0.294   1.00 23.77 ? 173 ARG A NE  1 
ATOM   1238 C CZ  . ARG A 1 178 ? -10.340 -12.650 -0.908  1.00 24.53 ? 173 ARG A CZ  1 
ATOM   1239 N NH1 . ARG A 1 178 ? -11.097 -11.962 -1.747  1.00 26.97 ? 173 ARG A NH1 1 
ATOM   1240 N NH2 . ARG A 1 178 ? -9.112  -12.991 -1.274  1.00 28.74 ? 173 ARG A NH2 1 
ATOM   1241 N N   . GLN A 1 179 ? -14.256 -10.448 4.942   1.00 35.59 ? 174 GLN A N   1 
ATOM   1242 C CA  . GLN A 1 179 ? -15.704 -10.348 5.122   1.00 29.57 ? 174 GLN A CA  1 
ATOM   1243 C C   . GLN A 1 179 ? -16.182 -8.977  5.613   1.00 27.65 ? 174 GLN A C   1 
ATOM   1244 O O   . GLN A 1 179 ? -17.207 -8.474  5.143   1.00 26.37 ? 174 GLN A O   1 
ATOM   1245 C CB  . GLN A 1 179 ? -16.203 -11.469 6.056   1.00 37.24 ? 174 GLN A CB  1 
ATOM   1246 C CG  . GLN A 1 179 ? -15.942 -12.898 5.539   1.00 38.58 ? 174 GLN A CG  1 
ATOM   1247 C CD  . GLN A 1 179 ? -14.456 -13.278 5.453   1.00 41.60 ? 174 GLN A CD  1 
ATOM   1248 O OE1 . GLN A 1 179 ? -13.668 -13.009 6.366   1.00 39.36 ? 174 GLN A OE1 1 
ATOM   1249 N NE2 . GLN A 1 179 ? -14.070 -13.894 4.338   1.00 43.77 ? 174 GLN A NE2 1 
ATOM   1250 N N   . ARG A 1 180 ? -15.452 -8.369  6.546   1.00 24.38 ? 175 ARG A N   1 
ATOM   1251 C CA  . ARG A 1 180 ? -15.776 -7.016  6.993   1.00 23.56 ? 175 ARG A CA  1 
ATOM   1252 C C   . ARG A 1 180 ? -15.611 -6.025  5.847   1.00 23.34 ? 175 ARG A C   1 
ATOM   1253 O O   . ARG A 1 180 ? -16.456 -5.172  5.653   1.00 20.74 ? 175 ARG A O   1 
ATOM   1254 C CB  . ARG A 1 180 ? -14.915 -6.607  8.194   1.00 30.20 ? 175 ARG A CB  1 
ATOM   1255 C CG  . ARG A 1 180 ? -15.473 -7.111  9.534   1.00 27.47 ? 175 ARG A CG  1 
ATOM   1256 C CD  . ARG A 1 180 ? -14.425 -7.064  10.629  1.00 22.88 ? 175 ARG A CD  1 
ATOM   1257 N NE  . ARG A 1 180 ? -14.103 -5.701  11.060  1.00 25.19 ? 175 ARG A NE  1 
ATOM   1258 C CZ  . ARG A 1 180 ? -13.144 -5.424  11.931  1.00 22.78 ? 175 ARG A CZ  1 
ATOM   1259 N NH1 . ARG A 1 180 ? -12.421 -6.417  12.432  1.00 26.38 ? 175 ARG A NH1 1 
ATOM   1260 N NH2 . ARG A 1 180 ? -12.895 -4.168  12.298  1.00 24.63 ? 175 ARG A NH2 1 
ATOM   1261 N N   . ALA A 1 181 ? -14.522 -6.152  5.090   1.00 23.00 ? 176 ALA A N   1 
ATOM   1262 C CA  . ALA A 1 181 ? -14.291 -5.285  3.935   1.00 17.89 ? 176 ALA A CA  1 
ATOM   1263 C C   . ALA A 1 181 ? -15.413 -5.379  2.930   1.00 19.32 ? 176 ALA A C   1 
ATOM   1264 O O   . ALA A 1 181 ? -15.894 -4.356  2.437   1.00 18.27 ? 176 ALA A O   1 
ATOM   1265 C CB  . ALA A 1 181 ? -12.970 -5.637  3.256   1.00 18.18 ? 176 ALA A CB  1 
ATOM   1266 N N   . GLU A 1 182 ? -15.830 -6.601  2.610   1.00 19.84 ? 177 GLU A N   1 
ATOM   1267 C CA  . GLU A 1 182 ? -16.904 -6.773  1.645   1.00 19.56 ? 177 GLU A CA  1 
ATOM   1268 C C   . GLU A 1 182 ? -18.210 -6.175  2.152   1.00 19.51 ? 177 GLU A C   1 
ATOM   1269 O O   . GLU A 1 182 ? -18.967 -5.587  1.383   1.00 18.11 ? 177 GLU A O   1 
ATOM   1270 C CB  . GLU A 1 182 ? -17.102 -8.261  1.326   1.00 23.62 ? 177 GLU A CB  1 
ATOM   1271 C CG  . GLU A 1 182 ? -15.910 -8.908  0.641   1.00 21.27 ? 177 GLU A CG  1 
ATOM   1272 C CD  . GLU A 1 182 ? -16.124 -10.402 0.452   1.00 33.68 ? 177 GLU A CD  1 
ATOM   1273 O OE1 . GLU A 1 182 ? -16.772 -11.013 1.328   1.00 38.77 ? 177 GLU A OE1 1 
ATOM   1274 O OE2 . GLU A 1 182 ? -15.656 -10.957 -0.561  1.00 36.75 ? 177 GLU A OE2 1 
ATOM   1275 N N   . THR A 1 183 ? -18.487 -6.346  3.446   1.00 18.24 ? 178 THR A N   1 
ATOM   1276 C CA  . THR A 1 183 ? -19.701 -5.769  4.033   1.00 20.05 ? 178 THR A CA  1 
ATOM   1277 C C   . THR A 1 183 ? -19.649 -4.241  3.998   1.00 17.83 ? 178 THR A C   1 
ATOM   1278 O O   . THR A 1 183 ? -20.621 -3.578  3.624   1.00 17.91 ? 178 THR A O   1 
ATOM   1279 C CB  . THR A 1 183 ? -19.940 -6.314  5.466   1.00 23.27 ? 178 THR A CB  1 
ATOM   1280 O OG1 . THR A 1 183 ? -20.001 -7.742  5.405   1.00 23.10 ? 178 THR A OG1 1 
ATOM   1281 C CG2 . THR A 1 183 ? -21.236 -5.773  6.069   1.00 22.34 ? 178 THR A CG2 1 
ATOM   1282 N N   . SER A 1 184 ? -18.509 -3.657  4.361   1.00 16.77 ? 179 SER A N   1 
ATOM   1283 C CA  . SER A 1 184 ? -18.392 -2.211  4.237   1.00 16.00 ? 179 SER A CA  1 
ATOM   1284 C C   . SER A 1 184 ? -18.669 -1.759  2.788   1.00 17.16 ? 179 SER A C   1 
ATOM   1285 O O   . SER A 1 184 ? -19.353 -0.765  2.571   1.00 15.85 ? 179 SER A O   1 
ATOM   1286 C CB  . SER A 1 184 ? -17.010 -1.713  4.703   1.00 14.96 ? 179 SER A CB  1 
ATOM   1287 O OG  . SER A 1 184 ? -16.813 -1.945  6.097   1.00 16.48 ? 179 SER A OG  1 
ATOM   1288 N N   . ALA A 1 185 ? -18.165 -2.495  1.802   1.00 17.53 ? 180 ALA A N   1 
ATOM   1289 C CA  . ALA A 1 185 ? -18.398 -2.133  0.402   1.00 16.28 ? 180 ALA A CA  1 
ATOM   1290 C C   . ALA A 1 185 ? -19.869 -2.170  0.016   1.00 17.61 ? 180 ALA A C   1 
ATOM   1291 O O   . ALA A 1 185 ? -20.356 -1.276  -0.672  1.00 16.08 ? 180 ALA A O   1 
ATOM   1292 C CB  . ALA A 1 185 ? -17.598 -3.042  -0.540  1.00 18.10 ? 180 ALA A CB  1 
ATOM   1293 N N   . ARG A 1 186 ? -20.569 -3.218  0.427   1.00 16.87 ? 181 ARG A N   1 
ATOM   1294 C CA  . ARG A 1 186 ? -21.980 -3.330  0.052   1.00 18.92 ? 181 ARG A CA  1 
ATOM   1295 C C   . ARG A 1 186 ? -22.810 -2.240  0.695   1.00 17.17 ? 181 ARG A C   1 
ATOM   1296 O O   . ARG A 1 186 ? -23.725 -1.702  0.072   1.00 18.11 ? 181 ARG A O   1 
ATOM   1297 C CB  . ARG A 1 186 ? -22.548 -4.710  0.414   1.00 17.96 ? 181 ARG A CB  1 
ATOM   1298 C CG  . ARG A 1 186 ? -21.894 -5.829  -0.383  1.00 21.70 ? 181 ARG A CG  1 
ATOM   1299 C CD  . ARG A 1 186 ? -22.525 -7.200  -0.083  1.00 26.42 ? 181 ARG A CD  1 
ATOM   1300 N NE  . ARG A 1 186 ? -21.479 -8.215  -0.097  1.00 38.56 ? 181 ARG A NE  1 
ATOM   1301 C CZ  . ARG A 1 186 ? -21.125 -8.904  -1.175  1.00 36.24 ? 181 ARG A CZ  1 
ATOM   1302 N NH1 . ARG A 1 186 ? -21.766 -8.713  -2.324  1.00 37.36 ? 181 ARG A NH1 1 
ATOM   1303 N NH2 . ARG A 1 186 ? -20.145 -9.794  -1.101  1.00 31.95 ? 181 ARG A NH2 1 
ATOM   1304 N N   . ILE A 1 187 ? -22.494 -1.907  1.945   1.00 15.88 ? 182 ILE A N   1 
ATOM   1305 C CA  . ILE A 1 187 ? -23.180 -0.800  2.617   1.00 15.86 ? 182 ILE A CA  1 
ATOM   1306 C C   . ILE A 1 187 ? -22.961 0.525   1.875   1.00 17.10 ? 182 ILE A C   1 
ATOM   1307 O O   . ILE A 1 187 ? -23.876 1.304   1.649   1.00 17.58 ? 182 ILE A O   1 
ATOM   1308 C CB  . ILE A 1 187 ? -22.687 -0.655  4.077   1.00 16.28 ? 182 ILE A CB  1 
ATOM   1309 C CG1 . ILE A 1 187 ? -23.105 -1.862  4.926   1.00 18.08 ? 182 ILE A CG1 1 
ATOM   1310 C CG2 . ILE A 1 187 ? -23.219 0.634   4.717   1.00 17.44 ? 182 ILE A CG2 1 
ATOM   1311 C CD1 . ILE A 1 187 ? -22.354 -1.927  6.273   1.00 20.09 ? 182 ILE A CD1 1 
ATOM   1312 N N   . ILE A 1 188 ? -21.714 0.805   1.516   1.00 15.03 ? 183 ILE A N   1 
ATOM   1313 C CA  . ILE A 1 188 ? -21.412 2.071   0.885   1.00 12.21 ? 183 ILE A CA  1 
ATOM   1314 C C   . ILE A 1 188 ? -22.110 2.190   -0.460  1.00 16.12 ? 183 ILE A C   1 
ATOM   1315 O O   . ILE A 1 188 ? -22.669 3.236   -0.782  1.00 19.76 ? 183 ILE A O   1 
ATOM   1316 C CB  . ILE A 1 188 ? -19.894 2.202   0.680   1.00 16.76 ? 183 ILE A CB  1 
ATOM   1317 C CG1 . ILE A 1 188 ? -19.255 2.484   2.033   1.00 16.81 ? 183 ILE A CG1 1 
ATOM   1318 C CG2 . ILE A 1 188 ? -19.606 3.328   -0.294  1.00 16.46 ? 183 ILE A CG2 1 
ATOM   1319 C CD1 . ILE A 1 188 ? -17.704 2.253   2.092   1.00 15.13 ? 183 ILE A CD1 1 
ATOM   1320 N N   . VAL A 1 189 ? -22.071 1.117   -1.243  1.00 17.49 ? 184 VAL A N   1 
ATOM   1321 C CA  . VAL A 1 189 ? -22.674 1.159   -2.574  1.00 20.12 ? 184 VAL A CA  1 
ATOM   1322 C C   . VAL A 1 189 ? -24.178 1.311   -2.450  1.00 20.26 ? 184 VAL A C   1 
ATOM   1323 O O   . VAL A 1 189 ? -24.801 2.054   -3.209  1.00 20.54 ? 184 VAL A O   1 
ATOM   1324 C CB  . VAL A 1 189 ? -22.334 -0.091  -3.406  1.00 21.88 ? 184 VAL A CB  1 
ATOM   1325 C CG1 . VAL A 1 189 ? -23.098 -0.068  -4.724  1.00 25.47 ? 184 VAL A CG1 1 
ATOM   1326 C CG2 . VAL A 1 189 ? -20.844 -0.140  -3.681  1.00 24.36 ? 184 VAL A CG2 1 
ATOM   1327 N N   . ALA A 1 190 ? -24.772 0.616   -1.477  1.00 21.29 ? 185 ALA A N   1 
ATOM   1328 C CA  . ALA A 1 190 ? -26.217 0.751   -1.261  1.00 17.86 ? 185 ALA A CA  1 
ATOM   1329 C C   . ALA A 1 190 ? -26.605 2.173   -0.883  1.00 22.26 ? 185 ALA A C   1 
ATOM   1330 O O   . ALA A 1 190 ? -27.721 2.617   -1.154  1.00 25.21 ? 185 ALA A O   1 
ATOM   1331 C CB  . ALA A 1 190 ? -26.701 -0.245  -0.204  1.00 21.03 ? 185 ALA A CB  1 
ATOM   1332 N N   . GLY A 1 191 ? -25.683 2.917   -0.276  1.00 16.74 ? 186 GLY A N   1 
ATOM   1333 C CA  . GLY A 1 191 ? -25.995 4.272   0.123   1.00 18.50 ? 186 GLY A CA  1 
ATOM   1334 C C   . GLY A 1 191 ? -25.945 5.256   -1.031  1.00 21.14 ? 186 GLY A C   1 
ATOM   1335 O O   . GLY A 1 191 ? -26.268 6.430   -0.860  1.00 20.34 ? 186 GLY A O   1 
ATOM   1336 N N   . LEU A 1 192 ? -25.532 4.775   -2.201  1.00 18.52 ? 187 LEU A N   1 
ATOM   1337 C CA  . LEU A 1 192 ? -25.389 5.624   -3.384  1.00 17.38 ? 187 LEU A CA  1 
ATOM   1338 C C   . LEU A 1 192 ? -26.613 5.518   -4.301  1.00 30.94 ? 187 LEU A C   1 
ATOM   1339 O O   . LEU A 1 192 ? -26.736 6.267   -5.274  1.00 34.69 ? 187 LEU A O   1 
ATOM   1340 C CB  . LEU A 1 192 ? -24.100 5.288   -4.139  1.00 22.21 ? 187 LEU A CB  1 
ATOM   1341 C CG  . LEU A 1 192 ? -22.810 5.674   -3.405  1.00 20.73 ? 187 LEU A CG  1 
ATOM   1342 C CD1 . LEU A 1 192 ? -21.591 5.076   -4.111  1.00 22.07 ? 187 LEU A CD1 1 
ATOM   1343 C CD2 . LEU A 1 192 ? -22.646 7.179   -3.298  1.00 19.38 ? 187 LEU A CD2 1 
ATOM   1344 N N   . ARG A 1 193 ? -27.517 4.600   -3.964  1.00 25.79 ? 188 ARG A N   1 
ATOM   1345 C CA  . ARG A 1 193 ? -28.779 4.432   -4.692  1.00 34.52 ? 188 ARG A CA  1 
ATOM   1346 C C   . ARG A 1 193 ? -29.669 5.676   -4.651  1.00 39.07 ? 188 ARG A C   1 
ATOM   1347 O O   . ARG A 1 193 ? -29.883 6.264   -3.585  1.00 39.04 ? 188 ARG A O   1 
ATOM   1348 C CB  . ARG A 1 193 ? -29.573 3.259   -4.127  1.00 32.67 ? 188 ARG A CB  1 
ATOM   1349 C CG  . ARG A 1 193 ? -28.985 1.888   -4.418  1.00 39.31 ? 188 ARG A CG  1 
ATOM   1350 C CD  . ARG A 1 193 ? -30.118 0.869   -4.515  1.00 46.75 ? 188 ARG A CD  1 
ATOM   1351 N NE  . ARG A 1 193 ? -29.844 -0.388  -3.813  1.00 47.54 ? 188 ARG A NE  1 
ATOM   1352 C CZ  . ARG A 1 193 ? -29.844 -0.532  -2.488  1.00 43.76 ? 188 ARG A CZ  1 
ATOM   1353 N NH1 . ARG A 1 193 ? -30.083 0.513   -1.693  1.00 40.16 ? 188 ARG A NH1 1 
ATOM   1354 N NH2 . ARG A 1 193 ? -29.599 -1.724  -1.950  1.00 49.18 ? 188 ARG A NH2 1 
ATOM   1355 N N   . PRO A 1 194 ? -30.199 6.077   -5.818  1.00 44.53 ? 189 PRO A N   1 
ATOM   1356 C CA  . PRO A 1 194 ? -29.886 5.495   -7.130  1.00 41.81 ? 189 PRO A CA  1 
ATOM   1357 C C   . PRO A 1 194 ? -28.581 6.048   -7.707  1.00 47.28 ? 189 PRO A C   1 
ATOM   1358 O O   . PRO A 1 194 ? -27.745 5.272   -8.186  1.00 51.80 ? 189 PRO A O   1 
ATOM   1359 C CB  . PRO A 1 194 ? -31.071 5.938   -7.995  1.00 45.25 ? 189 PRO A CB  1 
ATOM   1360 C CG  . PRO A 1 194 ? -31.538 7.198   -7.362  1.00 44.76 ? 189 PRO A CG  1 
ATOM   1361 C CD  . PRO A 1 194 ? -31.337 7.013   -5.888  1.00 44.52 ? 189 PRO A CD  1 
HETATM 1362 O O   . HOH B 2 .   ? -12.351 1.515   -12.097 1.00 21.59 ? 201 HOH A O   1 
HETATM 1363 O O   . HOH B 2 .   ? -13.742 2.269   -14.285 1.00 28.44 ? 202 HOH A O   1 
HETATM 1364 O O   . HOH B 2 .   ? -5.630  -10.447 -2.246  1.00 23.38 ? 203 HOH A O   1 
HETATM 1365 O O   . HOH B 2 .   ? -14.654 -2.874  7.268   1.00 21.01 ? 204 HOH A O   1 
HETATM 1366 O O   . HOH B 2 .   ? -10.113 7.684   3.347   1.00 17.87 ? 205 HOH A O   1 
HETATM 1367 O O   . HOH B 2 .   ? -5.210  6.002   -11.306 1.00 30.35 ? 206 HOH A O   1 
HETATM 1368 O O   . HOH B 2 .   ? -9.151  9.081   1.272   1.00 21.86 ? 207 HOH A O   1 
HETATM 1369 O O   . HOH B 2 .   ? 7.379   7.079   11.265  1.00 29.28 ? 208 HOH A O   1 
HETATM 1370 O O   . HOH B 2 .   ? 2.949   -13.082 3.356   1.00 24.68 ? 209 HOH A O   1 
HETATM 1371 O O   . HOH B 2 .   ? -17.190 -8.789  -9.636  1.00 28.27 ? 210 HOH A O   1 
HETATM 1372 O O   . HOH B 2 .   ? 11.276  6.725   0.733   1.00 27.49 ? 211 HOH A O   1 
HETATM 1373 O O   . HOH B 2 .   ? -14.546 7.728   -14.053 1.00 25.68 ? 212 HOH A O   1 
HETATM 1374 O O   . HOH B 2 .   ? -1.596  -8.565  13.480  1.00 34.27 ? 213 HOH A O   1 
HETATM 1375 O O   . HOH B 2 .   ? -1.196  -2.833  12.640  1.00 33.38 ? 214 HOH A O   1 
HETATM 1376 O O   . HOH B 2 .   ? -17.211 -0.222  -15.332 1.00 33.63 ? 215 HOH A O   1 
HETATM 1377 O O   . HOH B 2 .   ? -3.906  -12.042 -0.840  1.00 26.37 ? 216 HOH A O   1 
HETATM 1378 O O   . HOH B 2 .   ? -14.557 6.124   -15.538 1.00 27.88 ? 217 HOH A O   1 
HETATM 1379 O O   . HOH B 2 .   ? -18.835 -2.043  -15.530 1.00 32.50 ? 218 HOH A O   1 
HETATM 1380 O O   . HOH B 2 .   ? 5.321   8.822   -6.563  1.00 29.33 ? 219 HOH A O   1 
HETATM 1381 O O   . HOH B 2 .   ? 10.741  8.029   5.503   1.00 27.47 ? 220 HOH A O   1 
HETATM 1382 O O   . HOH B 2 .   ? -8.451  11.252  -2.783  1.00 32.04 ? 221 HOH A O   1 
HETATM 1383 O O   . HOH B 2 .   ? -7.879  -5.158  -4.637  1.00 26.87 ? 222 HOH A O   1 
HETATM 1384 O O   . HOH B 2 .   ? -16.867 14.472  -1.176  1.00 22.59 ? 223 HOH A O   1 
HETATM 1385 O O   . HOH B 2 .   ? -24.988 -3.735  -7.860  1.00 31.05 ? 224 HOH A O   1 
HETATM 1386 O O   . HOH B 2 .   ? -9.116  3.715   -12.890 1.00 29.82 ? 225 HOH A O   1 
HETATM 1387 O O   . HOH B 2 .   ? -10.817 -8.295  -7.075  1.00 31.02 ? 226 HOH A O   1 
HETATM 1388 O O   . HOH B 2 .   ? -9.630  0.907   -12.623 1.00 30.69 ? 227 HOH A O   1 
HETATM 1389 O O   . HOH B 2 .   ? 3.007   -8.858  9.740   1.00 27.58 ? 228 HOH A O   1 
HETATM 1390 O O   . HOH B 2 .   ? 12.803  12.022  5.981   1.00 34.90 ? 229 HOH A O   1 
HETATM 1391 O O   . HOH B 2 .   ? -18.206 -9.720  -5.215  1.00 26.00 ? 230 HOH A O   1 
HETATM 1392 O O   . HOH B 2 .   ? -24.998 -2.678  -2.198  1.00 29.14 ? 231 HOH A O   1 
HETATM 1393 O O   . HOH B 2 .   ? -1.054  11.725  -5.391  1.00 36.78 ? 232 HOH A O   1 
HETATM 1394 O O   . HOH B 2 .   ? 7.150   -10.174 6.137   1.00 37.84 ? 233 HOH A O   1 
HETATM 1395 O O   . HOH B 2 .   ? -17.166 11.338  -15.319 1.00 30.19 ? 234 HOH A O   1 
HETATM 1396 O O   . HOH B 2 .   ? -20.577 -9.431  -11.462 1.00 32.89 ? 235 HOH A O   1 
HETATM 1397 O O   . HOH B 2 .   ? 10.438  7.166   -1.539  1.00 26.30 ? 236 HOH A O   1 
HETATM 1398 O O   . HOH B 2 .   ? 22.738  12.116  -1.993  1.00 35.13 ? 237 HOH A O   1 
HETATM 1399 O O   . HOH B 2 .   ? -12.930 9.663   -10.894 1.00 31.18 ? 238 HOH A O   1 
HETATM 1400 O O   . HOH B 2 .   ? 4.359   13.136  6.765   1.00 36.07 ? 239 HOH A O   1 
HETATM 1401 O O   . HOH B 2 .   ? -25.769 13.823  -1.155  1.00 28.67 ? 240 HOH A O   1 
HETATM 1402 O O   . HOH B 2 .   ? 5.509   -2.859  14.810  1.00 37.80 ? 241 HOH A O   1 
HETATM 1403 O O   . HOH B 2 .   ? -8.887  -6.477  -7.112  1.00 32.56 ? 242 HOH A O   1 
HETATM 1404 O O   . HOH B 2 .   ? -24.266 -7.994  -5.919  1.00 33.85 ? 243 HOH A O   1 
HETATM 1405 O O   . HOH B 2 .   ? -12.090 -9.238  11.837  1.00 32.34 ? 244 HOH A O   1 
HETATM 1406 O O   . HOH B 2 .   ? -3.700  -2.993  18.125  1.00 35.36 ? 245 HOH A O   1 
HETATM 1407 O O   . HOH B 2 .   ? -24.313 -2.273  -11.382 1.00 29.28 ? 246 HOH A O   1 
HETATM 1408 O O   . HOH B 2 .   ? 11.737  10.196  4.286   1.00 29.94 ? 247 HOH A O   1 
HETATM 1409 O O   . HOH B 2 .   ? -6.336  10.341  -4.405  1.00 34.46 ? 248 HOH A O   1 
HETATM 1410 O O   . HOH B 2 .   ? 9.079   13.767  -3.415  1.00 39.02 ? 249 HOH A O   1 
HETATM 1411 O O   . HOH B 2 .   ? -21.420 -8.757  -15.991 1.00 40.96 ? 250 HOH A O   1 
HETATM 1412 O O   . HOH B 2 .   ? -24.804 -9.515  -13.164 1.00 40.80 ? 251 HOH A O   1 
HETATM 1413 O O   . HOH B 2 .   ? -19.910 10.081  -14.196 1.00 34.80 ? 252 HOH A O   1 
HETATM 1414 O O   . HOH B 2 .   ? 7.044   14.437  -3.132  1.00 33.97 ? 253 HOH A O   1 
HETATM 1415 O O   . HOH B 2 .   ? -12.426 1.868   -18.085 1.00 37.37 ? 254 HOH A O   1 
HETATM 1416 O O   . HOH B 2 .   ? -20.082 16.560  -7.340  1.00 35.35 ? 255 HOH A O   1 
HETATM 1417 O O   . HOH B 2 .   ? -20.317 11.140  -12.202 1.00 35.43 ? 256 HOH A O   1 
HETATM 1418 O O   . HOH B 2 .   ? -21.459 9.519   -15.660 1.00 31.40 ? 257 HOH A O   1 
HETATM 1419 O O   . HOH B 2 .   ? 18.844  -16.365 6.295   1.00 59.11 ? 258 HOH A O   1 
HETATM 1420 O O   . HOH B 2 .   ? 30.847  2.431   3.672   1.00 38.20 ? 259 HOH A O   1 
HETATM 1421 O O   . HOH B 2 .   ? 0.845   12.893  -3.408  1.00 37.52 ? 260 HOH A O   1 
HETATM 1422 O O   . HOH B 2 .   ? 8.140   2.350   13.025  1.00 35.83 ? 261 HOH A O   1 
HETATM 1423 O O   . HOH B 2 .   ? 0.712   -1.783  14.103  1.00 39.37 ? 262 HOH A O   1 
HETATM 1424 O O   . HOH B 2 .   ? 1.952   14.987  2.216   1.00 40.83 ? 263 HOH A O   1 
HETATM 1425 O O   . HOH B 2 .   ? -3.962  -9.720  -4.220  1.00 37.83 ? 264 HOH A O   1 
HETATM 1426 O O   . HOH B 2 .   ? 5.049   13.162  -4.919  1.00 37.90 ? 265 HOH A O   1 
HETATM 1427 O O   . HOH B 2 .   ? 1.951   -8.408  -0.986  1.00 42.19 ? 266 HOH A O   1 
HETATM 1428 O O   . HOH B 2 .   ? -20.509 -0.111  -15.901 1.00 32.53 ? 267 HOH A O   1 
HETATM 1429 O O   . HOH B 2 .   ? -26.452 5.085   -10.287 1.00 39.48 ? 268 HOH A O   1 
HETATM 1430 O O   . HOH B 2 .   ? -0.149  -9.692  0.425   1.00 30.91 ? 269 HOH A O   1 
HETATM 1431 O O   . HOH B 2 .   ? 6.334   0.247   -14.373 1.00 53.59 ? 270 HOH A O   1 
HETATM 1432 O O   . HOH B 2 .   ? 1.288   8.676   2.002   1.00 32.96 ? 271 HOH A O   1 
HETATM 1433 O O   . HOH B 2 .   ? -13.827 -7.403  -14.916 1.00 41.61 ? 272 HOH A O   1 
HETATM 1434 O O   . HOH B 2 .   ? -25.470 8.960   -5.434  1.00 40.95 ? 273 HOH A O   1 
HETATM 1435 O O   . HOH B 2 .   ? -8.256  4.052   14.098  1.00 33.03 ? 274 HOH A O   1 
HETATM 1436 O O   . HOH B 2 .   ? 0.889   -4.023  14.136  1.00 40.56 ? 275 HOH A O   1 
HETATM 1437 O O   . HOH B 2 .   ? 9.781   1.288   14.118  1.00 41.57 ? 276 HOH A O   1 
HETATM 1438 O O   . HOH B 2 .   ? -20.049 15.156  -10.702 1.00 37.37 ? 277 HOH A O   1 
HETATM 1439 O O   . HOH B 2 .   ? -7.081  -12.442 -3.318  1.00 32.11 ? 278 HOH A O   1 
HETATM 1440 O O   . HOH B 2 .   ? -24.668 10.769  -7.177  1.00 38.50 ? 279 HOH A O   1 
HETATM 1441 O O   . HOH B 2 .   ? -14.780 12.056  -7.698  1.00 31.88 ? 280 HOH A O   1 
HETATM 1442 O O   . HOH B 2 .   ? -6.378  3.720   -10.954 1.00 33.60 ? 281 HOH A O   1 
HETATM 1443 O O   . HOH B 2 .   ? -22.627 -1.732  -13.331 1.00 32.93 ? 282 HOH A O   1 
HETATM 1444 O O   . HOH B 2 .   ? -5.293  -0.070  -8.414  1.00 38.71 ? 283 HOH A O   1 
HETATM 1445 O O   . HOH B 2 .   ? -4.478  -12.879 7.734   1.00 36.36 ? 284 HOH A O   1 
HETATM 1446 O O   . HOH B 2 .   ? -18.338 16.441  -0.012  1.00 35.49 ? 285 HOH A O   1 
HETATM 1447 O O   . HOH B 2 .   ? -12.686 3.764   -16.168 1.00 29.59 ? 286 HOH A O   1 
HETATM 1448 O O   . HOH B 2 .   ? -1.650  -9.863  -3.912  1.00 42.68 ? 287 HOH A O   1 
HETATM 1449 O O   . HOH B 2 .   ? -1.124  7.835   1.328   1.00 31.84 ? 288 HOH A O   1 
HETATM 1450 O O   . HOH B 2 .   ? -14.666 15.878  -2.666  1.00 33.86 ? 289 HOH A O   1 
HETATM 1451 O O   . HOH B 2 .   ? -7.402  -0.991  -7.493  1.00 37.45 ? 290 HOH A O   1 
HETATM 1452 O O   . HOH B 2 .   ? 21.539  14.094  -0.542  1.00 41.05 ? 291 HOH A O   1 
HETATM 1453 O O   . HOH B 2 .   ? -5.587  -4.330  19.476  1.00 40.31 ? 292 HOH A O   1 
HETATM 1454 O O   . HOH B 2 .   ? -10.752 4.595   -15.615 1.00 35.62 ? 293 HOH A O   1 
HETATM 1455 O O   . HOH B 2 .   ? -7.932  -0.389  -11.642 1.00 41.06 ? 294 HOH A O   1 
HETATM 1456 O O   . HOH B 2 .   ? 5.742   11.370  -7.049  1.00 40.89 ? 295 HOH A O   1 
HETATM 1457 O O   . HOH B 2 .   ? 18.273  -6.315  -7.563  1.00 44.78 ? 296 HOH A O   1 
HETATM 1458 O O   . HOH B 2 .   ? 19.076  -8.345  -5.355  1.00 43.90 ? 297 HOH A O   1 
HETATM 1459 O O   . HOH B 2 .   ? 8.345   12.218  -6.432  1.00 38.69 ? 298 HOH A O   1 
HETATM 1460 O O   . HOH B 2 .   ? -9.188  -7.671  14.715  1.00 40.70 ? 299 HOH A O   1 
HETATM 1461 O O   . HOH B 2 .   ? -4.815  9.181   -1.104  1.00 37.25 ? 300 HOH A O   1 
HETATM 1462 O O   . HOH B 2 .   ? 8.259   16.979  6.640   1.00 42.07 ? 301 HOH A O   1 
HETATM 1463 O O   . HOH B 2 .   ? 12.556  8.823   1.812   1.00 39.42 ? 302 HOH A O   1 
HETATM 1464 O O   . HOH B 2 .   ? 0.639   -9.562  13.094  1.00 42.79 ? 303 HOH A O   1 
HETATM 1465 O O   . HOH B 2 .   ? -26.215 -3.669  -14.361 1.00 41.49 ? 304 HOH A O   1 
HETATM 1466 O O   . HOH B 2 .   ? -15.652 -10.845 9.981   1.00 34.57 ? 305 HOH A O   1 
HETATM 1467 O O   . HOH B 2 .   ? -27.180 15.045  0.204   1.00 40.58 ? 306 HOH A O   1 
HETATM 1468 O O   . HOH B 2 .   ? -24.368 -10.710 -10.963 1.00 44.89 ? 307 HOH A O   1 
# 
